data_1ECD
# 
_entry.id   1ECD 
# 
_audit_conform.dict_name       mmcif_pdbx.dic 
_audit_conform.dict_version    5.385 
_audit_conform.dict_location   http://mmcif.pdb.org/dictionaries/ascii/mmcif_pdbx.dic 
# 
loop_
_database_2.database_id 
_database_2.database_code 
_database_2.pdbx_database_accession 
_database_2.pdbx_DOI 
PDB   1ECD         pdb_00001ecd 10.2210/pdb1ecd/pdb 
WWPDB D_1000173003 ?            ?                   
# 
loop_
_pdbx_audit_revision_history.ordinal 
_pdbx_audit_revision_history.data_content_type 
_pdbx_audit_revision_history.major_revision 
_pdbx_audit_revision_history.minor_revision 
_pdbx_audit_revision_history.revision_date 
1 'Structure model' 1 0 1979-07-05 
2 'Structure model' 1 1 2008-03-24 
3 'Structure model' 1 2 2011-07-13 
4 'Structure model' 1 3 2024-02-07 
# 
_pdbx_audit_revision_details.ordinal             1 
_pdbx_audit_revision_details.revision_ordinal    1 
_pdbx_audit_revision_details.data_content_type   'Structure model' 
_pdbx_audit_revision_details.provider            repository 
_pdbx_audit_revision_details.type                'Initial release' 
_pdbx_audit_revision_details.description         ? 
_pdbx_audit_revision_details.details             ? 
# 
loop_
_pdbx_audit_revision_group.ordinal 
_pdbx_audit_revision_group.revision_ordinal 
_pdbx_audit_revision_group.data_content_type 
_pdbx_audit_revision_group.group 
1 2 'Structure model' 'Version format compliance' 
2 3 'Structure model' 'Version format compliance' 
3 4 'Structure model' 'Data collection'           
4 4 'Structure model' 'Database references'       
5 4 'Structure model' 'Derived calculations'      
6 4 'Structure model' Other                       
# 
loop_
_pdbx_audit_revision_category.ordinal 
_pdbx_audit_revision_category.revision_ordinal 
_pdbx_audit_revision_category.data_content_type 
_pdbx_audit_revision_category.category 
1 4 'Structure model' chem_comp_atom         
2 4 'Structure model' chem_comp_bond         
3 4 'Structure model' database_2             
4 4 'Structure model' pdbx_database_status   
5 4 'Structure model' pdbx_struct_conn_angle 
6 4 'Structure model' struct_conn            
7 4 'Structure model' struct_site            
# 
loop_
_pdbx_audit_revision_item.ordinal 
_pdbx_audit_revision_item.revision_ordinal 
_pdbx_audit_revision_item.data_content_type 
_pdbx_audit_revision_item.item 
1  4 'Structure model' '_database_2.pdbx_DOI'                        
2  4 'Structure model' '_database_2.pdbx_database_accession'         
3  4 'Structure model' '_pdbx_database_status.process_site'          
4  4 'Structure model' '_pdbx_struct_conn_angle.ptnr1_auth_comp_id'  
5  4 'Structure model' '_pdbx_struct_conn_angle.ptnr1_auth_seq_id'   
6  4 'Structure model' '_pdbx_struct_conn_angle.ptnr1_label_asym_id' 
7  4 'Structure model' '_pdbx_struct_conn_angle.ptnr1_label_atom_id' 
8  4 'Structure model' '_pdbx_struct_conn_angle.ptnr1_label_comp_id' 
9  4 'Structure model' '_pdbx_struct_conn_angle.ptnr1_label_seq_id'  
10 4 'Structure model' '_pdbx_struct_conn_angle.ptnr3_auth_comp_id'  
11 4 'Structure model' '_pdbx_struct_conn_angle.ptnr3_auth_seq_id'   
12 4 'Structure model' '_pdbx_struct_conn_angle.ptnr3_label_asym_id' 
13 4 'Structure model' '_pdbx_struct_conn_angle.ptnr3_label_atom_id' 
14 4 'Structure model' '_pdbx_struct_conn_angle.ptnr3_label_comp_id' 
15 4 'Structure model' '_pdbx_struct_conn_angle.ptnr3_label_seq_id'  
16 4 'Structure model' '_pdbx_struct_conn_angle.value'               
17 4 'Structure model' '_struct_conn.pdbx_dist_value'                
18 4 'Structure model' '_struct_conn.ptnr1_auth_comp_id'             
19 4 'Structure model' '_struct_conn.ptnr1_auth_seq_id'              
20 4 'Structure model' '_struct_conn.ptnr1_label_asym_id'            
21 4 'Structure model' '_struct_conn.ptnr1_label_atom_id'            
22 4 'Structure model' '_struct_conn.ptnr1_label_comp_id'            
23 4 'Structure model' '_struct_conn.ptnr1_label_seq_id'             
24 4 'Structure model' '_struct_conn.ptnr2_auth_comp_id'             
25 4 'Structure model' '_struct_conn.ptnr2_auth_seq_id'              
26 4 'Structure model' '_struct_conn.ptnr2_label_asym_id'            
27 4 'Structure model' '_struct_conn.ptnr2_label_atom_id'            
28 4 'Structure model' '_struct_conn.ptnr2_label_comp_id'            
29 4 'Structure model' '_struct_conn.ptnr2_label_seq_id'             
30 4 'Structure model' '_struct_site.pdbx_auth_asym_id'              
31 4 'Structure model' '_struct_site.pdbx_auth_comp_id'              
32 4 'Structure model' '_struct_site.pdbx_auth_seq_id'               
# 
_pdbx_database_status.status_code                     REL 
_pdbx_database_status.entry_id                        1ECD 
_pdbx_database_status.recvd_initial_deposition_date   1979-03-07 
_pdbx_database_status.deposit_site                    ? 
_pdbx_database_status.process_site                    BNL 
_pdbx_database_status.SG_entry                        . 
_pdbx_database_status.pdb_format_compatible           Y 
_pdbx_database_status.status_code_mr                  ? 
_pdbx_database_status.status_code_sf                  ? 
_pdbx_database_status.status_code_cs                  ? 
_pdbx_database_status.status_code_nmr_data            ? 
_pdbx_database_status.methods_development_category    ? 
# 
loop_
_audit_author.name 
_audit_author.pdbx_ordinal 
'Steigemann, W.' 1 
'Weber, E.'      2 
# 
loop_
_citation.id 
_citation.title 
_citation.journal_abbrev 
_citation.journal_volume 
_citation.page_first 
_citation.page_last 
_citation.year 
_citation.journal_id_ASTM 
_citation.country 
_citation.journal_id_ISSN 
_citation.journal_id_CSD 
_citation.book_publisher 
_citation.pdbx_database_id_PubMed 
_citation.pdbx_database_id_DOI 
primary 'Structure of erythrocruorin in different ligand states refined at 1.4 A resolution.'                            
J.Mol.Biol.    127 309 338 1979 JMOBAK UK 0022-2836 0070 ? 430568 '10.1016/0022-2836(79)90332-2' 
1       'The Structure of Oxy-Erythrocruorin at 1.4 Angstroms Resolution'                                                
J.Mol.Biol.    120 327 ?   1978 JMOBAK UK 0022-2836 0070 ? ?      ?                              
2       'The Atomic Structure of Erythrocruorin in the Light of the Chemical Sequence and its Comparison with Myoglobin' 
Eur.J.Biochem. 19  42  ?   1971 EJBCAI IX 0014-2956 0262 ? ?      ?                              
3       'Structures of Deoxy-and Carbomonoxy-Erythrocruorin'                                                             
J.Mol.Biol.    52  349 ?   1970 JMOBAK UK 0022-2836 0070 ? ?      ?                              
# 
loop_
_citation_author.citation_id 
_citation_author.name 
_citation_author.ordinal 
_citation_author.identifier_ORCID 
primary 'Steigemann, W.' 1  ? 
primary 'Weber, E.'      2  ? 
1       'Weber, E.'      3  ? 
1       'Steigemann, W.' 4  ? 
1       'Jones, T.A.'    5  ? 
1       'Huber, R.'      6  ? 
2       'Huber, R.'      7  ? 
2       'Epp, O.'        8  ? 
2       'Steigemann, W.' 9  ? 
2       'Formanek, H.'   10 ? 
3       'Huber, R.'      11 ? 
3       'Epp, O.'        12 ? 
3       'Formanek, H.'   13 ? 
# 
loop_
_entity.id 
_entity.type 
_entity.src_method 
_entity.pdbx_description 
_entity.formula_weight 
_entity.pdbx_number_of_molecules 
_entity.pdbx_ec 
_entity.pdbx_mutation 
_entity.pdbx_fragment 
_entity.details 
1 polymer     man 'ERYTHROCRUORIN (AQUO MET)'       14800.792 1  ? ? ? ? 
2 non-polymer syn 'PROTOPORPHYRIN IX CONTAINING FE' 616.487   1  ? ? ? ? 
3 water       nat water                             18.015    95 ? ? ? ? 
# 
_entity_poly.entity_id                      1 
_entity_poly.type                           'polypeptide(L)' 
_entity_poly.nstd_linkage                   no 
_entity_poly.nstd_monomer                   no 
_entity_poly.pdbx_seq_one_letter_code       
;LSADQISTVQASFDKVKGDPVGILYAVFKADPSIMAKFTQFAGKDLESIKGTAPFETHANRIVGFFSKIIGELPNIEADV
NTFVASHKPRGVTHDQLNNFRAGFVSYMKAHTDFAGAEAAWGATLDTFFGMIFSKM
;
_entity_poly.pdbx_seq_one_letter_code_can   
;LSADQISTVQASFDKVKGDPVGILYAVFKADPSIMAKFTQFAGKDLESIKGTAPFETHANRIVGFFSKIIGELPNIEADV
NTFVASHKPRGVTHDQLNNFRAGFVSYMKAHTDFAGAEAAWGATLDTFFGMIFSKM
;
_entity_poly.pdbx_strand_id                 A 
_entity_poly.pdbx_target_identifier         ? 
# 
loop_
_pdbx_entity_nonpoly.entity_id 
_pdbx_entity_nonpoly.name 
_pdbx_entity_nonpoly.comp_id 
2 'PROTOPORPHYRIN IX CONTAINING FE' HEM 
3 water                             HOH 
# 
loop_
_entity_poly_seq.entity_id 
_entity_poly_seq.num 
_entity_poly_seq.mon_id 
_entity_poly_seq.hetero 
1 1   LEU n 
1 2   SER n 
1 3   ALA n 
1 4   ASP n 
1 5   GLN n 
1 6   ILE n 
1 7   SER n 
1 8   THR n 
1 9   VAL n 
1 10  GLN n 
1 11  ALA n 
1 12  SER n 
1 13  PHE n 
1 14  ASP n 
1 15  LYS n 
1 16  VAL n 
1 17  LYS n 
1 18  GLY n 
1 19  ASP n 
1 20  PRO n 
1 21  VAL n 
1 22  GLY n 
1 23  ILE n 
1 24  LEU n 
1 25  TYR n 
1 26  ALA n 
1 27  VAL n 
1 28  PHE n 
1 29  LYS n 
1 30  ALA n 
1 31  ASP n 
1 32  PRO n 
1 33  SER n 
1 34  ILE n 
1 35  MET n 
1 36  ALA n 
1 37  LYS n 
1 38  PHE n 
1 39  THR n 
1 40  GLN n 
1 41  PHE n 
1 42  ALA n 
1 43  GLY n 
1 44  LYS n 
1 45  ASP n 
1 46  LEU n 
1 47  GLU n 
1 48  SER n 
1 49  ILE n 
1 50  LYS n 
1 51  GLY n 
1 52  THR n 
1 53  ALA n 
1 54  PRO n 
1 55  PHE n 
1 56  GLU n 
1 57  THR n 
1 58  HIS n 
1 59  ALA n 
1 60  ASN n 
1 61  ARG n 
1 62  ILE n 
1 63  VAL n 
1 64  GLY n 
1 65  PHE n 
1 66  PHE n 
1 67  SER n 
1 68  LYS n 
1 69  ILE n 
1 70  ILE n 
1 71  GLY n 
1 72  GLU n 
1 73  LEU n 
1 74  PRO n 
1 75  ASN n 
1 76  ILE n 
1 77  GLU n 
1 78  ALA n 
1 79  ASP n 
1 80  VAL n 
1 81  ASN n 
1 82  THR n 
1 83  PHE n 
1 84  VAL n 
1 85  ALA n 
1 86  SER n 
1 87  HIS n 
1 88  LYS n 
1 89  PRO n 
1 90  ARG n 
1 91  GLY n 
1 92  VAL n 
1 93  THR n 
1 94  HIS n 
1 95  ASP n 
1 96  GLN n 
1 97  LEU n 
1 98  ASN n 
1 99  ASN n 
1 100 PHE n 
1 101 ARG n 
1 102 ALA n 
1 103 GLY n 
1 104 PHE n 
1 105 VAL n 
1 106 SER n 
1 107 TYR n 
1 108 MET n 
1 109 LYS n 
1 110 ALA n 
1 111 HIS n 
1 112 THR n 
1 113 ASP n 
1 114 PHE n 
1 115 ALA n 
1 116 GLY n 
1 117 ALA n 
1 118 GLU n 
1 119 ALA n 
1 120 ALA n 
1 121 TRP n 
1 122 GLY n 
1 123 ALA n 
1 124 THR n 
1 125 LEU n 
1 126 ASP n 
1 127 THR n 
1 128 PHE n 
1 129 PHE n 
1 130 GLY n 
1 131 MET n 
1 132 ILE n 
1 133 PHE n 
1 134 SER n 
1 135 LYS n 
1 136 MET n 
# 
_entity_src_gen.entity_id                          1 
_entity_src_gen.pdbx_src_id                        1 
_entity_src_gen.pdbx_alt_source_flag               sample 
_entity_src_gen.pdbx_seq_type                      ? 
_entity_src_gen.pdbx_beg_seq_num                   ? 
_entity_src_gen.pdbx_end_seq_num                   ? 
_entity_src_gen.gene_src_common_name               ? 
_entity_src_gen.gene_src_genus                     Chironomus 
_entity_src_gen.pdbx_gene_src_gene                 ? 
_entity_src_gen.gene_src_species                   'Chironomus thummi' 
_entity_src_gen.gene_src_strain                    thummi 
_entity_src_gen.gene_src_tissue                    ? 
_entity_src_gen.gene_src_tissue_fraction           ? 
_entity_src_gen.gene_src_details                   ? 
_entity_src_gen.pdbx_gene_src_fragment             ? 
_entity_src_gen.pdbx_gene_src_scientific_name      'Chironomus thummi thummi' 
_entity_src_gen.pdbx_gene_src_ncbi_taxonomy_id     7155 
_entity_src_gen.pdbx_gene_src_variant              ? 
_entity_src_gen.pdbx_gene_src_cell_line            ? 
_entity_src_gen.pdbx_gene_src_atcc                 ? 
_entity_src_gen.pdbx_gene_src_organ                ? 
_entity_src_gen.pdbx_gene_src_organelle            ? 
_entity_src_gen.pdbx_gene_src_cell                 ? 
_entity_src_gen.pdbx_gene_src_cellular_location    ? 
_entity_src_gen.host_org_common_name               ? 
_entity_src_gen.pdbx_host_org_scientific_name      ? 
_entity_src_gen.pdbx_host_org_ncbi_taxonomy_id     ? 
_entity_src_gen.host_org_genus                     ? 
_entity_src_gen.pdbx_host_org_gene                 ? 
_entity_src_gen.pdbx_host_org_organ                ? 
_entity_src_gen.host_org_species                   ? 
_entity_src_gen.pdbx_host_org_tissue               ? 
_entity_src_gen.pdbx_host_org_tissue_fraction      ? 
_entity_src_gen.pdbx_host_org_strain               ? 
_entity_src_gen.pdbx_host_org_variant              ? 
_entity_src_gen.pdbx_host_org_cell_line            ? 
_entity_src_gen.pdbx_host_org_atcc                 ? 
_entity_src_gen.pdbx_host_org_culture_collection   ? 
_entity_src_gen.pdbx_host_org_cell                 ? 
_entity_src_gen.pdbx_host_org_organelle            ? 
_entity_src_gen.pdbx_host_org_cellular_location    ? 
_entity_src_gen.pdbx_host_org_vector_type          ? 
_entity_src_gen.pdbx_host_org_vector               ? 
_entity_src_gen.host_org_details                   ? 
_entity_src_gen.expression_system_id               ? 
_entity_src_gen.plasmid_name                       ? 
_entity_src_gen.plasmid_details                    ? 
_entity_src_gen.pdbx_description                   ? 
# 
loop_
_chem_comp.id 
_chem_comp.type 
_chem_comp.mon_nstd_flag 
_chem_comp.name 
_chem_comp.pdbx_synonyms 
_chem_comp.formula 
_chem_comp.formula_weight 
ALA 'L-peptide linking' y ALANINE                           ?    'C3 H7 N O2'       89.093  
ARG 'L-peptide linking' y ARGININE                          ?    'C6 H15 N4 O2 1'   175.209 
ASN 'L-peptide linking' y ASPARAGINE                        ?    'C4 H8 N2 O3'      132.118 
ASP 'L-peptide linking' y 'ASPARTIC ACID'                   ?    'C4 H7 N O4'       133.103 
GLN 'L-peptide linking' y GLUTAMINE                         ?    'C5 H10 N2 O3'     146.144 
GLU 'L-peptide linking' y 'GLUTAMIC ACID'                   ?    'C5 H9 N O4'       147.129 
GLY 'peptide linking'   y GLYCINE                           ?    'C2 H5 N O2'       75.067  
HEM non-polymer         . 'PROTOPORPHYRIN IX CONTAINING FE' HEME 'C34 H32 Fe N4 O4' 616.487 
HIS 'L-peptide linking' y HISTIDINE                         ?    'C6 H10 N3 O2 1'   156.162 
HOH non-polymer         . WATER                             ?    'H2 O'             18.015  
ILE 'L-peptide linking' y ISOLEUCINE                        ?    'C6 H13 N O2'      131.173 
LEU 'L-peptide linking' y LEUCINE                           ?    'C6 H13 N O2'      131.173 
LYS 'L-peptide linking' y LYSINE                            ?    'C6 H15 N2 O2 1'   147.195 
MET 'L-peptide linking' y METHIONINE                        ?    'C5 H11 N O2 S'    149.211 
PHE 'L-peptide linking' y PHENYLALANINE                     ?    'C9 H11 N O2'      165.189 
PRO 'L-peptide linking' y PROLINE                           ?    'C5 H9 N O2'       115.130 
SER 'L-peptide linking' y SERINE                            ?    'C3 H7 N O3'       105.093 
THR 'L-peptide linking' y THREONINE                         ?    'C4 H9 N O3'       119.119 
TRP 'L-peptide linking' y TRYPTOPHAN                        ?    'C11 H12 N2 O2'    204.225 
TYR 'L-peptide linking' y TYROSINE                          ?    'C9 H11 N O3'      181.189 
VAL 'L-peptide linking' y VALINE                            ?    'C5 H11 N O2'      117.146 
# 
loop_
_pdbx_poly_seq_scheme.asym_id 
_pdbx_poly_seq_scheme.entity_id 
_pdbx_poly_seq_scheme.seq_id 
_pdbx_poly_seq_scheme.mon_id 
_pdbx_poly_seq_scheme.ndb_seq_num 
_pdbx_poly_seq_scheme.pdb_seq_num 
_pdbx_poly_seq_scheme.auth_seq_num 
_pdbx_poly_seq_scheme.pdb_mon_id 
_pdbx_poly_seq_scheme.auth_mon_id 
_pdbx_poly_seq_scheme.pdb_strand_id 
_pdbx_poly_seq_scheme.pdb_ins_code 
_pdbx_poly_seq_scheme.hetero 
A 1 1   LEU 1   1   1   LEU LEU A . n 
A 1 2   SER 2   2   2   SER SER A . n 
A 1 3   ALA 3   3   3   ALA ALA A . n 
A 1 4   ASP 4   4   4   ASP ASP A . n 
A 1 5   GLN 5   5   5   GLN GLN A . n 
A 1 6   ILE 6   6   6   ILE ILE A . n 
A 1 7   SER 7   7   7   SER SER A . n 
A 1 8   THR 8   8   8   THR THR A . n 
A 1 9   VAL 9   9   9   VAL VAL A . n 
A 1 10  GLN 10  10  10  GLN GLN A . n 
A 1 11  ALA 11  11  11  ALA ALA A . n 
A 1 12  SER 12  12  12  SER SER A . n 
A 1 13  PHE 13  13  13  PHE PHE A . n 
A 1 14  ASP 14  14  14  ASP ASP A . n 
A 1 15  LYS 15  15  15  LYS LYS A . n 
A 1 16  VAL 16  16  16  VAL VAL A . n 
A 1 17  LYS 17  17  17  LYS LYS A . n 
A 1 18  GLY 18  18  18  GLY GLY A . n 
A 1 19  ASP 19  19  19  ASP ASP A . n 
A 1 20  PRO 20  20  20  PRO PRO A . n 
A 1 21  VAL 21  21  21  VAL VAL A . n 
A 1 22  GLY 22  22  22  GLY GLY A . n 
A 1 23  ILE 23  23  23  ILE ILE A . n 
A 1 24  LEU 24  24  24  LEU LEU A . n 
A 1 25  TYR 25  25  25  TYR TYR A . n 
A 1 26  ALA 26  26  26  ALA ALA A . n 
A 1 27  VAL 27  27  27  VAL VAL A . n 
A 1 28  PHE 28  28  28  PHE PHE A . n 
A 1 29  LYS 29  29  29  LYS LYS A . n 
A 1 30  ALA 30  30  30  ALA ALA A . n 
A 1 31  ASP 31  31  31  ASP ASP A . n 
A 1 32  PRO 32  32  32  PRO PRO A . n 
A 1 33  SER 33  33  33  SER SER A . n 
A 1 34  ILE 34  34  34  ILE ILE A . n 
A 1 35  MET 35  35  35  MET MET A . n 
A 1 36  ALA 36  36  36  ALA ALA A . n 
A 1 37  LYS 37  37  37  LYS LYS A . n 
A 1 38  PHE 38  38  38  PHE PHE A . n 
A 1 39  THR 39  39  39  THR THR A . n 
A 1 40  GLN 40  40  40  GLN GLN A . n 
A 1 41  PHE 41  41  41  PHE PHE A . n 
A 1 42  ALA 42  42  42  ALA ALA A . n 
A 1 43  GLY 43  43  43  GLY GLY A . n 
A 1 44  LYS 44  44  44  LYS LYS A . n 
A 1 45  ASP 45  45  45  ASP ASP A . n 
A 1 46  LEU 46  46  46  LEU LEU A . n 
A 1 47  GLU 47  47  47  GLU GLU A . n 
A 1 48  SER 48  48  48  SER SER A . n 
A 1 49  ILE 49  49  49  ILE ILE A . n 
A 1 50  LYS 50  50  50  LYS LYS A . n 
A 1 51  GLY 51  51  51  GLY GLY A . n 
A 1 52  THR 52  52  52  THR THR A . n 
A 1 53  ALA 53  53  53  ALA ALA A . n 
A 1 54  PRO 54  54  54  PRO PRO A . n 
A 1 55  PHE 55  55  55  PHE PHE A . n 
A 1 56  GLU 56  56  56  GLU GLU A . n 
A 1 57  THR 57  57  57  THR THR A . n 
A 1 58  HIS 58  58  58  HIS HIS A . n 
A 1 59  ALA 59  59  59  ALA ALA A . n 
A 1 60  ASN 60  60  60  ASN ASN A . n 
A 1 61  ARG 61  61  61  ARG ARG A . n 
A 1 62  ILE 62  62  62  ILE ILE A . n 
A 1 63  VAL 63  63  63  VAL VAL A . n 
A 1 64  GLY 64  64  64  GLY GLY A . n 
A 1 65  PHE 65  65  65  PHE PHE A . n 
A 1 66  PHE 66  66  66  PHE PHE A . n 
A 1 67  SER 67  67  67  SER SER A . n 
A 1 68  LYS 68  68  68  LYS LYS A . n 
A 1 69  ILE 69  69  69  ILE ILE A . n 
A 1 70  ILE 70  70  70  ILE ILE A . n 
A 1 71  GLY 71  71  71  GLY GLY A . n 
A 1 72  GLU 72  72  72  GLU GLU A . n 
A 1 73  LEU 73  73  73  LEU LEU A . n 
A 1 74  PRO 74  74  74  PRO PRO A . n 
A 1 75  ASN 75  75  75  ASN ASN A . n 
A 1 76  ILE 76  76  76  ILE ILE A . n 
A 1 77  GLU 77  77  77  GLU GLU A . n 
A 1 78  ALA 78  78  78  ALA ALA A . n 
A 1 79  ASP 79  79  79  ASP ASP A . n 
A 1 80  VAL 80  80  80  VAL VAL A . n 
A 1 81  ASN 81  81  81  ASN ASN A . n 
A 1 82  THR 82  82  82  THR THR A . n 
A 1 83  PHE 83  83  83  PHE PHE A . n 
A 1 84  VAL 84  84  84  VAL VAL A . n 
A 1 85  ALA 85  85  85  ALA ALA A . n 
A 1 86  SER 86  86  86  SER SER A . n 
A 1 87  HIS 87  87  87  HIS HIS A . n 
A 1 88  LYS 88  88  88  LYS LYS A . n 
A 1 89  PRO 89  89  89  PRO PRO A . n 
A 1 90  ARG 90  90  90  ARG ARG A . n 
A 1 91  GLY 91  91  91  GLY GLY A . n 
A 1 92  VAL 92  92  92  VAL VAL A . n 
A 1 93  THR 93  93  93  THR THR A . n 
A 1 94  HIS 94  94  94  HIS HIS A . n 
A 1 95  ASP 95  95  95  ASP ASP A . n 
A 1 96  GLN 96  96  96  GLN GLN A . n 
A 1 97  LEU 97  97  97  LEU LEU A . n 
A 1 98  ASN 98  98  98  ASN ASN A . n 
A 1 99  ASN 99  99  99  ASN ASN A . n 
A 1 100 PHE 100 100 100 PHE PHE A . n 
A 1 101 ARG 101 101 101 ARG ARG A . n 
A 1 102 ALA 102 102 102 ALA ALA A . n 
A 1 103 GLY 103 103 103 GLY GLY A . n 
A 1 104 PHE 104 104 104 PHE PHE A . n 
A 1 105 VAL 105 105 105 VAL VAL A . n 
A 1 106 SER 106 106 106 SER SER A . n 
A 1 107 TYR 107 107 107 TYR TYR A . n 
A 1 108 MET 108 108 108 MET MET A . n 
A 1 109 LYS 109 109 109 LYS LYS A . n 
A 1 110 ALA 110 110 110 ALA ALA A . n 
A 1 111 HIS 111 111 111 HIS HIS A . n 
A 1 112 THR 112 112 112 THR THR A . n 
A 1 113 ASP 113 113 113 ASP ASP A . n 
A 1 114 PHE 114 114 114 PHE PHE A . n 
A 1 115 ALA 115 115 115 ALA ALA A . n 
A 1 116 GLY 116 116 116 GLY GLY A . n 
A 1 117 ALA 117 117 117 ALA ALA A . n 
A 1 118 GLU 118 118 118 GLU GLU A . n 
A 1 119 ALA 119 119 119 ALA ALA A . n 
A 1 120 ALA 120 120 120 ALA ALA A . n 
A 1 121 TRP 121 121 121 TRP TRP A . n 
A 1 122 GLY 122 122 122 GLY GLY A . n 
A 1 123 ALA 123 123 123 ALA ALA A . n 
A 1 124 THR 124 124 124 THR THR A . n 
A 1 125 LEU 125 125 125 LEU LEU A . n 
A 1 126 ASP 126 126 126 ASP ASP A . n 
A 1 127 THR 127 127 127 THR THR A . n 
A 1 128 PHE 128 128 128 PHE PHE A . n 
A 1 129 PHE 129 129 129 PHE PHE A . n 
A 1 130 GLY 130 130 130 GLY GLY A . n 
A 1 131 MET 131 131 131 MET MET A . n 
A 1 132 ILE 132 132 132 ILE ILE A . n 
A 1 133 PHE 133 133 133 PHE PHE A . n 
A 1 134 SER 134 134 134 SER SER A . n 
A 1 135 LYS 135 135 135 LYS LYS A . n 
A 1 136 MET 136 136 136 MET MET A . n 
# 
loop_
_pdbx_nonpoly_scheme.asym_id 
_pdbx_nonpoly_scheme.entity_id 
_pdbx_nonpoly_scheme.mon_id 
_pdbx_nonpoly_scheme.ndb_seq_num 
_pdbx_nonpoly_scheme.pdb_seq_num 
_pdbx_nonpoly_scheme.auth_seq_num 
_pdbx_nonpoly_scheme.pdb_mon_id 
_pdbx_nonpoly_scheme.auth_mon_id 
_pdbx_nonpoly_scheme.pdb_strand_id 
_pdbx_nonpoly_scheme.pdb_ins_code 
B 2 HEM 1  137 1  HEM HEM A . 
C 3 HOH 1  138 1  HOH HEM A . 
C 3 HOH 2  139 2  HOH HOH A . 
C 3 HOH 3  140 3  HOH HOH A . 
C 3 HOH 4  141 4  HOH HOH A . 
C 3 HOH 5  142 5  HOH HOH A . 
C 3 HOH 6  143 6  HOH HOH A . 
C 3 HOH 7  144 7  HOH HOH A . 
C 3 HOH 8  145 8  HOH HOH A . 
C 3 HOH 9  146 9  HOH HOH A . 
C 3 HOH 10 147 10 HOH HOH A . 
C 3 HOH 11 148 11 HOH HOH A . 
C 3 HOH 12 149 12 HOH HOH A . 
C 3 HOH 13 150 13 HOH HOH A . 
C 3 HOH 14 151 14 HOH HOH A . 
C 3 HOH 15 152 15 HOH HOH A . 
C 3 HOH 16 153 16 HOH HOH A . 
C 3 HOH 17 154 17 HOH HOH A . 
C 3 HOH 18 155 18 HOH HOH A . 
C 3 HOH 19 156 19 HOH HOH A . 
C 3 HOH 20 157 20 HOH HOH A . 
C 3 HOH 21 158 21 HOH HOH A . 
C 3 HOH 22 159 22 HOH HOH A . 
C 3 HOH 23 160 23 HOH HOH A . 
C 3 HOH 24 161 24 HOH HOH A . 
C 3 HOH 25 162 25 HOH HOH A . 
C 3 HOH 26 163 26 HOH HOH A . 
C 3 HOH 27 164 27 HOH HOH A . 
C 3 HOH 28 165 28 HOH HOH A . 
C 3 HOH 29 166 29 HOH HOH A . 
C 3 HOH 30 167 30 HOH HOH A . 
C 3 HOH 31 168 31 HOH HOH A . 
C 3 HOH 32 169 32 HOH HOH A . 
C 3 HOH 33 170 33 HOH HOH A . 
C 3 HOH 34 171 34 HOH HOH A . 
C 3 HOH 35 172 35 HOH HOH A . 
C 3 HOH 36 173 36 HOH HOH A . 
C 3 HOH 37 174 37 HOH HOH A . 
C 3 HOH 38 175 38 HOH HOH A . 
C 3 HOH 39 176 39 HOH HOH A . 
C 3 HOH 40 177 40 HOH HOH A . 
C 3 HOH 41 178 41 HOH HOH A . 
C 3 HOH 42 179 42 HOH HOH A . 
C 3 HOH 43 180 43 HOH HOH A . 
C 3 HOH 44 181 44 HOH HOH A . 
C 3 HOH 45 182 45 HOH HOH A . 
C 3 HOH 46 183 46 HOH HOH A . 
C 3 HOH 47 184 47 HOH HOH A . 
C 3 HOH 48 185 48 HOH HOH A . 
C 3 HOH 49 186 49 HOH HOH A . 
C 3 HOH 50 187 50 HOH HOH A . 
C 3 HOH 51 188 51 HOH HOH A . 
C 3 HOH 52 189 52 HOH HOH A . 
C 3 HOH 53 190 53 HOH HOH A . 
C 3 HOH 54 191 54 HOH HOH A . 
C 3 HOH 55 192 55 HOH HOH A . 
C 3 HOH 56 193 56 HOH HOH A . 
C 3 HOH 57 194 57 HOH HOH A . 
C 3 HOH 58 195 58 HOH HOH A . 
C 3 HOH 59 196 59 HOH HOH A . 
C 3 HOH 60 197 60 HOH HOH A . 
C 3 HOH 61 198 61 HOH HOH A . 
C 3 HOH 62 199 62 HOH HOH A . 
C 3 HOH 63 200 63 HOH HOH A . 
C 3 HOH 64 201 64 HOH HOH A . 
C 3 HOH 65 202 65 HOH HOH A . 
C 3 HOH 66 203 66 HOH HOH A . 
C 3 HOH 67 204 67 HOH HOH A . 
C 3 HOH 68 205 68 HOH HOH A . 
C 3 HOH 69 206 69 HOH HOH A . 
C 3 HOH 70 207 70 HOH HOH A . 
C 3 HOH 71 208 71 HOH HOH A . 
C 3 HOH 72 209 72 HOH HOH A . 
C 3 HOH 73 210 73 HOH HOH A . 
C 3 HOH 74 211 74 HOH HOH A . 
C 3 HOH 75 212 75 HOH HOH A . 
C 3 HOH 76 213 76 HOH HOH A . 
C 3 HOH 77 214 77 HOH HOH A . 
C 3 HOH 78 215 78 HOH HOH A . 
C 3 HOH 79 216 79 HOH HOH A . 
C 3 HOH 80 217 80 HOH HOH A . 
C 3 HOH 81 218 81 HOH HOH A . 
C 3 HOH 82 219 82 HOH HOH A . 
C 3 HOH 83 220 83 HOH HOH A . 
C 3 HOH 84 221 84 HOH HOH A . 
C 3 HOH 85 222 85 HOH HOH A . 
C 3 HOH 86 223 86 HOH HOH A . 
C 3 HOH 87 224 87 HOH HOH A . 
C 3 HOH 88 225 88 HOH HOH A . 
C 3 HOH 89 226 89 HOH HOH A . 
C 3 HOH 90 227 90 HOH HOH A . 
C 3 HOH 91 228 91 HOH HOH A . 
C 3 HOH 92 229 92 HOH HOH A . 
C 3 HOH 93 230 93 HOH HOH A . 
C 3 HOH 94 231 94 HOH HOH A . 
C 3 HOH 95 232 95 HOH HOH A . 
# 
loop_
_pdbx_unobs_or_zero_occ_atoms.id 
_pdbx_unobs_or_zero_occ_atoms.PDB_model_num 
_pdbx_unobs_or_zero_occ_atoms.polymer_flag 
_pdbx_unobs_or_zero_occ_atoms.occupancy_flag 
_pdbx_unobs_or_zero_occ_atoms.auth_asym_id 
_pdbx_unobs_or_zero_occ_atoms.auth_comp_id 
_pdbx_unobs_or_zero_occ_atoms.auth_seq_id 
_pdbx_unobs_or_zero_occ_atoms.PDB_ins_code 
_pdbx_unobs_or_zero_occ_atoms.auth_atom_id 
_pdbx_unobs_or_zero_occ_atoms.label_alt_id 
_pdbx_unobs_or_zero_occ_atoms.label_asym_id 
_pdbx_unobs_or_zero_occ_atoms.label_comp_id 
_pdbx_unobs_or_zero_occ_atoms.label_seq_id 
_pdbx_unobs_or_zero_occ_atoms.label_atom_id 
1  1 Y 0 A LYS 15  ? CD  ? A LYS 15  CD  
2  1 Y 0 A LYS 15  ? CE  ? A LYS 15  CE  
3  1 Y 0 A LYS 15  ? NZ  ? A LYS 15  NZ  
4  1 Y 0 A LYS 29  ? CE  ? A LYS 29  CE  
5  1 Y 0 A LYS 29  ? NZ  ? A LYS 29  NZ  
6  1 Y 0 A LYS 37  ? CE  ? A LYS 37  CE  
7  1 Y 0 A LYS 37  ? NZ  ? A LYS 37  NZ  
8  1 Y 0 A GLN 40  ? CG  ? A GLN 40  CG  
9  1 Y 0 A GLN 40  ? CD  ? A GLN 40  CD  
10 1 Y 0 A GLN 40  ? OE1 ? A GLN 40  OE1 
11 1 Y 0 A GLN 40  ? NE2 ? A GLN 40  NE2 
12 1 Y 0 A LYS 44  ? CE  ? A LYS 44  CE  
13 1 Y 0 A LYS 44  ? NZ  ? A LYS 44  NZ  
14 1 Y 0 A LYS 50  ? NZ  ? A LYS 50  NZ  
15 1 Y 0 A GLU 77  ? OE1 ? A GLU 77  OE1 
16 1 Y 0 A LYS 88  ? CE  ? A LYS 88  CE  
17 1 Y 0 A LYS 88  ? NZ  ? A LYS 88  NZ  
18 1 Y 0 A ASP 95  ? OD1 ? A ASP 95  OD1 
19 1 Y 0 A LYS 109 ? CE  ? A LYS 109 CE  
20 1 Y 0 A LYS 109 ? NZ  ? A LYS 109 NZ  
21 1 Y 1 A ALA 115 ? CB  ? A ALA 115 CB  
22 1 N 0 A HEM 137 ? CBC ? B HEM ?   CBC 
# 
_cell.entry_id           1ECD 
_cell.length_a           54.300 
_cell.length_b           54.300 
_cell.length_c           35.600 
_cell.angle_alpha        90.00 
_cell.angle_beta         90.00 
_cell.angle_gamma        120.00 
_cell.Z_PDB              3 
_cell.pdbx_unique_axis   ? 
# 
_symmetry.entry_id                         1ECD 
_symmetry.space_group_name_H-M             'P 32' 
_symmetry.pdbx_full_space_group_name_H-M   ? 
_symmetry.cell_setting                     ? 
_symmetry.Int_Tables_number                145 
# 
_exptl.entry_id          1ECD 
_exptl.method            'X-RAY DIFFRACTION' 
_exptl.crystals_number   ? 
# 
_exptl_crystal.id                    1 
_exptl_crystal.density_meas          ? 
_exptl_crystal.density_Matthews      2.05 
_exptl_crystal.density_percent_sol   39.90 
_exptl_crystal.description           ? 
# 
_diffrn.id                     1 
_diffrn.crystal_id             1 
_diffrn.ambient_temp           ? 
_diffrn.ambient_temp_details   ? 
# 
_diffrn_radiation.diffrn_id                        1 
_diffrn_radiation.wavelength_id                    1 
_diffrn_radiation.pdbx_monochromatic_or_laue_m_l   ? 
_diffrn_radiation.monochromator                    ? 
_diffrn_radiation.pdbx_diffrn_protocol             ? 
_diffrn_radiation.pdbx_scattering_type             x-ray 
# 
_diffrn_radiation_wavelength.id           1 
_diffrn_radiation_wavelength.wavelength   . 
_diffrn_radiation_wavelength.wt           1.0 
# 
_refine.entry_id                                 1ECD 
_refine.ls_number_reflns_obs                     ? 
_refine.ls_number_reflns_all                     ? 
_refine.pdbx_ls_sigma_I                          ? 
_refine.pdbx_ls_sigma_F                          ? 
_refine.pdbx_data_cutoff_high_absF               ? 
_refine.pdbx_data_cutoff_low_absF                ? 
_refine.pdbx_data_cutoff_high_rms_absF           ? 
_refine.ls_d_res_low                             ? 
_refine.ls_d_res_high                            1.4 
_refine.ls_percent_reflns_obs                    ? 
_refine.ls_R_factor_obs                          ? 
_refine.ls_R_factor_all                          ? 
_refine.ls_R_factor_R_work                       ? 
_refine.ls_R_factor_R_free                       ? 
_refine.ls_R_factor_R_free_error                 ? 
_refine.ls_R_factor_R_free_error_details         ? 
_refine.ls_percent_reflns_R_free                 ? 
_refine.ls_number_reflns_R_free                  ? 
_refine.ls_number_parameters                     ? 
_refine.ls_number_restraints                     ? 
_refine.occupancy_min                            ? 
_refine.occupancy_max                            ? 
_refine.B_iso_mean                               ? 
_refine.aniso_B[1][1]                            ? 
_refine.aniso_B[2][2]                            ? 
_refine.aniso_B[3][3]                            ? 
_refine.aniso_B[1][2]                            ? 
_refine.aniso_B[1][3]                            ? 
_refine.aniso_B[2][3]                            ? 
_refine.solvent_model_details                    ? 
_refine.solvent_model_param_ksol                 ? 
_refine.solvent_model_param_bsol                 ? 
_refine.pdbx_ls_cross_valid_method               ? 
_refine.details                                  ? 
_refine.pdbx_starting_model                      ? 
_refine.pdbx_method_to_determine_struct          ? 
_refine.pdbx_isotropic_thermal_model             ? 
_refine.pdbx_stereochemistry_target_values       ? 
_refine.pdbx_stereochem_target_val_spec_case     ? 
_refine.pdbx_R_Free_selection_details            ? 
_refine.pdbx_overall_ESU_R                       ? 
_refine.pdbx_overall_ESU_R_Free                  ? 
_refine.overall_SU_ML                            ? 
_refine.overall_SU_B                             ? 
_refine.pdbx_refine_id                           'X-RAY DIFFRACTION' 
_refine.pdbx_diffrn_id                           1 
_refine.pdbx_TLS_residual_ADP_flag               ? 
_refine.correlation_coeff_Fo_to_Fc               ? 
_refine.correlation_coeff_Fo_to_Fc_free          ? 
_refine.pdbx_solvent_vdw_probe_radii             ? 
_refine.pdbx_solvent_ion_probe_radii             ? 
_refine.pdbx_solvent_shrinkage_radii             ? 
_refine.pdbx_overall_phase_error                 ? 
_refine.overall_SU_R_Cruickshank_DPI             ? 
_refine.pdbx_overall_SU_R_free_Cruickshank_DPI   ? 
_refine.pdbx_overall_SU_R_Blow_DPI               ? 
_refine.pdbx_overall_SU_R_free_Blow_DPI          ? 
# 
_refine_hist.pdbx_refine_id                   'X-RAY DIFFRACTION' 
_refine_hist.cycle_id                         LAST 
_refine_hist.pdbx_number_atoms_protein        1048 
_refine_hist.pdbx_number_atoms_nucleic_acid   0 
_refine_hist.pdbx_number_atoms_ligand         44 
_refine_hist.number_atoms_solvent             94 
_refine_hist.number_atoms_total               1186 
_refine_hist.d_res_high                       1.4 
_refine_hist.d_res_low                        . 
# 
_struct.entry_id                  1ECD 
_struct.title                     'STRUCTURE OF ERYTHROCRUORIN IN DIFFERENT LIGAND STATES REFINED AT 1.4 ANGSTROMS RESOLUTION' 
_struct.pdbx_model_details        ? 
_struct.pdbx_CASP_flag            ? 
_struct.pdbx_model_type_details   ? 
# 
_struct_keywords.entry_id        1ECD 
_struct_keywords.pdbx_keywords   'OXYGEN TRANSPORT' 
_struct_keywords.text            'OXYGEN TRANSPORT' 
# 
loop_
_struct_asym.id 
_struct_asym.pdbx_blank_PDB_chainid_flag 
_struct_asym.pdbx_modified 
_struct_asym.entity_id 
_struct_asym.details 
A N N 1 ? 
B N N 2 ? 
C N N 3 ? 
# 
_struct_ref.id                         1 
_struct_ref.db_name                    UNP 
_struct_ref.db_code                    GLB3_CHITH 
_struct_ref.pdbx_db_accession          P02229 
_struct_ref.entity_id                  1 
_struct_ref.pdbx_align_begin           16 
_struct_ref.pdbx_db_isoform            ? 
_struct_ref.pdbx_seq_one_letter_code   ? 
# 
_struct_ref_seq.align_id                      1 
_struct_ref_seq.ref_id                        1 
_struct_ref_seq.pdbx_PDB_id_code              1ECD 
_struct_ref_seq.pdbx_strand_id                A 
_struct_ref_seq.seq_align_beg                 1 
_struct_ref_seq.pdbx_seq_align_beg_ins_code   ? 
_struct_ref_seq.seq_align_end                 136 
_struct_ref_seq.pdbx_seq_align_end_ins_code   ? 
_struct_ref_seq.pdbx_db_accession             P02229 
_struct_ref_seq.db_align_beg                  16 
_struct_ref_seq.pdbx_db_align_beg_ins_code    ? 
_struct_ref_seq.db_align_end                  151 
_struct_ref_seq.pdbx_db_align_end_ins_code    ? 
_struct_ref_seq.pdbx_auth_seq_align_beg       1 
_struct_ref_seq.pdbx_auth_seq_align_end       136 
# 
_pdbx_struct_assembly.id                   1 
_pdbx_struct_assembly.details              author_defined_assembly 
_pdbx_struct_assembly.method_details       ? 
_pdbx_struct_assembly.oligomeric_details   monomeric 
_pdbx_struct_assembly.oligomeric_count     1 
# 
_pdbx_struct_assembly_gen.assembly_id       1 
_pdbx_struct_assembly_gen.oper_expression   1 
_pdbx_struct_assembly_gen.asym_id_list      A,B,C 
# 
_pdbx_struct_oper_list.id                   1 
_pdbx_struct_oper_list.type                 'identity operation' 
_pdbx_struct_oper_list.name                 1_555 
_pdbx_struct_oper_list.symmetry_operation   x,y,z 
_pdbx_struct_oper_list.matrix[1][1]         1.0000000000 
_pdbx_struct_oper_list.matrix[1][2]         0.0000000000 
_pdbx_struct_oper_list.matrix[1][3]         0.0000000000 
_pdbx_struct_oper_list.vector[1]            0.0000000000 
_pdbx_struct_oper_list.matrix[2][1]         0.0000000000 
_pdbx_struct_oper_list.matrix[2][2]         1.0000000000 
_pdbx_struct_oper_list.matrix[2][3]         0.0000000000 
_pdbx_struct_oper_list.vector[2]            0.0000000000 
_pdbx_struct_oper_list.matrix[3][1]         0.0000000000 
_pdbx_struct_oper_list.matrix[3][2]         0.0000000000 
_pdbx_struct_oper_list.matrix[3][3]         1.0000000000 
_pdbx_struct_oper_list.vector[3]            0.0000000000 
# 
_struct_biol.id   1 
# 
loop_
_struct_conf.conf_type_id 
_struct_conf.id 
_struct_conf.pdbx_PDB_helix_id 
_struct_conf.beg_label_comp_id 
_struct_conf.beg_label_asym_id 
_struct_conf.beg_label_seq_id 
_struct_conf.pdbx_beg_PDB_ins_code 
_struct_conf.end_label_comp_id 
_struct_conf.end_label_asym_id 
_struct_conf.end_label_seq_id 
_struct_conf.pdbx_end_PDB_ins_code 
_struct_conf.beg_auth_comp_id 
_struct_conf.beg_auth_asym_id 
_struct_conf.beg_auth_seq_id 
_struct_conf.end_auth_comp_id 
_struct_conf.end_auth_asym_id 
_struct_conf.end_auth_seq_id 
_struct_conf.pdbx_PDB_helix_class 
_struct_conf.details 
_struct_conf.pdbx_PDB_helix_length 
HELX_P HELX_P1 A  SER A 2   ? LYS A 17  ? SER A 2   LYS A 17  1 'FROM SER 12 ON DISTORTED TO 5' 16 
HELX_P HELX_P2 B  ASP A 19  ? ASP A 31  ? ASP A 19  ASP A 31  1 ?                               13 
HELX_P HELX_P3 C  ASP A 31  ? PHE A 38  ? ASP A 31  PHE A 38  5 ?                               8  
HELX_P HELX_P4 D  ASP A 45  ? LYS A 50  ? ASP A 45  LYS A 50  1 'DISTORTION TO TYPE 5'          6  
HELX_P HELX_P5 E  THR A 52  ? GLU A 72  ? THR A 52  GLU A 72  1 ?                               21 
HELX_P HELX_P6 F  ILE A 76  ? LYS A 88  ? ILE A 76  LYS A 88  1 'INCLUDES EF-REGION'            13 
HELX_P HELX_P7 FG HIS A 87  ? GLY A 91  ? HIS A 87  GLY A 91  5 ?                               5  
HELX_P HELX_P8 G  THR A 93  ? THR A 112 ? THR A 93  THR A 112 1 ?                               20 
HELX_P HELX_P9 H  ALA A 117 ? PHE A 133 ? ALA A 117 PHE A 133 1 ?                               17 
# 
_struct_conf_type.id          HELX_P 
_struct_conf_type.criteria    ? 
_struct_conf_type.reference   ? 
# 
loop_
_struct_conn.id 
_struct_conn.conn_type_id 
_struct_conn.pdbx_leaving_atom_flag 
_struct_conn.pdbx_PDB_id 
_struct_conn.ptnr1_label_asym_id 
_struct_conn.ptnr1_label_comp_id 
_struct_conn.ptnr1_label_seq_id 
_struct_conn.ptnr1_label_atom_id 
_struct_conn.pdbx_ptnr1_label_alt_id 
_struct_conn.pdbx_ptnr1_PDB_ins_code 
_struct_conn.pdbx_ptnr1_standard_comp_id 
_struct_conn.ptnr1_symmetry 
_struct_conn.ptnr2_label_asym_id 
_struct_conn.ptnr2_label_comp_id 
_struct_conn.ptnr2_label_seq_id 
_struct_conn.ptnr2_label_atom_id 
_struct_conn.pdbx_ptnr2_label_alt_id 
_struct_conn.pdbx_ptnr2_PDB_ins_code 
_struct_conn.ptnr1_auth_asym_id 
_struct_conn.ptnr1_auth_comp_id 
_struct_conn.ptnr1_auth_seq_id 
_struct_conn.ptnr2_auth_asym_id 
_struct_conn.ptnr2_auth_comp_id 
_struct_conn.ptnr2_auth_seq_id 
_struct_conn.ptnr2_symmetry 
_struct_conn.pdbx_ptnr3_label_atom_id 
_struct_conn.pdbx_ptnr3_label_seq_id 
_struct_conn.pdbx_ptnr3_label_comp_id 
_struct_conn.pdbx_ptnr3_label_asym_id 
_struct_conn.pdbx_ptnr3_label_alt_id 
_struct_conn.pdbx_ptnr3_PDB_ins_code 
_struct_conn.details 
_struct_conn.pdbx_dist_value 
_struct_conn.pdbx_value_order 
_struct_conn.pdbx_role 
metalc1 metalc ? ? A HIS 87 NE2 ? ? ? 1_555 B HEM . FE ? ? A HIS 87  A HEM 137 1_555 ? ? ? ? ? ? ? 2.179 ? ? 
metalc2 metalc ? ? B HEM .  FE  ? ? ? 1_555 C HOH . O  ? ? A HEM 137 A HOH 138 1_555 ? ? ? ? ? ? ? 3.583 ? ? 
# 
_struct_conn_type.id          metalc 
_struct_conn_type.criteria    ? 
_struct_conn_type.reference   ? 
# 
loop_
_pdbx_struct_conn_angle.id 
_pdbx_struct_conn_angle.ptnr1_label_atom_id 
_pdbx_struct_conn_angle.ptnr1_label_alt_id 
_pdbx_struct_conn_angle.ptnr1_label_asym_id 
_pdbx_struct_conn_angle.ptnr1_label_comp_id 
_pdbx_struct_conn_angle.ptnr1_label_seq_id 
_pdbx_struct_conn_angle.ptnr1_auth_atom_id 
_pdbx_struct_conn_angle.ptnr1_auth_asym_id 
_pdbx_struct_conn_angle.ptnr1_auth_comp_id 
_pdbx_struct_conn_angle.ptnr1_auth_seq_id 
_pdbx_struct_conn_angle.ptnr1_PDB_ins_code 
_pdbx_struct_conn_angle.ptnr1_symmetry 
_pdbx_struct_conn_angle.ptnr2_label_atom_id 
_pdbx_struct_conn_angle.ptnr2_label_alt_id 
_pdbx_struct_conn_angle.ptnr2_label_asym_id 
_pdbx_struct_conn_angle.ptnr2_label_comp_id 
_pdbx_struct_conn_angle.ptnr2_label_seq_id 
_pdbx_struct_conn_angle.ptnr2_auth_atom_id 
_pdbx_struct_conn_angle.ptnr2_auth_asym_id 
_pdbx_struct_conn_angle.ptnr2_auth_comp_id 
_pdbx_struct_conn_angle.ptnr2_auth_seq_id 
_pdbx_struct_conn_angle.ptnr2_PDB_ins_code 
_pdbx_struct_conn_angle.ptnr2_symmetry 
_pdbx_struct_conn_angle.ptnr3_label_atom_id 
_pdbx_struct_conn_angle.ptnr3_label_alt_id 
_pdbx_struct_conn_angle.ptnr3_label_asym_id 
_pdbx_struct_conn_angle.ptnr3_label_comp_id 
_pdbx_struct_conn_angle.ptnr3_label_seq_id 
_pdbx_struct_conn_angle.ptnr3_auth_atom_id 
_pdbx_struct_conn_angle.ptnr3_auth_asym_id 
_pdbx_struct_conn_angle.ptnr3_auth_comp_id 
_pdbx_struct_conn_angle.ptnr3_auth_seq_id 
_pdbx_struct_conn_angle.ptnr3_PDB_ins_code 
_pdbx_struct_conn_angle.ptnr3_symmetry 
_pdbx_struct_conn_angle.value 
_pdbx_struct_conn_angle.value_esd 
1  NE2 ? A HIS 87 ? A HIS 87  ? 1_555 FE ? B HEM . ? A HEM 137 ? 1_555 NA ? B HEM . ? A HEM 137 ? 1_555 101.4 ? 
2  NE2 ? A HIS 87 ? A HIS 87  ? 1_555 FE ? B HEM . ? A HEM 137 ? 1_555 NB ? B HEM . ? A HEM 137 ? 1_555 97.3  ? 
3  NA  ? B HEM .  ? A HEM 137 ? 1_555 FE ? B HEM . ? A HEM 137 ? 1_555 NB ? B HEM . ? A HEM 137 ? 1_555 87.9  ? 
4  NE2 ? A HIS 87 ? A HIS 87  ? 1_555 FE ? B HEM . ? A HEM 137 ? 1_555 NC ? B HEM . ? A HEM 137 ? 1_555 92.0  ? 
5  NA  ? B HEM .  ? A HEM 137 ? 1_555 FE ? B HEM . ? A HEM 137 ? 1_555 NC ? B HEM . ? A HEM 137 ? 1_555 166.5 ? 
6  NB  ? B HEM .  ? A HEM 137 ? 1_555 FE ? B HEM . ? A HEM 137 ? 1_555 NC ? B HEM . ? A HEM 137 ? 1_555 90.4  ? 
7  NE2 ? A HIS 87 ? A HIS 87  ? 1_555 FE ? B HEM . ? A HEM 137 ? 1_555 ND ? B HEM . ? A HEM 137 ? 1_555 95.2  ? 
8  NA  ? B HEM .  ? A HEM 137 ? 1_555 FE ? B HEM . ? A HEM 137 ? 1_555 ND ? B HEM . ? A HEM 137 ? 1_555 88.6  ? 
9  NB  ? B HEM .  ? A HEM 137 ? 1_555 FE ? B HEM . ? A HEM 137 ? 1_555 ND ? B HEM . ? A HEM 137 ? 1_555 167.5 ? 
10 NC  ? B HEM .  ? A HEM 137 ? 1_555 FE ? B HEM . ? A HEM 137 ? 1_555 ND ? B HEM . ? A HEM 137 ? 1_555 90.2  ? 
11 NE2 ? A HIS 87 ? A HIS 87  ? 1_555 FE ? B HEM . ? A HEM 137 ? 1_555 O  ? C HOH . ? A HOH 138 ? 1_555 164.1 ? 
12 NA  ? B HEM .  ? A HEM 137 ? 1_555 FE ? B HEM . ? A HEM 137 ? 1_555 O  ? C HOH . ? A HOH 138 ? 1_555 87.0  ? 
13 NB  ? B HEM .  ? A HEM 137 ? 1_555 FE ? B HEM . ? A HEM 137 ? 1_555 O  ? C HOH . ? A HOH 138 ? 1_555 69.3  ? 
14 NC  ? B HEM .  ? A HEM 137 ? 1_555 FE ? B HEM . ? A HEM 137 ? 1_555 O  ? C HOH . ? A HOH 138 ? 1_555 79.9  ? 
15 ND  ? B HEM .  ? A HEM 137 ? 1_555 FE ? B HEM . ? A HEM 137 ? 1_555 O  ? C HOH . ? A HOH 138 ? 1_555 98.5  ? 
# 
_struct_mon_prot_cis.pdbx_id                1 
_struct_mon_prot_cis.label_comp_id          LEU 
_struct_mon_prot_cis.label_seq_id           73 
_struct_mon_prot_cis.label_asym_id          A 
_struct_mon_prot_cis.label_alt_id           . 
_struct_mon_prot_cis.pdbx_PDB_ins_code      ? 
_struct_mon_prot_cis.auth_comp_id           LEU 
_struct_mon_prot_cis.auth_seq_id            73 
_struct_mon_prot_cis.auth_asym_id           A 
_struct_mon_prot_cis.pdbx_label_comp_id_2   PRO 
_struct_mon_prot_cis.pdbx_label_seq_id_2    74 
_struct_mon_prot_cis.pdbx_label_asym_id_2   A 
_struct_mon_prot_cis.pdbx_PDB_ins_code_2    ? 
_struct_mon_prot_cis.pdbx_auth_comp_id_2    PRO 
_struct_mon_prot_cis.pdbx_auth_seq_id_2     74 
_struct_mon_prot_cis.pdbx_auth_asym_id_2    A 
_struct_mon_prot_cis.pdbx_PDB_model_num     1 
_struct_mon_prot_cis.pdbx_omega_angle       -0.93 
# 
_struct_site.id                   AC1 
_struct_site.pdbx_evidence_code   Software 
_struct_site.pdbx_auth_asym_id    A 
_struct_site.pdbx_auth_comp_id    HEM 
_struct_site.pdbx_auth_seq_id     137 
_struct_site.pdbx_auth_ins_code   ? 
_struct_site.pdbx_num_residues    18 
_struct_site.details              'BINDING SITE FOR RESIDUE HEM A 137' 
# 
loop_
_struct_site_gen.id 
_struct_site_gen.site_id 
_struct_site_gen.pdbx_num_res 
_struct_site_gen.label_comp_id 
_struct_site_gen.label_asym_id 
_struct_site_gen.label_seq_id 
_struct_site_gen.pdbx_auth_ins_code 
_struct_site_gen.auth_comp_id 
_struct_site_gen.auth_asym_id 
_struct_site_gen.auth_seq_id 
_struct_site_gen.label_atom_id 
_struct_site_gen.label_alt_id 
_struct_site_gen.symmetry 
_struct_site_gen.details 
1  AC1 18 ASP A 4   ? ASP A 4   . ? 3_555 ? 
2  AC1 18 SER A 7   ? SER A 7   . ? 3_555 ? 
3  AC1 18 THR A 8   ? THR A 8   . ? 3_555 ? 
4  AC1 18 LYS A 37  ? LYS A 37  . ? 1_555 ? 
5  AC1 18 PHE A 38  ? PHE A 38  . ? 1_555 ? 
6  AC1 18 HIS A 58  ? HIS A 58  . ? 1_555 ? 
7  AC1 18 ARG A 61  ? ARG A 61  . ? 1_555 ? 
8  AC1 18 ILE A 62  ? ILE A 62  . ? 1_555 ? 
9  AC1 18 PHE A 65  ? PHE A 65  . ? 1_555 ? 
10 AC1 18 PHE A 83  ? PHE A 83  . ? 1_555 ? 
11 AC1 18 HIS A 87  ? HIS A 87  . ? 1_555 ? 
12 AC1 18 ARG A 90  ? ARG A 90  . ? 1_555 ? 
13 AC1 18 VAL A 92  ? VAL A 92  . ? 1_555 ? 
14 AC1 18 GLN A 96  ? GLN A 96  . ? 1_555 ? 
15 AC1 18 LEU A 97  ? LEU A 97  . ? 1_555 ? 
16 AC1 18 PHE A 100 ? PHE A 100 . ? 1_555 ? 
17 AC1 18 HOH C .   ? HOH A 140 . ? 1_555 ? 
18 AC1 18 HOH C .   ? HOH A 199 . ? 1_555 ? 
# 
loop_
_pdbx_validate_rmsd_bond.id 
_pdbx_validate_rmsd_bond.PDB_model_num 
_pdbx_validate_rmsd_bond.auth_atom_id_1 
_pdbx_validate_rmsd_bond.auth_asym_id_1 
_pdbx_validate_rmsd_bond.auth_comp_id_1 
_pdbx_validate_rmsd_bond.auth_seq_id_1 
_pdbx_validate_rmsd_bond.PDB_ins_code_1 
_pdbx_validate_rmsd_bond.label_alt_id_1 
_pdbx_validate_rmsd_bond.auth_atom_id_2 
_pdbx_validate_rmsd_bond.auth_asym_id_2 
_pdbx_validate_rmsd_bond.auth_comp_id_2 
_pdbx_validate_rmsd_bond.auth_seq_id_2 
_pdbx_validate_rmsd_bond.PDB_ins_code_2 
_pdbx_validate_rmsd_bond.label_alt_id_2 
_pdbx_validate_rmsd_bond.bond_value 
_pdbx_validate_rmsd_bond.bond_target_value 
_pdbx_validate_rmsd_bond.bond_deviation 
_pdbx_validate_rmsd_bond.bond_standard_deviation 
_pdbx_validate_rmsd_bond.linker_flag 
1 1 CG  A ASP 95  ? ? OD2 A ASP 95  ? ? 1.389 1.249 0.140  0.023 N 
2 1 NE1 A TRP 121 ? ? CE2 A TRP 121 ? ? 1.276 1.371 -0.095 0.013 N 
# 
loop_
_pdbx_validate_rmsd_angle.id 
_pdbx_validate_rmsd_angle.PDB_model_num 
_pdbx_validate_rmsd_angle.auth_atom_id_1 
_pdbx_validate_rmsd_angle.auth_asym_id_1 
_pdbx_validate_rmsd_angle.auth_comp_id_1 
_pdbx_validate_rmsd_angle.auth_seq_id_1 
_pdbx_validate_rmsd_angle.PDB_ins_code_1 
_pdbx_validate_rmsd_angle.label_alt_id_1 
_pdbx_validate_rmsd_angle.auth_atom_id_2 
_pdbx_validate_rmsd_angle.auth_asym_id_2 
_pdbx_validate_rmsd_angle.auth_comp_id_2 
_pdbx_validate_rmsd_angle.auth_seq_id_2 
_pdbx_validate_rmsd_angle.PDB_ins_code_2 
_pdbx_validate_rmsd_angle.label_alt_id_2 
_pdbx_validate_rmsd_angle.auth_atom_id_3 
_pdbx_validate_rmsd_angle.auth_asym_id_3 
_pdbx_validate_rmsd_angle.auth_comp_id_3 
_pdbx_validate_rmsd_angle.auth_seq_id_3 
_pdbx_validate_rmsd_angle.PDB_ins_code_3 
_pdbx_validate_rmsd_angle.label_alt_id_3 
_pdbx_validate_rmsd_angle.angle_value 
_pdbx_validate_rmsd_angle.angle_target_value 
_pdbx_validate_rmsd_angle.angle_deviation 
_pdbx_validate_rmsd_angle.angle_standard_deviation 
_pdbx_validate_rmsd_angle.linker_flag 
1 1 CB A ASP 4   ? ? CG A ASP 4   ? ? OD1 A ASP 4   ? ? 124.84 118.30 6.54 0.90 N 
2 1 CB A ASP 14  ? ? CG A ASP 14  ? ? OD1 A ASP 14  ? ? 125.07 118.30 6.77 0.90 N 
3 1 CB A ASP 19  ? ? CG A ASP 19  ? ? OD1 A ASP 19  ? ? 124.78 118.30 6.48 0.90 N 
4 1 CB A ASP 31  ? ? CG A ASP 31  ? ? OD1 A ASP 31  ? ? 124.71 118.30 6.41 0.90 N 
5 1 CB A ASP 45  ? ? CG A ASP 45  ? ? OD1 A ASP 45  ? ? 124.93 118.30 6.63 0.90 N 
6 1 CB A ASP 79  ? ? CG A ASP 79  ? ? OD1 A ASP 79  ? ? 124.74 118.30 6.44 0.90 N 
7 1 CB A ASP 95  ? ? CG A ASP 95  ? ? OD1 A ASP 95  ? ? 124.70 118.30 6.40 0.90 N 
8 1 CB A ASP 113 ? ? CG A ASP 113 ? ? OD1 A ASP 113 ? ? 124.84 118.30 6.54 0.90 N 
9 1 CB A ASP 126 ? ? CG A ASP 126 ? ? OD1 A ASP 126 ? ? 124.98 118.30 6.68 0.90 N 
# 
loop_
_chem_comp_atom.comp_id 
_chem_comp_atom.atom_id 
_chem_comp_atom.type_symbol 
_chem_comp_atom.pdbx_aromatic_flag 
_chem_comp_atom.pdbx_stereo_config 
_chem_comp_atom.pdbx_ordinal 
ALA N    N  N N 1   
ALA CA   C  N S 2   
ALA C    C  N N 3   
ALA O    O  N N 4   
ALA CB   C  N N 5   
ALA OXT  O  N N 6   
ALA H    H  N N 7   
ALA H2   H  N N 8   
ALA HA   H  N N 9   
ALA HB1  H  N N 10  
ALA HB2  H  N N 11  
ALA HB3  H  N N 12  
ALA HXT  H  N N 13  
ARG N    N  N N 14  
ARG CA   C  N S 15  
ARG C    C  N N 16  
ARG O    O  N N 17  
ARG CB   C  N N 18  
ARG CG   C  N N 19  
ARG CD   C  N N 20  
ARG NE   N  N N 21  
ARG CZ   C  N N 22  
ARG NH1  N  N N 23  
ARG NH2  N  N N 24  
ARG OXT  O  N N 25  
ARG H    H  N N 26  
ARG H2   H  N N 27  
ARG HA   H  N N 28  
ARG HB2  H  N N 29  
ARG HB3  H  N N 30  
ARG HG2  H  N N 31  
ARG HG3  H  N N 32  
ARG HD2  H  N N 33  
ARG HD3  H  N N 34  
ARG HE   H  N N 35  
ARG HH11 H  N N 36  
ARG HH12 H  N N 37  
ARG HH21 H  N N 38  
ARG HH22 H  N N 39  
ARG HXT  H  N N 40  
ASN N    N  N N 41  
ASN CA   C  N S 42  
ASN C    C  N N 43  
ASN O    O  N N 44  
ASN CB   C  N N 45  
ASN CG   C  N N 46  
ASN OD1  O  N N 47  
ASN ND2  N  N N 48  
ASN OXT  O  N N 49  
ASN H    H  N N 50  
ASN H2   H  N N 51  
ASN HA   H  N N 52  
ASN HB2  H  N N 53  
ASN HB3  H  N N 54  
ASN HD21 H  N N 55  
ASN HD22 H  N N 56  
ASN HXT  H  N N 57  
ASP N    N  N N 58  
ASP CA   C  N S 59  
ASP C    C  N N 60  
ASP O    O  N N 61  
ASP CB   C  N N 62  
ASP CG   C  N N 63  
ASP OD1  O  N N 64  
ASP OD2  O  N N 65  
ASP OXT  O  N N 66  
ASP H    H  N N 67  
ASP H2   H  N N 68  
ASP HA   H  N N 69  
ASP HB2  H  N N 70  
ASP HB3  H  N N 71  
ASP HD2  H  N N 72  
ASP HXT  H  N N 73  
GLN N    N  N N 74  
GLN CA   C  N S 75  
GLN C    C  N N 76  
GLN O    O  N N 77  
GLN CB   C  N N 78  
GLN CG   C  N N 79  
GLN CD   C  N N 80  
GLN OE1  O  N N 81  
GLN NE2  N  N N 82  
GLN OXT  O  N N 83  
GLN H    H  N N 84  
GLN H2   H  N N 85  
GLN HA   H  N N 86  
GLN HB2  H  N N 87  
GLN HB3  H  N N 88  
GLN HG2  H  N N 89  
GLN HG3  H  N N 90  
GLN HE21 H  N N 91  
GLN HE22 H  N N 92  
GLN HXT  H  N N 93  
GLU N    N  N N 94  
GLU CA   C  N S 95  
GLU C    C  N N 96  
GLU O    O  N N 97  
GLU CB   C  N N 98  
GLU CG   C  N N 99  
GLU CD   C  N N 100 
GLU OE1  O  N N 101 
GLU OE2  O  N N 102 
GLU OXT  O  N N 103 
GLU H    H  N N 104 
GLU H2   H  N N 105 
GLU HA   H  N N 106 
GLU HB2  H  N N 107 
GLU HB3  H  N N 108 
GLU HG2  H  N N 109 
GLU HG3  H  N N 110 
GLU HE2  H  N N 111 
GLU HXT  H  N N 112 
GLY N    N  N N 113 
GLY CA   C  N N 114 
GLY C    C  N N 115 
GLY O    O  N N 116 
GLY OXT  O  N N 117 
GLY H    H  N N 118 
GLY H2   H  N N 119 
GLY HA2  H  N N 120 
GLY HA3  H  N N 121 
GLY HXT  H  N N 122 
HEM CHA  C  N N 123 
HEM CHB  C  N N 124 
HEM CHC  C  N N 125 
HEM CHD  C  N N 126 
HEM C1A  C  Y N 127 
HEM C2A  C  Y N 128 
HEM C3A  C  Y N 129 
HEM C4A  C  Y N 130 
HEM CMA  C  N N 131 
HEM CAA  C  N N 132 
HEM CBA  C  N N 133 
HEM CGA  C  N N 134 
HEM O1A  O  N N 135 
HEM O2A  O  N N 136 
HEM C1B  C  N N 137 
HEM C2B  C  N N 138 
HEM C3B  C  N N 139 
HEM C4B  C  N N 140 
HEM CMB  C  N N 141 
HEM CAB  C  N N 142 
HEM CBB  C  N N 143 
HEM C1C  C  Y N 144 
HEM C2C  C  Y N 145 
HEM C3C  C  Y N 146 
HEM C4C  C  Y N 147 
HEM CMC  C  N N 148 
HEM CAC  C  N N 149 
HEM CBC  C  N N 150 
HEM C1D  C  N N 151 
HEM C2D  C  N N 152 
HEM C3D  C  N N 153 
HEM C4D  C  N N 154 
HEM CMD  C  N N 155 
HEM CAD  C  N N 156 
HEM CBD  C  N N 157 
HEM CGD  C  N N 158 
HEM O1D  O  N N 159 
HEM O2D  O  N N 160 
HEM NA   N  Y N 161 
HEM NB   N  N N 162 
HEM NC   N  Y N 163 
HEM ND   N  N N 164 
HEM FE   FE N N 165 
HEM HHB  H  N N 166 
HEM HHC  H  N N 167 
HEM HHD  H  N N 168 
HEM HMA  H  N N 169 
HEM HMAA H  N N 170 
HEM HMAB H  N N 171 
HEM HAA  H  N N 172 
HEM HAAA H  N N 173 
HEM HBA  H  N N 174 
HEM HBAA H  N N 175 
HEM HMB  H  N N 176 
HEM HMBA H  N N 177 
HEM HMBB H  N N 178 
HEM HAB  H  N N 179 
HEM HBB  H  N N 180 
HEM HBBA H  N N 181 
HEM HMC  H  N N 182 
HEM HMCA H  N N 183 
HEM HMCB H  N N 184 
HEM HAC  H  N N 185 
HEM HBC  H  N N 186 
HEM HBCA H  N N 187 
HEM HMD  H  N N 188 
HEM HMDA H  N N 189 
HEM HMDB H  N N 190 
HEM HAD  H  N N 191 
HEM HADA H  N N 192 
HEM HBD  H  N N 193 
HEM HBDA H  N N 194 
HEM H2A  H  N N 195 
HEM H2D  H  N N 196 
HEM HHA  H  N N 197 
HIS N    N  N N 198 
HIS CA   C  N S 199 
HIS C    C  N N 200 
HIS O    O  N N 201 
HIS CB   C  N N 202 
HIS CG   C  Y N 203 
HIS ND1  N  Y N 204 
HIS CD2  C  Y N 205 
HIS CE1  C  Y N 206 
HIS NE2  N  Y N 207 
HIS OXT  O  N N 208 
HIS H    H  N N 209 
HIS H2   H  N N 210 
HIS HA   H  N N 211 
HIS HB2  H  N N 212 
HIS HB3  H  N N 213 
HIS HD1  H  N N 214 
HIS HD2  H  N N 215 
HIS HE1  H  N N 216 
HIS HE2  H  N N 217 
HIS HXT  H  N N 218 
HOH O    O  N N 219 
HOH H1   H  N N 220 
HOH H2   H  N N 221 
ILE N    N  N N 222 
ILE CA   C  N S 223 
ILE C    C  N N 224 
ILE O    O  N N 225 
ILE CB   C  N S 226 
ILE CG1  C  N N 227 
ILE CG2  C  N N 228 
ILE CD1  C  N N 229 
ILE OXT  O  N N 230 
ILE H    H  N N 231 
ILE H2   H  N N 232 
ILE HA   H  N N 233 
ILE HB   H  N N 234 
ILE HG12 H  N N 235 
ILE HG13 H  N N 236 
ILE HG21 H  N N 237 
ILE HG22 H  N N 238 
ILE HG23 H  N N 239 
ILE HD11 H  N N 240 
ILE HD12 H  N N 241 
ILE HD13 H  N N 242 
ILE HXT  H  N N 243 
LEU N    N  N N 244 
LEU CA   C  N S 245 
LEU C    C  N N 246 
LEU O    O  N N 247 
LEU CB   C  N N 248 
LEU CG   C  N N 249 
LEU CD1  C  N N 250 
LEU CD2  C  N N 251 
LEU OXT  O  N N 252 
LEU H    H  N N 253 
LEU H2   H  N N 254 
LEU HA   H  N N 255 
LEU HB2  H  N N 256 
LEU HB3  H  N N 257 
LEU HG   H  N N 258 
LEU HD11 H  N N 259 
LEU HD12 H  N N 260 
LEU HD13 H  N N 261 
LEU HD21 H  N N 262 
LEU HD22 H  N N 263 
LEU HD23 H  N N 264 
LEU HXT  H  N N 265 
LYS N    N  N N 266 
LYS CA   C  N S 267 
LYS C    C  N N 268 
LYS O    O  N N 269 
LYS CB   C  N N 270 
LYS CG   C  N N 271 
LYS CD   C  N N 272 
LYS CE   C  N N 273 
LYS NZ   N  N N 274 
LYS OXT  O  N N 275 
LYS H    H  N N 276 
LYS H2   H  N N 277 
LYS HA   H  N N 278 
LYS HB2  H  N N 279 
LYS HB3  H  N N 280 
LYS HG2  H  N N 281 
LYS HG3  H  N N 282 
LYS HD2  H  N N 283 
LYS HD3  H  N N 284 
LYS HE2  H  N N 285 
LYS HE3  H  N N 286 
LYS HZ1  H  N N 287 
LYS HZ2  H  N N 288 
LYS HZ3  H  N N 289 
LYS HXT  H  N N 290 
MET N    N  N N 291 
MET CA   C  N S 292 
MET C    C  N N 293 
MET O    O  N N 294 
MET CB   C  N N 295 
MET CG   C  N N 296 
MET SD   S  N N 297 
MET CE   C  N N 298 
MET OXT  O  N N 299 
MET H    H  N N 300 
MET H2   H  N N 301 
MET HA   H  N N 302 
MET HB2  H  N N 303 
MET HB3  H  N N 304 
MET HG2  H  N N 305 
MET HG3  H  N N 306 
MET HE1  H  N N 307 
MET HE2  H  N N 308 
MET HE3  H  N N 309 
MET HXT  H  N N 310 
PHE N    N  N N 311 
PHE CA   C  N S 312 
PHE C    C  N N 313 
PHE O    O  N N 314 
PHE CB   C  N N 315 
PHE CG   C  Y N 316 
PHE CD1  C  Y N 317 
PHE CD2  C  Y N 318 
PHE CE1  C  Y N 319 
PHE CE2  C  Y N 320 
PHE CZ   C  Y N 321 
PHE OXT  O  N N 322 
PHE H    H  N N 323 
PHE H2   H  N N 324 
PHE HA   H  N N 325 
PHE HB2  H  N N 326 
PHE HB3  H  N N 327 
PHE HD1  H  N N 328 
PHE HD2  H  N N 329 
PHE HE1  H  N N 330 
PHE HE2  H  N N 331 
PHE HZ   H  N N 332 
PHE HXT  H  N N 333 
PRO N    N  N N 334 
PRO CA   C  N S 335 
PRO C    C  N N 336 
PRO O    O  N N 337 
PRO CB   C  N N 338 
PRO CG   C  N N 339 
PRO CD   C  N N 340 
PRO OXT  O  N N 341 
PRO H    H  N N 342 
PRO HA   H  N N 343 
PRO HB2  H  N N 344 
PRO HB3  H  N N 345 
PRO HG2  H  N N 346 
PRO HG3  H  N N 347 
PRO HD2  H  N N 348 
PRO HD3  H  N N 349 
PRO HXT  H  N N 350 
SER N    N  N N 351 
SER CA   C  N S 352 
SER C    C  N N 353 
SER O    O  N N 354 
SER CB   C  N N 355 
SER OG   O  N N 356 
SER OXT  O  N N 357 
SER H    H  N N 358 
SER H2   H  N N 359 
SER HA   H  N N 360 
SER HB2  H  N N 361 
SER HB3  H  N N 362 
SER HG   H  N N 363 
SER HXT  H  N N 364 
THR N    N  N N 365 
THR CA   C  N S 366 
THR C    C  N N 367 
THR O    O  N N 368 
THR CB   C  N R 369 
THR OG1  O  N N 370 
THR CG2  C  N N 371 
THR OXT  O  N N 372 
THR H    H  N N 373 
THR H2   H  N N 374 
THR HA   H  N N 375 
THR HB   H  N N 376 
THR HG1  H  N N 377 
THR HG21 H  N N 378 
THR HG22 H  N N 379 
THR HG23 H  N N 380 
THR HXT  H  N N 381 
TRP N    N  N N 382 
TRP CA   C  N S 383 
TRP C    C  N N 384 
TRP O    O  N N 385 
TRP CB   C  N N 386 
TRP CG   C  Y N 387 
TRP CD1  C  Y N 388 
TRP CD2  C  Y N 389 
TRP NE1  N  Y N 390 
TRP CE2  C  Y N 391 
TRP CE3  C  Y N 392 
TRP CZ2  C  Y N 393 
TRP CZ3  C  Y N 394 
TRP CH2  C  Y N 395 
TRP OXT  O  N N 396 
TRP H    H  N N 397 
TRP H2   H  N N 398 
TRP HA   H  N N 399 
TRP HB2  H  N N 400 
TRP HB3  H  N N 401 
TRP HD1  H  N N 402 
TRP HE1  H  N N 403 
TRP HE3  H  N N 404 
TRP HZ2  H  N N 405 
TRP HZ3  H  N N 406 
TRP HH2  H  N N 407 
TRP HXT  H  N N 408 
TYR N    N  N N 409 
TYR CA   C  N S 410 
TYR C    C  N N 411 
TYR O    O  N N 412 
TYR CB   C  N N 413 
TYR CG   C  Y N 414 
TYR CD1  C  Y N 415 
TYR CD2  C  Y N 416 
TYR CE1  C  Y N 417 
TYR CE2  C  Y N 418 
TYR CZ   C  Y N 419 
TYR OH   O  N N 420 
TYR OXT  O  N N 421 
TYR H    H  N N 422 
TYR H2   H  N N 423 
TYR HA   H  N N 424 
TYR HB2  H  N N 425 
TYR HB3  H  N N 426 
TYR HD1  H  N N 427 
TYR HD2  H  N N 428 
TYR HE1  H  N N 429 
TYR HE2  H  N N 430 
TYR HH   H  N N 431 
TYR HXT  H  N N 432 
VAL N    N  N N 433 
VAL CA   C  N S 434 
VAL C    C  N N 435 
VAL O    O  N N 436 
VAL CB   C  N N 437 
VAL CG1  C  N N 438 
VAL CG2  C  N N 439 
VAL OXT  O  N N 440 
VAL H    H  N N 441 
VAL H2   H  N N 442 
VAL HA   H  N N 443 
VAL HB   H  N N 444 
VAL HG11 H  N N 445 
VAL HG12 H  N N 446 
VAL HG13 H  N N 447 
VAL HG21 H  N N 448 
VAL HG22 H  N N 449 
VAL HG23 H  N N 450 
VAL HXT  H  N N 451 
# 
loop_
_chem_comp_bond.comp_id 
_chem_comp_bond.atom_id_1 
_chem_comp_bond.atom_id_2 
_chem_comp_bond.value_order 
_chem_comp_bond.pdbx_aromatic_flag 
_chem_comp_bond.pdbx_stereo_config 
_chem_comp_bond.pdbx_ordinal 
ALA N   CA   sing N N 1   
ALA N   H    sing N N 2   
ALA N   H2   sing N N 3   
ALA CA  C    sing N N 4   
ALA CA  CB   sing N N 5   
ALA CA  HA   sing N N 6   
ALA C   O    doub N N 7   
ALA C   OXT  sing N N 8   
ALA CB  HB1  sing N N 9   
ALA CB  HB2  sing N N 10  
ALA CB  HB3  sing N N 11  
ALA OXT HXT  sing N N 12  
ARG N   CA   sing N N 13  
ARG N   H    sing N N 14  
ARG N   H2   sing N N 15  
ARG CA  C    sing N N 16  
ARG CA  CB   sing N N 17  
ARG CA  HA   sing N N 18  
ARG C   O    doub N N 19  
ARG C   OXT  sing N N 20  
ARG CB  CG   sing N N 21  
ARG CB  HB2  sing N N 22  
ARG CB  HB3  sing N N 23  
ARG CG  CD   sing N N 24  
ARG CG  HG2  sing N N 25  
ARG CG  HG3  sing N N 26  
ARG CD  NE   sing N N 27  
ARG CD  HD2  sing N N 28  
ARG CD  HD3  sing N N 29  
ARG NE  CZ   sing N N 30  
ARG NE  HE   sing N N 31  
ARG CZ  NH1  sing N N 32  
ARG CZ  NH2  doub N N 33  
ARG NH1 HH11 sing N N 34  
ARG NH1 HH12 sing N N 35  
ARG NH2 HH21 sing N N 36  
ARG NH2 HH22 sing N N 37  
ARG OXT HXT  sing N N 38  
ASN N   CA   sing N N 39  
ASN N   H    sing N N 40  
ASN N   H2   sing N N 41  
ASN CA  C    sing N N 42  
ASN CA  CB   sing N N 43  
ASN CA  HA   sing N N 44  
ASN C   O    doub N N 45  
ASN C   OXT  sing N N 46  
ASN CB  CG   sing N N 47  
ASN CB  HB2  sing N N 48  
ASN CB  HB3  sing N N 49  
ASN CG  OD1  doub N N 50  
ASN CG  ND2  sing N N 51  
ASN ND2 HD21 sing N N 52  
ASN ND2 HD22 sing N N 53  
ASN OXT HXT  sing N N 54  
ASP N   CA   sing N N 55  
ASP N   H    sing N N 56  
ASP N   H2   sing N N 57  
ASP CA  C    sing N N 58  
ASP CA  CB   sing N N 59  
ASP CA  HA   sing N N 60  
ASP C   O    doub N N 61  
ASP C   OXT  sing N N 62  
ASP CB  CG   sing N N 63  
ASP CB  HB2  sing N N 64  
ASP CB  HB3  sing N N 65  
ASP CG  OD1  doub N N 66  
ASP CG  OD2  sing N N 67  
ASP OD2 HD2  sing N N 68  
ASP OXT HXT  sing N N 69  
GLN N   CA   sing N N 70  
GLN N   H    sing N N 71  
GLN N   H2   sing N N 72  
GLN CA  C    sing N N 73  
GLN CA  CB   sing N N 74  
GLN CA  HA   sing N N 75  
GLN C   O    doub N N 76  
GLN C   OXT  sing N N 77  
GLN CB  CG   sing N N 78  
GLN CB  HB2  sing N N 79  
GLN CB  HB3  sing N N 80  
GLN CG  CD   sing N N 81  
GLN CG  HG2  sing N N 82  
GLN CG  HG3  sing N N 83  
GLN CD  OE1  doub N N 84  
GLN CD  NE2  sing N N 85  
GLN NE2 HE21 sing N N 86  
GLN NE2 HE22 sing N N 87  
GLN OXT HXT  sing N N 88  
GLU N   CA   sing N N 89  
GLU N   H    sing N N 90  
GLU N   H2   sing N N 91  
GLU CA  C    sing N N 92  
GLU CA  CB   sing N N 93  
GLU CA  HA   sing N N 94  
GLU C   O    doub N N 95  
GLU C   OXT  sing N N 96  
GLU CB  CG   sing N N 97  
GLU CB  HB2  sing N N 98  
GLU CB  HB3  sing N N 99  
GLU CG  CD   sing N N 100 
GLU CG  HG2  sing N N 101 
GLU CG  HG3  sing N N 102 
GLU CD  OE1  doub N N 103 
GLU CD  OE2  sing N N 104 
GLU OE2 HE2  sing N N 105 
GLU OXT HXT  sing N N 106 
GLY N   CA   sing N N 107 
GLY N   H    sing N N 108 
GLY N   H2   sing N N 109 
GLY CA  C    sing N N 110 
GLY CA  HA2  sing N N 111 
GLY CA  HA3  sing N N 112 
GLY C   O    doub N N 113 
GLY C   OXT  sing N N 114 
GLY OXT HXT  sing N N 115 
HEM CHA C1A  sing N N 116 
HEM CHA C4D  doub N N 117 
HEM CHA HHA  sing N N 118 
HEM CHB C4A  sing N N 119 
HEM CHB C1B  doub N N 120 
HEM CHB HHB  sing N N 121 
HEM CHC C4B  sing N N 122 
HEM CHC C1C  doub N N 123 
HEM CHC HHC  sing N N 124 
HEM CHD C4C  doub N N 125 
HEM CHD C1D  sing N N 126 
HEM CHD HHD  sing N N 127 
HEM C1A C2A  doub Y N 128 
HEM C1A NA   sing Y N 129 
HEM C2A C3A  sing Y N 130 
HEM C2A CAA  sing N N 131 
HEM C3A C4A  doub Y N 132 
HEM C3A CMA  sing N N 133 
HEM C4A NA   sing Y N 134 
HEM CMA HMA  sing N N 135 
HEM CMA HMAA sing N N 136 
HEM CMA HMAB sing N N 137 
HEM CAA CBA  sing N N 138 
HEM CAA HAA  sing N N 139 
HEM CAA HAAA sing N N 140 
HEM CBA CGA  sing N N 141 
HEM CBA HBA  sing N N 142 
HEM CBA HBAA sing N N 143 
HEM CGA O1A  doub N N 144 
HEM CGA O2A  sing N N 145 
HEM C1B C2B  sing N N 146 
HEM C1B NB   sing N N 147 
HEM C2B C3B  doub N N 148 
HEM C2B CMB  sing N N 149 
HEM C3B C4B  sing N N 150 
HEM C3B CAB  sing N N 151 
HEM C4B NB   doub N N 152 
HEM CMB HMB  sing N N 153 
HEM CMB HMBA sing N N 154 
HEM CMB HMBB sing N N 155 
HEM CAB CBB  doub N N 156 
HEM CAB HAB  sing N N 157 
HEM CBB HBB  sing N N 158 
HEM CBB HBBA sing N N 159 
HEM C1C C2C  sing Y N 160 
HEM C1C NC   sing Y N 161 
HEM C2C C3C  doub Y N 162 
HEM C2C CMC  sing N N 163 
HEM C3C C4C  sing Y N 164 
HEM C3C CAC  sing N N 165 
HEM C4C NC   sing Y N 166 
HEM CMC HMC  sing N N 167 
HEM CMC HMCA sing N N 168 
HEM CMC HMCB sing N N 169 
HEM CAC CBC  doub N N 170 
HEM CAC HAC  sing N N 171 
HEM CBC HBC  sing N N 172 
HEM CBC HBCA sing N N 173 
HEM C1D C2D  sing N N 174 
HEM C1D ND   doub N N 175 
HEM C2D C3D  doub N N 176 
HEM C2D CMD  sing N N 177 
HEM C3D C4D  sing N N 178 
HEM C3D CAD  sing N N 179 
HEM C4D ND   sing N N 180 
HEM CMD HMD  sing N N 181 
HEM CMD HMDA sing N N 182 
HEM CMD HMDB sing N N 183 
HEM CAD CBD  sing N N 184 
HEM CAD HAD  sing N N 185 
HEM CAD HADA sing N N 186 
HEM CBD CGD  sing N N 187 
HEM CBD HBD  sing N N 188 
HEM CBD HBDA sing N N 189 
HEM CGD O1D  doub N N 190 
HEM CGD O2D  sing N N 191 
HEM O2A H2A  sing N N 192 
HEM O2D H2D  sing N N 193 
HEM FE  NA   sing N N 194 
HEM FE  NB   sing N N 195 
HEM FE  NC   sing N N 196 
HEM FE  ND   sing N N 197 
HIS N   CA   sing N N 198 
HIS N   H    sing N N 199 
HIS N   H2   sing N N 200 
HIS CA  C    sing N N 201 
HIS CA  CB   sing N N 202 
HIS CA  HA   sing N N 203 
HIS C   O    doub N N 204 
HIS C   OXT  sing N N 205 
HIS CB  CG   sing N N 206 
HIS CB  HB2  sing N N 207 
HIS CB  HB3  sing N N 208 
HIS CG  ND1  sing Y N 209 
HIS CG  CD2  doub Y N 210 
HIS ND1 CE1  doub Y N 211 
HIS ND1 HD1  sing N N 212 
HIS CD2 NE2  sing Y N 213 
HIS CD2 HD2  sing N N 214 
HIS CE1 NE2  sing Y N 215 
HIS CE1 HE1  sing N N 216 
HIS NE2 HE2  sing N N 217 
HIS OXT HXT  sing N N 218 
HOH O   H1   sing N N 219 
HOH O   H2   sing N N 220 
ILE N   CA   sing N N 221 
ILE N   H    sing N N 222 
ILE N   H2   sing N N 223 
ILE CA  C    sing N N 224 
ILE CA  CB   sing N N 225 
ILE CA  HA   sing N N 226 
ILE C   O    doub N N 227 
ILE C   OXT  sing N N 228 
ILE CB  CG1  sing N N 229 
ILE CB  CG2  sing N N 230 
ILE CB  HB   sing N N 231 
ILE CG1 CD1  sing N N 232 
ILE CG1 HG12 sing N N 233 
ILE CG1 HG13 sing N N 234 
ILE CG2 HG21 sing N N 235 
ILE CG2 HG22 sing N N 236 
ILE CG2 HG23 sing N N 237 
ILE CD1 HD11 sing N N 238 
ILE CD1 HD12 sing N N 239 
ILE CD1 HD13 sing N N 240 
ILE OXT HXT  sing N N 241 
LEU N   CA   sing N N 242 
LEU N   H    sing N N 243 
LEU N   H2   sing N N 244 
LEU CA  C    sing N N 245 
LEU CA  CB   sing N N 246 
LEU CA  HA   sing N N 247 
LEU C   O    doub N N 248 
LEU C   OXT  sing N N 249 
LEU CB  CG   sing N N 250 
LEU CB  HB2  sing N N 251 
LEU CB  HB3  sing N N 252 
LEU CG  CD1  sing N N 253 
LEU CG  CD2  sing N N 254 
LEU CG  HG   sing N N 255 
LEU CD1 HD11 sing N N 256 
LEU CD1 HD12 sing N N 257 
LEU CD1 HD13 sing N N 258 
LEU CD2 HD21 sing N N 259 
LEU CD2 HD22 sing N N 260 
LEU CD2 HD23 sing N N 261 
LEU OXT HXT  sing N N 262 
LYS N   CA   sing N N 263 
LYS N   H    sing N N 264 
LYS N   H2   sing N N 265 
LYS CA  C    sing N N 266 
LYS CA  CB   sing N N 267 
LYS CA  HA   sing N N 268 
LYS C   O    doub N N 269 
LYS C   OXT  sing N N 270 
LYS CB  CG   sing N N 271 
LYS CB  HB2  sing N N 272 
LYS CB  HB3  sing N N 273 
LYS CG  CD   sing N N 274 
LYS CG  HG2  sing N N 275 
LYS CG  HG3  sing N N 276 
LYS CD  CE   sing N N 277 
LYS CD  HD2  sing N N 278 
LYS CD  HD3  sing N N 279 
LYS CE  NZ   sing N N 280 
LYS CE  HE2  sing N N 281 
LYS CE  HE3  sing N N 282 
LYS NZ  HZ1  sing N N 283 
LYS NZ  HZ2  sing N N 284 
LYS NZ  HZ3  sing N N 285 
LYS OXT HXT  sing N N 286 
MET N   CA   sing N N 287 
MET N   H    sing N N 288 
MET N   H2   sing N N 289 
MET CA  C    sing N N 290 
MET CA  CB   sing N N 291 
MET CA  HA   sing N N 292 
MET C   O    doub N N 293 
MET C   OXT  sing N N 294 
MET CB  CG   sing N N 295 
MET CB  HB2  sing N N 296 
MET CB  HB3  sing N N 297 
MET CG  SD   sing N N 298 
MET CG  HG2  sing N N 299 
MET CG  HG3  sing N N 300 
MET SD  CE   sing N N 301 
MET CE  HE1  sing N N 302 
MET CE  HE2  sing N N 303 
MET CE  HE3  sing N N 304 
MET OXT HXT  sing N N 305 
PHE N   CA   sing N N 306 
PHE N   H    sing N N 307 
PHE N   H2   sing N N 308 
PHE CA  C    sing N N 309 
PHE CA  CB   sing N N 310 
PHE CA  HA   sing N N 311 
PHE C   O    doub N N 312 
PHE C   OXT  sing N N 313 
PHE CB  CG   sing N N 314 
PHE CB  HB2  sing N N 315 
PHE CB  HB3  sing N N 316 
PHE CG  CD1  doub Y N 317 
PHE CG  CD2  sing Y N 318 
PHE CD1 CE1  sing Y N 319 
PHE CD1 HD1  sing N N 320 
PHE CD2 CE2  doub Y N 321 
PHE CD2 HD2  sing N N 322 
PHE CE1 CZ   doub Y N 323 
PHE CE1 HE1  sing N N 324 
PHE CE2 CZ   sing Y N 325 
PHE CE2 HE2  sing N N 326 
PHE CZ  HZ   sing N N 327 
PHE OXT HXT  sing N N 328 
PRO N   CA   sing N N 329 
PRO N   CD   sing N N 330 
PRO N   H    sing N N 331 
PRO CA  C    sing N N 332 
PRO CA  CB   sing N N 333 
PRO CA  HA   sing N N 334 
PRO C   O    doub N N 335 
PRO C   OXT  sing N N 336 
PRO CB  CG   sing N N 337 
PRO CB  HB2  sing N N 338 
PRO CB  HB3  sing N N 339 
PRO CG  CD   sing N N 340 
PRO CG  HG2  sing N N 341 
PRO CG  HG3  sing N N 342 
PRO CD  HD2  sing N N 343 
PRO CD  HD3  sing N N 344 
PRO OXT HXT  sing N N 345 
SER N   CA   sing N N 346 
SER N   H    sing N N 347 
SER N   H2   sing N N 348 
SER CA  C    sing N N 349 
SER CA  CB   sing N N 350 
SER CA  HA   sing N N 351 
SER C   O    doub N N 352 
SER C   OXT  sing N N 353 
SER CB  OG   sing N N 354 
SER CB  HB2  sing N N 355 
SER CB  HB3  sing N N 356 
SER OG  HG   sing N N 357 
SER OXT HXT  sing N N 358 
THR N   CA   sing N N 359 
THR N   H    sing N N 360 
THR N   H2   sing N N 361 
THR CA  C    sing N N 362 
THR CA  CB   sing N N 363 
THR CA  HA   sing N N 364 
THR C   O    doub N N 365 
THR C   OXT  sing N N 366 
THR CB  OG1  sing N N 367 
THR CB  CG2  sing N N 368 
THR CB  HB   sing N N 369 
THR OG1 HG1  sing N N 370 
THR CG2 HG21 sing N N 371 
THR CG2 HG22 sing N N 372 
THR CG2 HG23 sing N N 373 
THR OXT HXT  sing N N 374 
TRP N   CA   sing N N 375 
TRP N   H    sing N N 376 
TRP N   H2   sing N N 377 
TRP CA  C    sing N N 378 
TRP CA  CB   sing N N 379 
TRP CA  HA   sing N N 380 
TRP C   O    doub N N 381 
TRP C   OXT  sing N N 382 
TRP CB  CG   sing N N 383 
TRP CB  HB2  sing N N 384 
TRP CB  HB3  sing N N 385 
TRP CG  CD1  doub Y N 386 
TRP CG  CD2  sing Y N 387 
TRP CD1 NE1  sing Y N 388 
TRP CD1 HD1  sing N N 389 
TRP CD2 CE2  doub Y N 390 
TRP CD2 CE3  sing Y N 391 
TRP NE1 CE2  sing Y N 392 
TRP NE1 HE1  sing N N 393 
TRP CE2 CZ2  sing Y N 394 
TRP CE3 CZ3  doub Y N 395 
TRP CE3 HE3  sing N N 396 
TRP CZ2 CH2  doub Y N 397 
TRP CZ2 HZ2  sing N N 398 
TRP CZ3 CH2  sing Y N 399 
TRP CZ3 HZ3  sing N N 400 
TRP CH2 HH2  sing N N 401 
TRP OXT HXT  sing N N 402 
TYR N   CA   sing N N 403 
TYR N   H    sing N N 404 
TYR N   H2   sing N N 405 
TYR CA  C    sing N N 406 
TYR CA  CB   sing N N 407 
TYR CA  HA   sing N N 408 
TYR C   O    doub N N 409 
TYR C   OXT  sing N N 410 
TYR CB  CG   sing N N 411 
TYR CB  HB2  sing N N 412 
TYR CB  HB3  sing N N 413 
TYR CG  CD1  doub Y N 414 
TYR CG  CD2  sing Y N 415 
TYR CD1 CE1  sing Y N 416 
TYR CD1 HD1  sing N N 417 
TYR CD2 CE2  doub Y N 418 
TYR CD2 HD2  sing N N 419 
TYR CE1 CZ   doub Y N 420 
TYR CE1 HE1  sing N N 421 
TYR CE2 CZ   sing Y N 422 
TYR CE2 HE2  sing N N 423 
TYR CZ  OH   sing N N 424 
TYR OH  HH   sing N N 425 
TYR OXT HXT  sing N N 426 
VAL N   CA   sing N N 427 
VAL N   H    sing N N 428 
VAL N   H2   sing N N 429 
VAL CA  C    sing N N 430 
VAL CA  CB   sing N N 431 
VAL CA  HA   sing N N 432 
VAL C   O    doub N N 433 
VAL C   OXT  sing N N 434 
VAL CB  CG1  sing N N 435 
VAL CB  CG2  sing N N 436 
VAL CB  HB   sing N N 437 
VAL CG1 HG11 sing N N 438 
VAL CG1 HG12 sing N N 439 
VAL CG1 HG13 sing N N 440 
VAL CG2 HG21 sing N N 441 
VAL CG2 HG22 sing N N 442 
VAL CG2 HG23 sing N N 443 
VAL OXT HXT  sing N N 444 
# 
_atom_sites.entry_id                    1ECD 
_atom_sites.fract_transf_matrix[1][1]   -0.00568930 
_atom_sites.fract_transf_matrix[1][2]   -0.01998667 
_atom_sites.fract_transf_matrix[1][3]   0.00452309 
_atom_sites.fract_transf_matrix[2][1]   -0.01932135 
_atom_sites.fract_transf_matrix[2][2]   -0.00401692 
_atom_sites.fract_transf_matrix[2][3]   0.00793491 
_atom_sites.fract_transf_matrix[3][1]   -0.01006780 
_atom_sites.fract_transf_matrix[3][2]   -0.00302901 
_atom_sites.fract_transf_matrix[3][3]   -0.02604827 
_atom_sites.fract_transf_vector[1]      0.214332 
_atom_sites.fract_transf_vector[2]      0.333482 
_atom_sites.fract_transf_vector[3]      0.580558 
# 
loop_
_atom_sites_footnote.id 
_atom_sites_footnote.text 
1 'RESIDUE PRO 74 IS A CIS-PROLINE.' 
2 'AN OCCUPANCY OF 0.0 DENOTES ATOMS THAT HAVE NOT BEEN LOCALIZED IN THE ELECTRON DENSITY.' 
3 
;THIS HALF OCCUPIED WATER MOLECULE IS THE *SIXTH* LIGAND IN THE REDUCED DEOXY FORM. IT IS LOCATED APPROXIMATELY AT THE SAME POSITION AS THE WATER OF THE AQUO MET FORM 3 ANGSTROMS APART FROM THE IRON.
;
# 
loop_
_atom_type.symbol 
C  
FE 
N  
O  
S  
# 
loop_
_atom_site.group_PDB 
_atom_site.id 
_atom_site.type_symbol 
_atom_site.label_atom_id 
_atom_site.label_alt_id 
_atom_site.label_comp_id 
_atom_site.label_asym_id 
_atom_site.label_entity_id 
_atom_site.label_seq_id 
_atom_site.pdbx_PDB_ins_code 
_atom_site.Cartn_x 
_atom_site.Cartn_y 
_atom_site.Cartn_z 
_atom_site.occupancy 
_atom_site.B_iso_or_equiv 
_atom_site.pdbx_formal_charge 
_atom_site.auth_seq_id 
_atom_site.auth_comp_id 
_atom_site.auth_asym_id 
_atom_site.auth_atom_id 
_atom_site.pdbx_PDB_model_num 
ATOM   1    N  N   . LEU A 1 1   ? -2.422  17.329  -8.053  1.00 24.30 ? 1   LEU A N   1 
ATOM   2    C  CA  . LEU A 1 1   ? -1.126  16.757  -7.669  1.00 15.15 ? 1   LEU A CA  1 
ATOM   3    C  C   . LEU A 1 1   ? 0.022   17.453  -8.393  1.00 17.93 ? 1   LEU A C   1 
ATOM   4    O  O   . LEU A 1 1   ? 0.279   17.191  -9.572  1.00 16.57 ? 1   LEU A O   1 
ATOM   5    C  CB  . LEU A 1 1   ? -1.093  15.250  -7.992  1.00 16.80 ? 1   LEU A CB  1 
ATOM   6    C  CG  . LEU A 1 1   ? -0.119  14.385  -7.219  1.00 16.61 ? 1   LEU A CG  1 
ATOM   7    C  CD1 . LEU A 1 1   ? -0.392  14.517  -5.741  1.00 21.42 ? 1   LEU A CD1 1 
ATOM   8    C  CD2 . LEU A 1 1   ? -0.242  12.940  -7.634  1.00 21.09 ? 1   LEU A CD2 1 
ATOM   9    N  N   . SER A 1 2   ? 0.697   18.330  -7.679  1.00 17.31 ? 2   SER A N   1 
ATOM   10   C  CA  . SER A 1 2   ? 1.746   19.158  -8.285  1.00 18.39 ? 2   SER A CA  1 
ATOM   11   C  C   . SER A 1 2   ? 3.052   18.854  -7.560  1.00 15.15 ? 2   SER A C   1 
ATOM   12   O  O   . SER A 1 2   ? 3.077   18.083  -6.591  1.00 9.08  ? 2   SER A O   1 
ATOM   13   C  CB  . SER A 1 2   ? 1.398   20.624  -8.175  1.00 14.54 ? 2   SER A CB  1 
ATOM   14   O  OG  . SER A 1 2   ? 0.933   20.965  -6.872  1.00 26.14 ? 2   SER A OG  1 
ATOM   15   N  N   . ALA A 1 3   ? 4.121   19.459  -8.039  1.00 17.37 ? 3   ALA A N   1 
ATOM   16   C  CA  . ALA A 1 3   ? 5.469   19.056  -7.622  1.00 10.49 ? 3   ALA A CA  1 
ATOM   17   C  C   . ALA A 1 3   ? 5.721   19.238  -6.127  1.00 8.80  ? 3   ALA A C   1 
ATOM   18   O  O   . ALA A 1 3   ? 6.501   18.493  -5.518  1.00 9.78  ? 3   ALA A O   1 
ATOM   19   C  CB  . ALA A 1 3   ? 6.482   19.961  -8.339  1.00 12.03 ? 3   ALA A CB  1 
ATOM   20   N  N   . ASP A 1 4   ? 5.057   20.224  -5.561  1.00 9.61  ? 4   ASP A N   1 
ATOM   21   C  CA  . ASP A 1 4   ? 5.284   20.568  -4.148  1.00 11.20 ? 4   ASP A CA  1 
ATOM   22   C  C   . ASP A 1 4   ? 4.750   19.426  -3.289  1.00 11.11 ? 4   ASP A C   1 
ATOM   23   O  O   . ASP A 1 4   ? 5.396   19.007  -2.322  1.00 11.17 ? 4   ASP A O   1 
ATOM   24   C  CB  . ASP A 1 4   ? 4.579   21.903  -3.820  1.00 18.21 ? 4   ASP A CB  1 
ATOM   25   C  CG  . ASP A 1 4   ? 3.089   21.794  -3.990  1.00 23.37 ? 4   ASP A CG  1 
ATOM   26   O  OD1 . ASP A 1 4   ? 2.269   22.120  -3.153  1.00 44.39 ? 4   ASP A OD1 1 
ATOM   27   O  OD2 . ASP A 1 4   ? 2.721   21.407  -5.063  1.00 26.75 ? 4   ASP A OD2 1 
ATOM   28   N  N   . GLN A 1 5   ? 3.579   18.936  -3.660  1.00 10.98 ? 5   GLN A N   1 
ATOM   29   C  CA  . GLN A 1 5   ? 2.944   17.846  -2.908  1.00 9.32  ? 5   GLN A CA  1 
ATOM   30   C  C   . GLN A 1 5   ? 3.694   16.538  -3.155  1.00 9.30  ? 5   GLN A C   1 
ATOM   31   O  O   . GLN A 1 5   ? 3.789   15.684  -2.263  1.00 8.08  ? 5   GLN A O   1 
ATOM   32   C  CB  . GLN A 1 5   ? 1.461   17.641  -3.321  1.00 10.05 ? 5   GLN A CB  1 
ATOM   33   C  CG  . GLN A 1 5   ? 0.499   18.808  -3.032  1.00 13.23 ? 5   GLN A CG  1 
ATOM   34   C  CD  . GLN A 1 5   ? -1.005  18.534  -3.404  1.00 14.95 ? 5   GLN A CD  1 
ATOM   35   O  OE1 . GLN A 1 5   ? -1.871  18.561  -2.584  1.00 34.92 ? 5   GLN A OE1 1 
ATOM   36   N  NE2 . GLN A 1 5   ? -1.061  18.316  -4.610  1.00 20.01 ? 5   GLN A NE2 1 
ATOM   37   N  N   . ILE A 1 6   ? 4.214   16.399  -4.364  1.00 9.44  ? 6   ILE A N   1 
ATOM   38   C  CA  . ILE A 1 6   ? 4.858   15.116  -4.776  1.00 8.67  ? 6   ILE A CA  1 
ATOM   39   C  C   . ILE A 1 6   ? 6.152   14.975  -3.978  1.00 11.13 ? 6   ILE A C   1 
ATOM   40   O  O   . ILE A 1 6   ? 6.497   13.878  -3.515  1.00 8.60  ? 6   ILE A O   1 
ATOM   41   C  CB  . ILE A 1 6   ? 5.203   15.133  -6.277  1.00 8.97  ? 6   ILE A CB  1 
ATOM   42   C  CG1 . ILE A 1 6   ? 3.955   14.921  -7.171  1.00 11.81 ? 6   ILE A CG1 1 
ATOM   43   C  CG2 . ILE A 1 6   ? 6.280   14.048  -6.345  1.00 8.82  ? 6   ILE A CG2 1 
ATOM   44   C  CD1 . ILE A 1 6   ? 4.197   15.253  -8.657  1.00 17.68 ? 6   ILE A CD1 1 
ATOM   45   N  N   . SER A 1 7   ? 6.849   16.084  -3.830  1.00 9.14  ? 7   SER A N   1 
ATOM   46   C  CA  . SER A 1 7   ? 8.120   16.078  -3.090  1.00 8.33  ? 7   SER A CA  1 
ATOM   47   C  C   . SER A 1 7   ? 7.944   15.837  -1.606  1.00 8.79  ? 7   SER A C   1 
ATOM   48   O  O   . SER A 1 7   ? 8.758   15.155  -0.997  1.00 9.02  ? 7   SER A O   1 
ATOM   49   C  CB  . SER A 1 7   ? 8.835   17.402  -3.272  1.00 10.12 ? 7   SER A CB  1 
ATOM   50   O  OG  . SER A 1 7   ? 8.077   18.495  -2.767  1.00 11.61 ? 7   SER A OG  1 
ATOM   51   N  N   . THR A 1 8   ? 6.880   16.394  -1.063  1.00 9.80  ? 8   THR A N   1 
ATOM   52   C  CA  . THR A 1 8   ? 6.503   16.108  0.316   1.00 10.74 ? 8   THR A CA  1 
ATOM   53   C  C   . THR A 1 8   ? 6.241   14.629  0.594   1.00 8.54  ? 8   THR A C   1 
ATOM   54   O  O   . THR A 1 8   ? 6.701   14.082  1.603   1.00 8.18  ? 8   THR A O   1 
ATOM   55   C  CB  . THR A 1 8   ? 5.251   16.947  0.633   1.00 8.31  ? 8   THR A CB  1 
ATOM   56   O  OG1 . THR A 1 8   ? 5.712   18.292  0.565   1.00 11.01 ? 8   THR A OG1 1 
ATOM   57   C  CG2 . THR A 1 8   ? 4.694   16.652  1.998   1.00 10.56 ? 8   THR A CG2 1 
ATOM   58   N  N   . VAL A 1 9   ? 5.507   14.006  -0.294  1.00 9.88  ? 9   VAL A N   1 
ATOM   59   C  CA  . VAL A 1 9   ? 5.118   12.604  -0.101  1.00 8.76  ? 9   VAL A CA  1 
ATOM   60   C  C   . VAL A 1 9   ? 6.372   11.742  -0.218  1.00 10.57 ? 9   VAL A C   1 
ATOM   61   O  O   . VAL A 1 9   ? 6.518   10.747  0.490   1.00 9.95  ? 9   VAL A O   1 
ATOM   62   C  CB  . VAL A 1 9   ? 4.086   12.217  -1.130  1.00 11.81 ? 9   VAL A CB  1 
ATOM   63   C  CG1 . VAL A 1 9   ? 4.152   10.755  -1.590  1.00 16.07 ? 9   VAL A CG1 1 
ATOM   64   C  CG2 . VAL A 1 9   ? 2.699   12.636  -0.728  1.00 11.49 ? 9   VAL A CG2 1 
ATOM   65   N  N   . GLN A 1 10  ? 7.267   12.143  -1.088  1.00 10.31 ? 10  GLN A N   1 
ATOM   66   C  CA  . GLN A 1 10  ? 8.397   11.281  -1.472  1.00 9.63  ? 10  GLN A CA  1 
ATOM   67   C  C   . GLN A 1 10  ? 9.462   11.369  -0.434  1.00 9.95  ? 10  GLN A C   1 
ATOM   68   O  O   . GLN A 1 10  ? 10.154  10.387  -0.144  1.00 10.73 ? 10  GLN A O   1 
ATOM   69   C  CB  . GLN A 1 10  ? 9.000   11.702  -2.842  1.00 9.44  ? 10  GLN A CB  1 
ATOM   70   C  CG  . GLN A 1 10  ? 8.265   11.218  -4.100  1.00 9.94  ? 10  GLN A CG  1 
ATOM   71   C  CD  . GLN A 1 10  ? 8.778   11.844  -5.446  1.00 12.14 ? 10  GLN A CD  1 
ATOM   72   O  OE1 . GLN A 1 10  ? 8.482   11.382  -6.503  1.00 15.97 ? 10  GLN A OE1 1 
ATOM   73   N  NE2 . GLN A 1 10  ? 9.472   12.822  -5.171  1.00 11.39 ? 10  GLN A NE2 1 
ATOM   74   N  N   . ALA A 1 11  ? 9.589   12.549  0.142   1.00 10.68 ? 11  ALA A N   1 
ATOM   75   C  CA  . ALA A 1 11  ? 10.379  12.710  1.370   1.00 10.57 ? 11  ALA A CA  1 
ATOM   76   C  C   . ALA A 1 11  ? 9.819   11.902  2.540   1.00 12.20 ? 11  ALA A C   1 
ATOM   77   O  O   . ALA A 1 11  ? 10.572  11.283  3.302   1.00 9.37  ? 11  ALA A O   1 
ATOM   78   C  CB  . ALA A 1 11  ? 10.311  14.184  1.798   1.00 10.04 ? 11  ALA A CB  1 
ATOM   79   N  N   . SER A 1 12  ? 8.504   11.920  2.663   1.00 11.17 ? 12  SER A N   1 
ATOM   80   C  CA  . SER A 1 12  ? 7.835   11.166  3.736   1.00 11.22 ? 12  SER A CA  1 
ATOM   81   C  C   . SER A 1 12  ? 8.014   9.675   3.589   1.00 10.27 ? 12  SER A C   1 
ATOM   82   O  O   . SER A 1 12  ? 8.325   8.992   4.560   1.00 9.97  ? 12  SER A O   1 
ATOM   83   C  CB  . SER A 1 12  ? 6.356   11.477  3.751   1.00 10.90 ? 12  SER A CB  1 
ATOM   84   O  OG  . SER A 1 12  ? 5.653   10.652  4.653   1.00 11.24 ? 12  SER A OG  1 
ATOM   85   N  N   . PHE A 1 13  ? 7.813   9.190   2.377   1.00 10.32 ? 13  PHE A N   1 
ATOM   86   C  CA  . PHE A 1 13  ? 7.989   7.771   2.091   1.00 12.32 ? 13  PHE A CA  1 
ATOM   87   C  C   . PHE A 1 13  ? 9.411   7.237   2.247   1.00 13.54 ? 13  PHE A C   1 
ATOM   88   O  O   . PHE A 1 13  ? 9.615   6.061   2.571   1.00 11.23 ? 13  PHE A O   1 
ATOM   89   C  CB  . PHE A 1 13  ? 7.526   7.480   0.676   1.00 9.45  ? 13  PHE A CB  1 
ATOM   90   C  CG  . PHE A 1 13  ? 7.332   6.022   0.402   1.00 12.53 ? 13  PHE A CG  1 
ATOM   91   C  CD1 . PHE A 1 13  ? 8.113   5.423   -0.509  1.00 11.16 ? 13  PHE A CD1 1 
ATOM   92   C  CD2 . PHE A 1 13  ? 6.448   5.266   1.119   1.00 12.64 ? 13  PHE A CD2 1 
ATOM   93   C  CE1 . PHE A 1 13  ? 7.993   4.039   -0.789  1.00 14.55 ? 13  PHE A CE1 1 
ATOM   94   C  CE2 . PHE A 1 13  ? 6.365   3.859   0.856   1.00 15.26 ? 13  PHE A CE2 1 
ATOM   95   C  CZ  . PHE A 1 13  ? 7.105   3.291   -0.090  1.00 14.24 ? 13  PHE A CZ  1 
ATOM   96   N  N   . ASP A 1 14  ? 10.370  8.104   2.015   1.00 10.96 ? 14  ASP A N   1 
ATOM   97   C  CA  . ASP A 1 14  ? 11.779  7.695   2.026   1.00 14.39 ? 14  ASP A CA  1 
ATOM   98   C  C   . ASP A 1 14  ? 12.144  7.229   3.434   1.00 13.53 ? 14  ASP A C   1 
ATOM   99   O  O   . ASP A 1 14  ? 12.989  6.346   3.610   1.00 11.49 ? 14  ASP A O   1 
ATOM   100  C  CB  . ASP A 1 14  ? 12.663  8.864   1.576   1.00 12.81 ? 14  ASP A CB  1 
ATOM   101  C  CG  . ASP A 1 14  ? 14.074  8.413   1.310   1.00 17.33 ? 14  ASP A CG  1 
ATOM   102  O  OD1 . ASP A 1 14  ? 15.056  8.814   1.897   1.00 18.06 ? 14  ASP A OD1 1 
ATOM   103  O  OD2 . ASP A 1 14  ? 14.194  7.543   0.494   1.00 18.33 ? 14  ASP A OD2 1 
ATOM   104  N  N   . LYS A 1 15  ? 11.501  7.828   4.419   1.00 12.36 ? 15  LYS A N   1 
ATOM   105  C  CA  . LYS A 1 15  ? 11.699  7.416   5.817   1.00 12.50 ? 15  LYS A CA  1 
ATOM   106  C  C   . LYS A 1 15  ? 11.259  6.008   6.221   1.00 16.19 ? 15  LYS A C   1 
ATOM   107  O  O   . LYS A 1 15  ? 11.804  5.422   7.164   1.00 15.66 ? 15  LYS A O   1 
ATOM   108  C  CB  . LYS A 1 15  ? 10.960  8.344   6.774   1.00 20.20 ? 15  LYS A CB  1 
ATOM   109  C  CG  . LYS A 1 15  ? 11.435  9.769   6.753   1.00 24.92 ? 15  LYS A CG  1 
ATOM   110  C  CD  . LYS A 1 15  ? 10.357  10.710  7.282   0.00 0.00  ? 15  LYS A CD  1 
ATOM   111  C  CE  . LYS A 1 15  ? 10.935  11.727  8.250   0.00 0.00  ? 15  LYS A CE  1 
ATOM   112  N  NZ  . LYS A 1 15  ? 9.881   12.269  9.134   0.00 0.00  ? 15  LYS A NZ  1 
ATOM   113  N  N   . VAL A 1 16  ? 10.282  5.484   5.501   1.00 11.62 ? 16  VAL A N   1 
ATOM   114  C  CA  . VAL A 1 16  ? 9.672   4.197   5.867   1.00 13.29 ? 16  VAL A CA  1 
ATOM   115  C  C   . VAL A 1 16  ? 9.825   3.049   4.871   1.00 11.85 ? 16  VAL A C   1 
ATOM   116  O  O   . VAL A 1 16  ? 9.446   1.907   5.154   1.00 12.10 ? 16  VAL A O   1 
ATOM   117  C  CB  . VAL A 1 16  ? 8.182   4.386   6.103   1.00 14.56 ? 16  VAL A CB  1 
ATOM   118  C  CG1 . VAL A 1 16  ? 7.820   5.407   7.208   1.00 14.75 ? 16  VAL A CG1 1 
ATOM   119  C  CG2 . VAL A 1 16  ? 7.436   4.640   4.822   1.00 11.90 ? 16  VAL A CG2 1 
ATOM   120  N  N   . LYS A 1 17  ? 10.377  3.368   3.719   1.00 12.36 ? 17  LYS A N   1 
ATOM   121  C  CA  . LYS A 1 17  ? 10.424  2.406   2.608   1.00 12.43 ? 17  LYS A CA  1 
ATOM   122  C  C   . LYS A 1 17  ? 11.303  1.187   2.883   1.00 13.61 ? 17  LYS A C   1 
ATOM   123  O  O   . LYS A 1 17  ? 11.207  0.166   2.192   1.00 13.86 ? 17  LYS A O   1 
ATOM   124  C  CB  . LYS A 1 17  ? 10.944  3.058   1.331   1.00 21.02 ? 17  LYS A CB  1 
ATOM   125  C  CG  . LYS A 1 17  ? 12.418  3.420   1.360   1.00 18.91 ? 17  LYS A CG  1 
ATOM   126  C  CD  . LYS A 1 17  ? 12.904  3.851   -0.022  1.00 43.18 ? 17  LYS A CD  1 
ATOM   127  C  CE  . LYS A 1 17  ? 14.420  3.801   -0.123  1.00 43.18 ? 17  LYS A CE  1 
ATOM   128  N  NZ  . LYS A 1 17  ? 15.047  4.708   0.864   1.00 24.52 ? 17  LYS A NZ  1 
ATOM   129  N  N   . GLY A 1 18  ? 12.149  1.308   3.889   1.00 13.44 ? 18  GLY A N   1 
ATOM   130  C  CA  . GLY A 1 18  ? 12.961  0.171   4.341   1.00 12.56 ? 18  GLY A CA  1 
ATOM   131  C  C   . GLY A 1 18  ? 12.265  -0.810  5.285   1.00 15.44 ? 18  GLY A C   1 
ATOM   132  O  O   . GLY A 1 18  ? 12.872  -1.784  5.746   1.00 12.59 ? 18  GLY A O   1 
ATOM   133  N  N   . ASP A 1 19  ? 11.004  -0.540  5.562   1.00 10.68 ? 19  ASP A N   1 
ATOM   134  C  CA  . ASP A 1 19  ? 10.208  -1.424  6.425   1.00 11.39 ? 19  ASP A CA  1 
ATOM   135  C  C   . ASP A 1 19  ? 8.972   -1.986  5.726   1.00 8.95  ? 19  ASP A C   1 
ATOM   136  O  O   . ASP A 1 19  ? 7.847   -1.831  6.210   1.00 8.29  ? 19  ASP A O   1 
ATOM   137  C  CB  . ASP A 1 19  ? 9.775   -0.663  7.694   1.00 9.83  ? 19  ASP A CB  1 
ATOM   138  C  CG  . ASP A 1 19  ? 9.125   -1.581  8.686   1.00 10.56 ? 19  ASP A CG  1 
ATOM   139  O  OD1 . ASP A 1 19  ? 9.320   -2.778  8.754   1.00 9.88  ? 19  ASP A OD1 1 
ATOM   140  O  OD2 . ASP A 1 19  ? 8.415   -1.046  9.488   1.00 9.44  ? 19  ASP A OD2 1 
ATOM   141  N  N   . PRO A 1 20  ? 9.197   -2.629  4.594   1.00 10.82 ? 20  PRO A N   1 
ATOM   142  C  CA  . PRO A 1 20  ? 8.122   -3.414  3.937   1.00 9.59  ? 20  PRO A CA  1 
ATOM   143  C  C   . PRO A 1 20  ? 7.275   -4.334  4.817   1.00 9.38  ? 20  PRO A C   1 
ATOM   144  O  O   . PRO A 1 20  ? 6.047   -4.378  4.686   1.00 8.52  ? 20  PRO A O   1 
ATOM   145  C  CB  . PRO A 1 20  ? 8.792   -3.961  2.717   1.00 10.23 ? 20  PRO A CB  1 
ATOM   146  C  CG  . PRO A 1 20  ? 10.291  -3.983  2.952   1.00 13.55 ? 20  PRO A CG  1 
ATOM   147  C  CD  . PRO A 1 20  ? 10.509  -2.952  4.054   1.00 11.30 ? 20  PRO A CD  1 
ATOM   148  N  N   . VAL A 1 21  ? 7.943   -5.059  5.699   1.00 9.54  ? 21  VAL A N   1 
ATOM   149  C  CA  . VAL A 1 21  ? 7.233   -6.115  6.537   1.00 12.41 ? 21  VAL A CA  1 
ATOM   150  C  C   . VAL A 1 21  ? 6.226   -5.387  7.418   1.00 7.76  ? 21  VAL A C   1 
ATOM   151  O  O   . VAL A 1 21  ? 5.081   -5.829  7.573   1.00 9.43  ? 21  VAL A O   1 
ATOM   152  C  CB  . VAL A 1 21  ? 8.284   -6.826  7.355   1.00 10.00 ? 21  VAL A CB  1 
ATOM   153  C  CG1 . VAL A 1 21  ? 7.739   -7.431  8.667   1.00 13.85 ? 21  VAL A CG1 1 
ATOM   154  C  CG2 . VAL A 1 21  ? 9.041   -7.830  6.530   1.00 9.95  ? 21  VAL A CG2 1 
ATOM   155  N  N   . GLY A 1 22  ? 6.663   -4.284  7.987   1.00 9.91  ? 22  GLY A N   1 
ATOM   156  C  CA  . GLY A 1 22  ? 5.827   -3.539  8.934   1.00 10.74 ? 22  GLY A CA  1 
ATOM   157  C  C   . GLY A 1 22  ? 4.598   -2.940  8.253   1.00 11.12 ? 22  GLY A C   1 
ATOM   158  O  O   . GLY A 1 22  ? 3.534   -2.810  8.867   1.00 9.41  ? 22  GLY A O   1 
ATOM   159  N  N   . ILE A 1 23  ? 4.762   -2.588  6.995   1.00 11.72 ? 23  ILE A N   1 
ATOM   160  C  CA  . ILE A 1 23  ? 3.698   -1.889  6.260   1.00 10.43 ? 23  ILE A CA  1 
ATOM   161  C  C   . ILE A 1 23  ? 2.666   -2.970  5.936   1.00 10.67 ? 23  ILE A C   1 
ATOM   162  O  O   . ILE A 1 23  ? 1.455   -2.732  6.023   1.00 9.21  ? 23  ILE A O   1 
ATOM   163  C  CB  . ILE A 1 23  ? 4.234   -1.239  4.960   1.00 9.10  ? 23  ILE A CB  1 
ATOM   164  C  CG1 . ILE A 1 23  ? 5.042   0.062   5.223   1.00 11.96 ? 23  ILE A CG1 1 
ATOM   165  C  CG2 . ILE A 1 23  ? 2.955   -1.077  4.137   1.00 9.90  ? 23  ILE A CG2 1 
ATOM   166  C  CD1 . ILE A 1 23  ? 5.940   0.493   4.038   1.00 10.02 ? 23  ILE A CD1 1 
ATOM   167  N  N   . LEU A 1 24  ? 3.155   -4.143  5.568   1.00 12.71 ? 24  LEU A N   1 
ATOM   168  C  CA  . LEU A 1 24  ? 2.276   -5.230  5.114   1.00 12.41 ? 24  LEU A CA  1 
ATOM   169  C  C   . LEU A 1 24  ? 1.520   -5.782  6.324   1.00 9.18  ? 24  LEU A C   1 
ATOM   170  O  O   . LEU A 1 24  ? 0.334   -6.124  6.230   1.00 9.74  ? 24  LEU A O   1 
ATOM   171  C  CB  . LEU A 1 24  ? 3.102   -6.334  4.431   1.00 10.40 ? 24  LEU A CB  1 
ATOM   172  C  CG  . LEU A 1 24  ? 2.362   -7.489  3.815   1.00 16.06 ? 24  LEU A CG  1 
ATOM   173  C  CD1 . LEU A 1 24  ? 1.369   -6.977  2.821   1.00 17.61 ? 24  LEU A CD1 1 
ATOM   174  C  CD2 . LEU A 1 24  ? 3.329   -8.426  3.148   1.00 16.95 ? 24  LEU A CD2 1 
ATOM   175  N  N   . TYR A 1 25  ? 2.216   -5.861  7.443   1.00 10.99 ? 25  TYR A N   1 
ATOM   176  C  CA  . TYR A 1 25  ? 1.571   -6.217  8.717   1.00 10.67 ? 25  TYR A CA  1 
ATOM   177  C  C   . TYR A 1 25  ? 0.398   -5.297  9.051   1.00 11.24 ? 25  TYR A C   1 
ATOM   178  O  O   . TYR A 1 25  ? -0.686  -5.758  9.427   1.00 9.02  ? 25  TYR A O   1 
ATOM   179  C  CB  . TYR A 1 25  ? 2.623   -6.173  9.838   1.00 8.64  ? 25  TYR A CB  1 
ATOM   180  C  CG  . TYR A 1 25  ? 2.068   -6.290  11.262  1.00 13.08 ? 25  TYR A CG  1 
ATOM   181  C  CD1 . TYR A 1 25  ? 1.825   -7.577  11.767  1.00 11.87 ? 25  TYR A CD1 1 
ATOM   182  C  CD2 . TYR A 1 25  ? 1.744   -5.183  12.000  1.00 13.88 ? 25  TYR A CD2 1 
ATOM   183  C  CE1 . TYR A 1 25  ? 1.288   -7.702  13.115  1.00 11.37 ? 25  TYR A CE1 1 
ATOM   184  C  CE2 . TYR A 1 25  ? 1.216   -5.294  13.321  1.00 30.48 ? 25  TYR A CE2 1 
ATOM   185  C  CZ  . TYR A 1 25  ? 0.975   -6.587  13.806  1.00 16.86 ? 25  TYR A CZ  1 
ATOM   186  O  OH  . TYR A 1 25  ? 0.443   -6.704  15.072  1.00 19.96 ? 25  TYR A OH  1 
ATOM   187  N  N   . ALA A 1 26  ? 0.633   -4.010  8.912   1.00 9.33  ? 26  ALA A N   1 
ATOM   188  C  CA  . ALA A 1 26  ? -0.422  -3.019  9.171   1.00 10.00 ? 26  ALA A CA  1 
ATOM   189  C  C   . ALA A 1 26  ? -1.650  -3.198  8.279   1.00 12.56 ? 26  ALA A C   1 
ATOM   190  O  O   . ALA A 1 26  ? -2.790  -3.016  8.725   1.00 10.45 ? 26  ALA A O   1 
ATOM   191  C  CB  . ALA A 1 26  ? 0.148   -1.630  8.844   1.00 10.48 ? 26  ALA A CB  1 
ATOM   192  N  N   . VAL A 1 27  ? -1.402  -3.554  7.033   1.00 10.37 ? 27  VAL A N   1 
ATOM   193  C  CA  . VAL A 1 27  ? -2.496  -3.798  6.084   1.00 10.51 ? 27  VAL A CA  1 
ATOM   194  C  C   . VAL A 1 27  ? -3.299  -5.060  6.409   1.00 9.23  ? 27  VAL A C   1 
ATOM   195  O  O   . VAL A 1 27  ? -4.535  -5.024  6.472   1.00 10.50 ? 27  VAL A O   1 
ATOM   196  C  CB  . VAL A 1 27  ? -1.930  -3.912  4.681   1.00 10.96 ? 27  VAL A CB  1 
ATOM   197  C  CG1 . VAL A 1 27  ? -2.886  -4.529  3.670   1.00 12.41 ? 27  VAL A CG1 1 
ATOM   198  C  CG2 . VAL A 1 27  ? -1.328  -2.613  4.211   1.00 14.89 ? 27  VAL A CG2 1 
ATOM   199  N  N   . PHE A 1 28  ? -2.588  -6.155  6.609   1.00 11.05 ? 28  PHE A N   1 
ATOM   200  C  CA  . PHE A 1 28  ? -3.230  -7.415  7.021   1.00 11.67 ? 28  PHE A CA  1 
ATOM   201  C  C   . PHE A 1 28  ? -4.016  -7.304  8.328   1.00 10.12 ? 28  PHE A C   1 
ATOM   202  O  O   . PHE A 1 28  ? -5.063  -7.938  8.494   1.00 10.74 ? 28  PHE A O   1 
ATOM   203  C  CB  . PHE A 1 28  ? -2.171  -8.489  7.166   1.00 11.38 ? 28  PHE A CB  1 
ATOM   204  C  CG  . PHE A 1 28  ? -1.714  -9.163  5.905   1.00 10.17 ? 28  PHE A CG  1 
ATOM   205  C  CD1 . PHE A 1 28  ? -2.169  -8.714  4.750   1.00 8.75  ? 28  PHE A CD1 1 
ATOM   206  C  CD2 . PHE A 1 28  ? -0.775  -10.159 5.916   1.00 10.79 ? 28  PHE A CD2 1 
ATOM   207  C  CE1 . PHE A 1 28  ? -1.764  -9.303  3.520   1.00 12.86 ? 28  PHE A CE1 1 
ATOM   208  C  CE2 . PHE A 1 28  ? -0.332  -10.713 4.688   1.00 10.74 ? 28  PHE A CE2 1 
ATOM   209  C  CZ  . PHE A 1 28  ? -0.852  -10.305 3.534   1.00 11.13 ? 28  PHE A CZ  1 
ATOM   210  N  N   . LYS A 1 29  ? -3.499  -6.500  9.235   1.00 10.28 ? 29  LYS A N   1 
ATOM   211  C  CA  . LYS A 1 29  ? -4.160  -6.298  10.532  1.00 10.10 ? 29  LYS A CA  1 
ATOM   212  C  C   . LYS A 1 29  ? -5.453  -5.491  10.440  1.00 13.06 ? 29  LYS A C   1 
ATOM   213  O  O   . LYS A 1 29  ? -6.417  -5.745  11.173  1.00 11.29 ? 29  LYS A O   1 
ATOM   214  C  CB  . LYS A 1 29  ? -3.248  -5.569  11.512  1.00 13.68 ? 29  LYS A CB  1 
ATOM   215  C  CG  . LYS A 1 29  ? -3.296  -6.097  12.931  1.00 30.53 ? 29  LYS A CG  1 
ATOM   216  C  CD  . LYS A 1 29  ? -3.215  -4.956  13.942  1.00 17.72 ? 29  LYS A CD  1 
ATOM   217  C  CE  . LYS A 1 29  ? -2.017  -4.058  13.675  0.00 0.00  ? 29  LYS A CE  1 
ATOM   218  N  NZ  . LYS A 1 29  ? -2.188  -2.744  14.334  0.00 0.00  ? 29  LYS A NZ  1 
ATOM   219  N  N   . ALA A 1 30  ? -5.458  -4.530  9.541   1.00 11.02 ? 30  ALA A N   1 
ATOM   220  C  CA  . ALA A 1 30  ? -6.666  -3.733  9.288   1.00 10.34 ? 30  ALA A CA  1 
ATOM   221  C  C   . ALA A 1 30  ? -7.807  -4.540  8.663   1.00 11.00 ? 30  ALA A C   1 
ATOM   222  O  O   . ALA A 1 30  ? -8.974  -4.266  8.904   1.00 10.97 ? 30  ALA A O   1 
ATOM   223  C  CB  . ALA A 1 30  ? -6.308  -2.631  8.281   1.00 10.80 ? 30  ALA A CB  1 
ATOM   224  N  N   . ASP A 1 31  ? -7.437  -5.526  7.867   1.00 9.77  ? 31  ASP A N   1 
ATOM   225  C  CA  . ASP A 1 31  ? -8.423  -6.368  7.214   1.00 12.07 ? 31  ASP A CA  1 
ATOM   226  C  C   . ASP A 1 31  ? -7.915  -7.786  6.956   1.00 10.85 ? 31  ASP A C   1 
ATOM   227  O  O   . ASP A 1 31  ? -7.287  -8.051  5.923   1.00 10.60 ? 31  ASP A O   1 
ATOM   228  C  CB  . ASP A 1 31  ? -8.844  -5.716  5.893   1.00 10.38 ? 31  ASP A CB  1 
ATOM   229  C  CG  . ASP A 1 31  ? -9.943  -6.492  5.229   1.00 10.54 ? 31  ASP A CG  1 
ATOM   230  O  OD1 . ASP A 1 31  ? -10.356 -7.571  5.609   1.00 8.79  ? 31  ASP A OD1 1 
ATOM   231  O  OD2 . ASP A 1 31  ? -10.460 -5.951  4.297   1.00 10.07 ? 31  ASP A OD2 1 
ATOM   232  N  N   . PRO A 1 32  ? -8.214  -8.682  7.856   1.00 10.07 ? 32  PRO A N   1 
ATOM   233  C  CA  . PRO A 1 32  ? -7.818  -10.104 7.700   1.00 9.94  ? 32  PRO A CA  1 
ATOM   234  C  C   . PRO A 1 32  ? -8.275  -10.864 6.488   1.00 8.92  ? 32  PRO A C   1 
ATOM   235  O  O   . PRO A 1 32  ? -7.739  -11.929 6.159   1.00 8.99  ? 32  PRO A O   1 
ATOM   236  C  CB  . PRO A 1 32  ? -7.947  -10.658 9.074   1.00 14.01 ? 32  PRO A CB  1 
ATOM   237  C  CG  . PRO A 1 32  ? -8.891  -9.772  9.860   1.00 18.00 ? 32  PRO A CG  1 
ATOM   238  C  CD  . PRO A 1 32  ? -8.824  -8.425  9.150   1.00 12.60 ? 32  PRO A CD  1 
ATOM   239  N  N   . SER A 1 33  ? -9.268  -10.310 5.815   1.00 9.42  ? 33  SER A N   1 
ATOM   240  C  CA  . SER A 1 33  ? -9.777  -10.912 4.572   1.00 11.90 ? 33  SER A CA  1 
ATOM   241  C  C   . SER A 1 33  ? -8.828  -10.694 3.396   1.00 11.30 ? 33  SER A C   1 
ATOM   242  O  O   . SER A 1 33  ? -8.872  -11.426 2.400   1.00 9.97  ? 33  SER A O   1 
ATOM   243  C  CB  . SER A 1 33  ? -11.123 -10.326 4.216   1.00 11.48 ? 33  SER A CB  1 
ATOM   244  O  OG  . SER A 1 33  ? -11.000 -9.091  3.518   1.00 9.77  ? 33  SER A OG  1 
ATOM   245  N  N   . ILE A 1 34  ? -7.986  -9.696  3.526   1.00 10.90 ? 34  ILE A N   1 
ATOM   246  C  CA  . ILE A 1 34  ? -6.871  -9.521  2.586   1.00 9.92  ? 34  ILE A CA  1 
ATOM   247  C  C   . ILE A 1 34  ? -5.835  -10.628 2.788   1.00 9.69  ? 34  ILE A C   1 
ATOM   248  O  O   . ILE A 1 34  ? -5.393  -11.266 1.825   1.00 10.20 ? 34  ILE A O   1 
ATOM   249  C  CB  . ILE A 1 34  ? -6.161  -8.156  2.789   1.00 15.31 ? 34  ILE A CB  1 
ATOM   250  C  CG1 . ILE A 1 34  ? -7.094  -6.944  2.525   1.00 11.17 ? 34  ILE A CG1 1 
ATOM   251  C  CG2 . ILE A 1 34  ? -4.949  -8.287  1.866   1.00 12.76 ? 34  ILE A CG2 1 
ATOM   252  C  CD1 . ILE A 1 34  ? -6.389  -5.571  2.653   1.00 14.04 ? 34  ILE A CD1 1 
ATOM   253  N  N   . MET A 1 35  ? -5.462  -10.835 4.032   1.00 10.17 ? 35  MET A N   1 
ATOM   254  C  CA  . MET A 1 35  ? -4.563  -11.942 4.374   1.00 11.56 ? 35  MET A CA  1 
ATOM   255  C  C   . MET A 1 35  ? -5.044  -13.325 3.936   1.00 10.29 ? 35  MET A C   1 
ATOM   256  O  O   . MET A 1 35  ? -4.249  -14.156 3.477   1.00 11.93 ? 35  MET A O   1 
ATOM   257  C  CB  . MET A 1 35  ? -4.342  -11.994 5.908   1.00 11.21 ? 35  MET A CB  1 
ATOM   258  C  CG  . MET A 1 35  ? -3.307  -13.027 6.251   1.00 12.14 ? 35  MET A CG  1 
ATOM   259  S  SD  . MET A 1 35  ? -2.756  -12.841 7.922   1.00 13.25 ? 35  MET A SD  1 
ATOM   260  C  CE  . MET A 1 35  ? -3.934  -13.884 8.723   1.00 17.67 ? 35  MET A CE  1 
ATOM   261  N  N   . ALA A 1 36  ? -6.340  -13.555 4.078   1.00 12.22 ? 36  ALA A N   1 
ATOM   262  C  CA  . ALA A 1 36  ? -6.944  -14.817 3.629   1.00 13.87 ? 36  ALA A CA  1 
ATOM   263  C  C   . ALA A 1 36  ? -6.950  -15.183 2.143   1.00 17.54 ? 36  ALA A C   1 
ATOM   264  O  O   . ALA A 1 36  ? -7.249  -16.324 1.772   1.00 14.32 ? 36  ALA A O   1 
ATOM   265  C  CB  . ALA A 1 36  ? -8.419  -14.723 4.051   1.00 13.17 ? 36  ALA A CB  1 
ATOM   266  N  N   . LYS A 1 37  ? -6.624  -14.217 1.315   1.00 13.05 ? 37  LYS A N   1 
ATOM   267  C  CA  . LYS A 1 37  ? -6.405  -14.477 -0.114  1.00 10.84 ? 37  LYS A CA  1 
ATOM   268  C  C   . LYS A 1 37  ? -5.049  -15.064 -0.494  1.00 13.50 ? 37  LYS A C   1 
ATOM   269  O  O   . LYS A 1 37  ? -4.853  -15.535 -1.621  1.00 13.57 ? 37  LYS A O   1 
ATOM   270  C  CB  . LYS A 1 37  ? -6.546  -13.202 -0.938  1.00 16.49 ? 37  LYS A CB  1 
ATOM   271  C  CG  . LYS A 1 37  ? -7.919  -12.564 -0.886  1.00 18.42 ? 37  LYS A CG  1 
ATOM   272  C  CD  . LYS A 1 37  ? -8.556  -12.538 -2.265  1.00 31.08 ? 37  LYS A CD  1 
ATOM   273  C  CE  . LYS A 1 37  ? -9.632  -11.472 -2.361  0.00 0.00  ? 37  LYS A CE  1 
ATOM   274  N  NZ  . LYS A 1 37  ? -10.811 -11.983 -3.092  0.00 0.00  ? 37  LYS A NZ  1 
ATOM   275  N  N   . PHE A 1 38  ? -4.132  -15.031 0.446   1.00 13.33 ? 38  PHE A N   1 
ATOM   276  C  CA  . PHE A 1 38  ? -2.786  -15.564 0.209   1.00 12.49 ? 38  PHE A CA  1 
ATOM   277  C  C   . PHE A 1 38  ? -2.761  -16.996 0.747   1.00 19.71 ? 38  PHE A C   1 
ATOM   278  O  O   . PHE A 1 38  ? -2.930  -17.220 1.954   1.00 12.52 ? 38  PHE A O   1 
ATOM   279  C  CB  . PHE A 1 38  ? -1.763  -14.664 0.891   1.00 14.89 ? 38  PHE A CB  1 
ATOM   280  C  CG  . PHE A 1 38  ? -1.488  -13.281 0.379   1.00 11.70 ? 38  PHE A CG  1 
ATOM   281  C  CD1 . PHE A 1 38  ? -2.405  -12.306 0.584   1.00 12.79 ? 38  PHE A CD1 1 
ATOM   282  C  CD2 . PHE A 1 38  ? -0.299  -12.951 -0.224  1.00 17.23 ? 38  PHE A CD2 1 
ATOM   283  C  CE1 . PHE A 1 38  ? -2.198  -10.970 0.133   1.00 14.41 ? 38  PHE A CE1 1 
ATOM   284  C  CE2 . PHE A 1 38  ? -0.080  -11.592 -0.635  1.00 16.44 ? 38  PHE A CE2 1 
ATOM   285  C  CZ  . PHE A 1 38  ? -1.033  -10.653 -0.481  1.00 11.95 ? 38  PHE A CZ  1 
ATOM   286  N  N   . THR A 1 39  ? -2.551  -17.943 -0.156  1.00 16.70 ? 39  THR A N   1 
ATOM   287  C  CA  . THR A 1 39  ? -2.598  -19.366 0.214   1.00 16.74 ? 39  THR A CA  1 
ATOM   288  C  C   . THR A 1 39  ? -1.514  -19.641 1.252   1.00 28.67 ? 39  THR A C   1 
ATOM   289  O  O   . THR A 1 39  ? -1.677  -20.495 2.133   1.00 20.87 ? 39  THR A O   1 
ATOM   290  C  CB  . THR A 1 39  ? -2.411  -20.179 -1.080  1.00 14.16 ? 39  THR A CB  1 
ATOM   291  O  OG1 . THR A 1 39  ? -1.022  -20.064 -1.362  1.00 25.10 ? 39  THR A OG1 1 
ATOM   292  C  CG2 . THR A 1 39  ? -3.226  -19.639 -2.221  1.00 40.29 ? 39  THR A CG2 1 
ATOM   293  N  N   . GLN A 1 40  ? -0.426  -18.917 1.135   1.00 16.41 ? 40  GLN A N   1 
ATOM   294  C  CA  . GLN A 1 40  ? 0.682   -19.068 2.083   1.00 17.63 ? 40  GLN A CA  1 
ATOM   295  C  C   . GLN A 1 40  ? 0.500   -18.548 3.502   1.00 14.84 ? 40  GLN A C   1 
ATOM   296  O  O   . GLN A 1 40  ? 1.195   -18.980 4.432   1.00 16.94 ? 40  GLN A O   1 
ATOM   297  C  CB  . GLN A 1 40  ? 1.891   -18.382 1.507   1.00 22.68 ? 40  GLN A CB  1 
ATOM   298  C  CG  . GLN A 1 40  ? 3.097   -18.558 2.317   0.00 0.00  ? 40  GLN A CG  1 
ATOM   299  C  CD  . GLN A 1 40  ? 3.477   -20.015 2.603   0.00 0.00  ? 40  GLN A CD  1 
ATOM   300  O  OE1 . GLN A 1 40  ? 3.458   -20.414 3.803   0.00 0.00  ? 40  GLN A OE1 1 
ATOM   301  N  NE2 . GLN A 1 40  ? 3.855   -20.740 1.623   0.00 0.00  ? 40  GLN A NE2 1 
ATOM   302  N  N   . PHE A 1 41  ? -0.432  -17.631 3.652   1.00 16.39 ? 41  PHE A N   1 
ATOM   303  C  CA  . PHE A 1 41  ? -0.780  -17.120 4.984   1.00 14.14 ? 41  PHE A CA  1 
ATOM   304  C  C   . PHE A 1 41  ? -2.160  -17.397 5.580   1.00 11.49 ? 41  PHE A C   1 
ATOM   305  O  O   . PHE A 1 41  ? -2.396  -17.205 6.745   1.00 13.53 ? 41  PHE A O   1 
ATOM   306  C  CB  . PHE A 1 41  ? -0.620  -15.609 4.998   1.00 13.33 ? 41  PHE A CB  1 
ATOM   307  C  CG  . PHE A 1 41  ? 0.704   -15.163 4.442   1.00 11.23 ? 41  PHE A CG  1 
ATOM   308  C  CD1 . PHE A 1 41  ? 0.746   -14.100 3.604   1.00 15.10 ? 41  PHE A CD1 1 
ATOM   309  C  CD2 . PHE A 1 41  ? 1.870   -15.745 4.789   1.00 13.28 ? 41  PHE A CD2 1 
ATOM   310  C  CE1 . PHE A 1 41  ? 1.971   -13.621 3.057   1.00 17.49 ? 41  PHE A CE1 1 
ATOM   311  C  CE2 . PHE A 1 41  ? 3.101   -15.224 4.266   1.00 16.80 ? 41  PHE A CE2 1 
ATOM   312  C  CZ  . PHE A 1 41  ? 3.131   -14.211 3.415   1.00 15.43 ? 41  PHE A CZ  1 
ATOM   313  N  N   . ALA A 1 42  ? -3.071  -17.850 4.728   1.00 13.21 ? 42  ALA A N   1 
ATOM   314  C  CA  . ALA A 1 42  ? -4.461  -18.073 5.151   1.00 12.79 ? 42  ALA A CA  1 
ATOM   315  C  C   . ALA A 1 42  ? -4.442  -19.099 6.285   1.00 16.14 ? 42  ALA A C   1 
ATOM   316  O  O   . ALA A 1 42  ? -3.682  -20.075 6.248   1.00 18.83 ? 42  ALA A O   1 
ATOM   317  C  CB  . ALA A 1 42  ? -5.275  -18.711 4.017   1.00 15.06 ? 42  ALA A CB  1 
ATOM   318  N  N   . GLY A 1 43  ? -5.276  -18.863 7.279   1.00 14.19 ? 43  GLY A N   1 
ATOM   319  C  CA  . GLY A 1 43  ? -5.311  -19.731 8.438   1.00 13.07 ? 43  GLY A CA  1 
ATOM   320  C  C   . GLY A 1 43  ? -4.168  -19.787 9.451   1.00 16.22 ? 43  GLY A C   1 
ATOM   321  O  O   . GLY A 1 43  ? -4.090  -20.711 10.273  1.00 17.16 ? 43  GLY A O   1 
ATOM   322  N  N   . LYS A 1 44  ? -3.299  -18.804 9.379   1.00 15.03 ? 44  LYS A N   1 
ATOM   323  C  CA  . LYS A 1 44  ? -2.184  -18.706 10.337  1.00 18.85 ? 44  LYS A CA  1 
ATOM   324  C  C   . LYS A 1 44  ? -2.310  -17.433 11.169  1.00 9.99  ? 44  LYS A C   1 
ATOM   325  O  O   . LYS A 1 44  ? -3.207  -16.608 10.939  1.00 12.18 ? 44  LYS A O   1 
ATOM   326  C  CB  . LYS A 1 44  ? -0.838  -18.701 9.618   1.00 16.98 ? 44  LYS A CB  1 
ATOM   327  C  CG  . LYS A 1 44  ? -0.595  -19.897 8.721   1.00 22.28 ? 44  LYS A CG  1 
ATOM   328  C  CD  . LYS A 1 44  ? 0.901   -20.105 8.486   1.00 28.10 ? 44  LYS A CD  1 
ATOM   329  C  CE  . LYS A 1 44  ? 1.164   -21.365 7.682   0.00 0.00  ? 44  LYS A CE  1 
ATOM   330  N  NZ  . LYS A 1 44  ? 2.615   -21.576 7.497   0.00 0.00  ? 44  LYS A NZ  1 
ATOM   331  N  N   . ASP A 1 45  ? -1.412  -17.291 12.127  1.00 11.90 ? 45  ASP A N   1 
ATOM   332  C  CA  . ASP A 1 45  ? -1.554  -16.252 13.146  1.00 9.32  ? 45  ASP A CA  1 
ATOM   333  C  C   . ASP A 1 45  ? -0.638  -15.174 12.570  1.00 10.54 ? 45  ASP A C   1 
ATOM   334  O  O   . ASP A 1 45  ? 0.560   -15.406 12.353  1.00 9.53  ? 45  ASP A O   1 
ATOM   335  C  CB  . ASP A 1 45  ? -1.143  -16.802 14.527  1.00 10.28 ? 45  ASP A CB  1 
ATOM   336  C  CG  . ASP A 1 45  ? -0.653  -15.703 15.435  1.00 10.07 ? 45  ASP A CG  1 
ATOM   337  O  OD1 . ASP A 1 45  ? 0.381   -15.740 16.079  1.00 11.83 ? 45  ASP A OD1 1 
ATOM   338  O  OD2 . ASP A 1 45  ? -1.326  -14.708 15.454  1.00 10.96 ? 45  ASP A OD2 1 
ATOM   339  N  N   . LEU A 1 46  ? -1.213  -14.015 12.332  1.00 11.45 ? 46  LEU A N   1 
ATOM   340  C  CA  . LEU A 1 46  ? -0.453  -12.908 11.746  1.00 11.48 ? 46  LEU A CA  1 
ATOM   341  C  C   . LEU A 1 46  ? 0.805   -12.595 12.554  1.00 10.38 ? 46  LEU A C   1 
ATOM   342  O  O   . LEU A 1 46  ? 1.875   -12.334 11.986  1.00 9.88  ? 46  LEU A O   1 
ATOM   343  C  CB  . LEU A 1 46  ? -1.331  -11.642 11.667  1.00 9.15  ? 46  LEU A CB  1 
ATOM   344  C  CG  . LEU A 1 46  ? -0.669  -10.343 11.249  1.00 10.00 ? 46  LEU A CG  1 
ATOM   345  C  CD1 . LEU A 1 46  ? -0.115  -10.487 9.852   1.00 12.97 ? 46  LEU A CD1 1 
ATOM   346  C  CD2 . LEU A 1 46  ? -1.656  -9.200  11.292  1.00 14.25 ? 46  LEU A CD2 1 
ATOM   347  N  N   . GLU A 1 47  ? 0.657   -12.627 13.867  1.00 11.94 ? 47  GLU A N   1 
ATOM   348  C  CA  . GLU A 1 47  ? 1.769   -12.282 14.760  1.00 12.53 ? 47  GLU A CA  1 
ATOM   349  C  C   . GLU A 1 47  ? 2.922   -13.276 14.651  1.00 15.43 ? 47  GLU A C   1 
ATOM   350  O  O   . GLU A 1 47  ? 4.089   -12.922 14.883  1.00 18.86 ? 47  GLU A O   1 
ATOM   351  C  CB  . GLU A 1 47  ? 1.330   -12.246 16.249  1.00 16.02 ? 47  GLU A CB  1 
ATOM   352  C  CG  . GLU A 1 47  ? 0.309   -11.161 16.642  1.00 17.63 ? 47  GLU A CG  1 
ATOM   353  C  CD  . GLU A 1 47  ? 0.692   -9.691  16.207  1.00 15.82 ? 47  GLU A CD  1 
ATOM   354  O  OE1 . GLU A 1 47  ? -0.114  -8.937  15.750  1.00 19.51 ? 47  GLU A OE1 1 
ATOM   355  O  OE2 . GLU A 1 47  ? 1.891   -9.526  16.433  1.00 23.72 ? 47  GLU A OE2 1 
ATOM   356  N  N   . SER A 1 48  ? 2.582   -14.506 14.301  1.00 12.86 ? 48  SER A N   1 
ATOM   357  C  CA  . SER A 1 48  ? 3.603   -15.525 14.022  1.00 16.68 ? 48  SER A CA  1 
ATOM   358  C  C   . SER A 1 48  ? 4.308   -15.635 12.671  1.00 22.51 ? 48  SER A C   1 
ATOM   359  O  O   . SER A 1 48  ? 5.447   -16.108 12.585  1.00 18.84 ? 48  SER A O   1 
ATOM   360  C  CB  . SER A 1 48  ? 3.039   -16.913 14.212  1.00 13.50 ? 48  SER A CB  1 
ATOM   361  O  OG  . SER A 1 48  ? 2.625   -17.135 15.553  1.00 19.29 ? 48  SER A OG  1 
ATOM   362  N  N   . ILE A 1 49  ? 3.618   -15.198 11.637  1.00 13.21 ? 49  ILE A N   1 
ATOM   363  C  CA  . ILE A 1 49  ? 4.209   -15.172 10.294  1.00 16.60 ? 49  ILE A CA  1 
ATOM   364  C  C   . ILE A 1 49  ? 4.930   -13.876 9.931   1.00 13.12 ? 49  ILE A C   1 
ATOM   365  O  O   . ILE A 1 49  ? 5.723   -13.836 8.984   1.00 12.23 ? 49  ILE A O   1 
ATOM   366  C  CB  . ILE A 1 49  ? 3.139   -15.359 9.189   1.00 13.47 ? 49  ILE A CB  1 
ATOM   367  C  CG1 . ILE A 1 49  ? 2.134   -14.179 9.120   1.00 18.03 ? 49  ILE A CG1 1 
ATOM   368  C  CG2 . ILE A 1 49  ? 2.553   -16.724 9.547   1.00 19.14 ? 49  ILE A CG2 1 
ATOM   369  C  CD1 . ILE A 1 49  ? 1.052   -14.348 8.030   1.00 13.00 ? 49  ILE A CD1 1 
ATOM   370  N  N   . LYS A 1 50  ? 4.642   -12.840 10.688  1.00 14.58 ? 50  LYS A N   1 
ATOM   371  C  CA  . LYS A 1 50  ? 5.257   -11.537 10.442  1.00 11.22 ? 50  LYS A CA  1 
ATOM   372  C  C   . LYS A 1 50  ? 6.774   -11.483 10.316  1.00 27.45 ? 50  LYS A C   1 
ATOM   373  O  O   . LYS A 1 50  ? 7.317   -10.728 9.494   1.00 17.26 ? 50  LYS A O   1 
ATOM   374  C  CB  . LYS A 1 50  ? 4.919   -10.538 11.542  1.00 14.17 ? 50  LYS A CB  1 
ATOM   375  C  CG  . LYS A 1 50  ? 5.524   -9.159  11.360  1.00 20.24 ? 50  LYS A CG  1 
ATOM   376  C  CD  . LYS A 1 50  ? 5.805   -8.498  12.706  1.00 43.18 ? 50  LYS A CD  1 
ATOM   377  C  CE  . LYS A 1 50  ? 5.797   -6.977  12.598  1.00 43.18 ? 50  LYS A CE  1 
ATOM   378  N  NZ  . LYS A 1 50  ? 6.089   -6.354  13.906  0.00 0.00  ? 50  LYS A NZ  1 
ATOM   379  N  N   . GLY A 1 51  ? 7.438   -12.281 11.130  1.00 16.79 ? 51  GLY A N   1 
ATOM   380  C  CA  . GLY A 1 51  ? 8.892   -12.443 11.012  1.00 18.77 ? 51  GLY A CA  1 
ATOM   381  C  C   . GLY A 1 51  ? 9.541   -13.563 10.197  1.00 15.27 ? 51  GLY A C   1 
ATOM   382  O  O   . GLY A 1 51  ? 10.728  -13.872 10.376  1.00 20.89 ? 51  GLY A O   1 
ATOM   383  N  N   . THR A 1 52  ? 8.755   -14.155 9.313   1.00 14.00 ? 52  THR A N   1 
ATOM   384  C  CA  . THR A 1 52  ? 9.243   -15.271 8.490   1.00 13.68 ? 52  THR A CA  1 
ATOM   385  C  C   . THR A 1 52  ? 9.623   -14.868 7.067   1.00 17.60 ? 52  THR A C   1 
ATOM   386  O  O   . THR A 1 52  ? 9.222   -13.798 6.581   1.00 12.00 ? 52  THR A O   1 
ATOM   387  C  CB  . THR A 1 52  ? 8.140   -16.343 8.470   1.00 15.76 ? 52  THR A CB  1 
ATOM   388  O  OG1 . THR A 1 52  ? 7.099   -15.754 7.696   1.00 12.58 ? 52  THR A OG1 1 
ATOM   389  C  CG2 . THR A 1 52  ? 7.642   -16.680 9.849   1.00 17.15 ? 52  THR A CG2 1 
ATOM   390  N  N   . ALA A 1 53  ? 10.393  -15.728 6.420   1.00 13.63 ? 53  ALA A N   1 
ATOM   391  C  CA  . ALA A 1 53  ? 10.949  -15.396 5.105   1.00 11.55 ? 53  ALA A CA  1 
ATOM   392  C  C   . ALA A 1 53  ? 9.936   -15.194 3.979   1.00 11.13 ? 53  ALA A C   1 
ATOM   393  O  O   . ALA A 1 53  ? 10.112  -14.319 3.116   1.00 12.48 ? 53  ALA A O   1 
ATOM   394  C  CB  . ALA A 1 53  ? 11.824  -16.586 4.682   1.00 13.39 ? 53  ALA A CB  1 
ATOM   395  N  N   . PRO A 1 54  ? 8.888   -16.003 4.005   1.00 14.08 ? 54  PRO A N   1 
ATOM   396  C  CA  . PRO A 1 54  ? 7.776   -15.830 3.057   1.00 12.12 ? 54  PRO A CA  1 
ATOM   397  C  C   . PRO A 1 54  ? 7.038   -14.496 3.146   1.00 10.67 ? 54  PRO A C   1 
ATOM   398  O  O   . PRO A 1 54  ? 6.665   -13.908 2.162   1.00 10.13 ? 54  PRO A O   1 
ATOM   399  C  CB  . PRO A 1 54  ? 6.935   -17.044 3.255   1.00 19.62 ? 54  PRO A CB  1 
ATOM   400  C  CG  . PRO A 1 54  ? 7.869   -18.105 3.798   1.00 31.58 ? 54  PRO A CG  1 
ATOM   401  C  CD  . PRO A 1 54  ? 8.896   -17.323 4.610   1.00 20.19 ? 54  PRO A CD  1 
ATOM   402  N  N   . PHE A 1 55  ? 6.851   -14.036 4.369   1.00 11.37 ? 55  PHE A N   1 
ATOM   403  C  CA  . PHE A 1 55  ? 6.197   -12.742 4.593   1.00 10.15 ? 55  PHE A CA  1 
ATOM   404  C  C   . PHE A 1 55  ? 7.035   -11.605 4.021   1.00 8.03  ? 55  PHE A C   1 
ATOM   405  O  O   . PHE A 1 55  ? 6.502   -10.677 3.394   1.00 8.95  ? 55  PHE A O   1 
ATOM   406  C  CB  . PHE A 1 55  ? 5.970   -12.545 6.079   1.00 10.94 ? 55  PHE A CB  1 
ATOM   407  C  CG  . PHE A 1 55  ? 5.006   -11.463 6.464   1.00 10.26 ? 55  PHE A CG  1 
ATOM   408  C  CD1 . PHE A 1 55  ? 3.702   -11.771 6.605   1.00 13.68 ? 55  PHE A CD1 1 
ATOM   409  C  CD2 . PHE A 1 55  ? 5.422   -10.186 6.755   1.00 11.81 ? 55  PHE A CD2 1 
ATOM   410  C  CE1 . PHE A 1 55  ? 2.737   -10.795 6.985   1.00 8.75  ? 55  PHE A CE1 1 
ATOM   411  C  CE2 . PHE A 1 55  ? 4.450   -9.220  7.179   1.00 9.66  ? 55  PHE A CE2 1 
ATOM   412  C  CZ  . PHE A 1 55  ? 3.145   -9.529  7.252   1.00 9.75  ? 55  PHE A CZ  1 
ATOM   413  N  N   . GLU A 1 56  ? 8.332   -11.691 4.246   1.00 9.74  ? 56  GLU A N   1 
ATOM   414  C  CA  . GLU A 1 56  ? 9.250   -10.665 3.738   1.00 12.91 ? 56  GLU A CA  1 
ATOM   415  C  C   . GLU A 1 56  ? 9.337   -10.630 2.213   1.00 11.26 ? 56  GLU A C   1 
ATOM   416  O  O   . GLU A 1 56  ? 9.419   -9.548  1.609   1.00 8.69  ? 56  GLU A O   1 
ATOM   417  C  CB  . GLU A 1 56  ? 10.699  -10.878 4.260   1.00 11.94 ? 56  GLU A CB  1 
ATOM   418  C  CG  . GLU A 1 56  ? 11.805  -10.018 3.610   1.00 14.88 ? 56  GLU A CG  1 
ATOM   419  C  CD  . GLU A 1 56  ? 12.716  -9.230  4.625   1.00 27.56 ? 56  GLU A CD  1 
ATOM   420  O  OE1 . GLU A 1 56  ? 13.006  -8.083  4.453   1.00 44.39 ? 56  GLU A OE1 1 
ATOM   421  O  OE2 . GLU A 1 56  ? 13.016  -9.996  5.540   1.00 29.57 ? 56  GLU A OE2 1 
ATOM   422  N  N   . THR A 1 57  ? 9.322   -11.808 1.618   1.00 9.76  ? 57  THR A N   1 
ATOM   423  C  CA  . THR A 1 57  ? 9.332   -11.906 0.182   1.00 8.70  ? 57  THR A CA  1 
ATOM   424  C  C   . THR A 1 57  ? 8.107   -11.236 -0.439  1.00 9.80  ? 57  THR A C   1 
ATOM   425  O  O   . THR A 1 57  ? 8.231   -10.430 -1.371  1.00 9.57  ? 57  THR A O   1 
ATOM   426  C  CB  . THR A 1 57  ? 9.393   -13.399 -0.169  1.00 12.26 ? 57  THR A CB  1 
ATOM   427  O  OG1 . THR A 1 57  ? 10.723  -13.779 0.168   1.00 16.95 ? 57  THR A OG1 1 
ATOM   428  C  CG2 . THR A 1 57  ? 9.126   -13.653 -1.624  1.00 13.36 ? 57  THR A CG2 1 
ATOM   429  N  N   . HIS A 1 58  ? 6.945   -11.581 0.087   1.00 9.61  ? 58  HIS A N   1 
ATOM   430  C  CA  . HIS A 1 58  ? 5.698   -10.936 -0.356  1.00 8.42  ? 58  HIS A CA  1 
ATOM   431  C  C   . HIS A 1 58  ? 5.680   -9.428  -0.116  1.00 8.54  ? 58  HIS A C   1 
ATOM   432  O  O   . HIS A 1 58  ? 5.241   -8.650  -0.976  1.00 8.89  ? 58  HIS A O   1 
ATOM   433  C  CB  . HIS A 1 58  ? 4.524   -11.583 0.374   1.00 9.08  ? 58  HIS A CB  1 
ATOM   434  C  CG  . HIS A 1 58  ? 4.149   -12.781 -0.456  1.00 10.36 ? 58  HIS A CG  1 
ATOM   435  N  ND1 . HIS A 1 58  ? 4.467   -14.072 -0.071  1.00 23.03 ? 58  HIS A ND1 1 
ATOM   436  C  CD2 . HIS A 1 58  ? 3.517   -12.886 -1.652  1.00 11.09 ? 58  HIS A CD2 1 
ATOM   437  C  CE1 . HIS A 1 58  ? 4.042   -14.903 -1.003  1.00 19.11 ? 58  HIS A CE1 1 
ATOM   438  N  NE2 . HIS A 1 58  ? 3.448   -14.209 -1.947  1.00 20.14 ? 58  HIS A NE2 1 
ATOM   439  N  N   . ALA A 1 59  ? 6.152   -9.042  1.045   1.00 8.98  ? 59  ALA A N   1 
ATOM   440  C  CA  . ALA A 1 59  ? 6.067   -7.637  1.460   1.00 8.35  ? 59  ALA A CA  1 
ATOM   441  C  C   . ALA A 1 59  ? 6.962   -6.834  0.517   1.00 10.97 ? 59  ALA A C   1 
ATOM   442  O  O   . ALA A 1 59  ? 6.630   -5.702  0.134   1.00 8.61  ? 59  ALA A O   1 
ATOM   443  C  CB  . ALA A 1 59  ? 6.636   -7.458  2.838   1.00 8.67  ? 59  ALA A CB  1 
ATOM   444  N  N   . ASN A 1 60  ? 8.083   -7.428  0.161   1.00 9.38  ? 60  ASN A N   1 
ATOM   445  C  CA  . ASN A 1 60  ? 9.059   -6.745  -0.698  1.00 10.44 ? 60  ASN A CA  1 
ATOM   446  C  C   . ASN A 1 60  ? 8.529   -6.521  -2.114  1.00 7.76  ? 60  ASN A C   1 
ATOM   447  O  O   . ASN A 1 60  ? 8.770   -5.467  -2.723  1.00 8.58  ? 60  ASN A O   1 
ATOM   448  C  CB  . ASN A 1 60  ? 10.367  -7.561  -0.757  1.00 10.26 ? 60  ASN A CB  1 
ATOM   449  C  CG  . ASN A 1 60  ? 11.295  -7.178  0.322   1.00 12.42 ? 60  ASN A CG  1 
ATOM   450  O  OD1 . ASN A 1 60  ? 11.911  -7.963  1.017   1.00 31.05 ? 60  ASN A OD1 1 
ATOM   451  N  ND2 . ASN A 1 60  ? 11.499  -5.811  0.484   1.00 23.09 ? 60  ASN A ND2 1 
ATOM   452  N  N   . ARG A 1 61  ? 7.814   -7.519  -2.620  1.00 9.66  ? 61  ARG A N   1 
ATOM   453  C  CA  . ARG A 1 61  ? 7.113   -7.369  -3.904  1.00 9.30  ? 61  ARG A CA  1 
ATOM   454  C  C   . ARG A 1 61  ? 6.029   -6.290  -3.912  1.00 9.23  ? 61  ARG A C   1 
ATOM   455  O  O   . ARG A 1 61  ? 5.926   -5.498  -4.862  1.00 8.74  ? 61  ARG A O   1 
ATOM   456  C  CB  . ARG A 1 61  ? 6.427   -8.682  -4.325  1.00 10.71 ? 61  ARG A CB  1 
ATOM   457  C  CG  . ARG A 1 61  ? 7.399   -9.789  -4.768  1.00 13.65 ? 61  ARG A CG  1 
ATOM   458  C  CD  . ARG A 1 61  ? 6.623   -11.001 -5.228  1.00 11.31 ? 61  ARG A CD  1 
ATOM   459  N  NE  . ARG A 1 61  ? 7.526   -12.127 -5.507  1.00 20.42 ? 61  ARG A NE  1 
ATOM   460  C  CZ  . ARG A 1 61  ? 7.266   -13.388 -5.130  1.00 14.05 ? 61  ARG A CZ  1 
ATOM   461  N  NH1 . ARG A 1 61  ? 6.085   -13.713 -4.587  1.00 18.73 ? 61  ARG A NH1 1 
ATOM   462  N  NH2 . ARG A 1 61  ? 8.193   -14.312 -5.306  1.00 19.84 ? 61  ARG A NH2 1 
ATOM   463  N  N   . ILE A 1 62  ? 5.239   -6.278  -2.860  1.00 10.37 ? 62  ILE A N   1 
ATOM   464  C  CA  . ILE A 1 62  ? 3.983   -5.505  -2.866  1.00 10.89 ? 62  ILE A CA  1 
ATOM   465  C  C   . ILE A 1 62  ? 4.344   -4.043  -2.615  1.00 9.42  ? 62  ILE A C   1 
ATOM   466  O  O   . ILE A 1 62  ? 3.921   -3.143  -3.357  1.00 8.90  ? 62  ILE A O   1 
ATOM   467  C  CB  . ILE A 1 62  ? 3.016   -5.991  -1.765  1.00 9.17  ? 62  ILE A CB  1 
ATOM   468  C  CG1 . ILE A 1 62  ? 2.314   -7.323  -2.127  1.00 10.44 ? 62  ILE A CG1 1 
ATOM   469  C  CG2 . ILE A 1 62  ? 2.109   -4.768  -1.592  1.00 12.58 ? 62  ILE A CG2 1 
ATOM   470  C  CD1 . ILE A 1 62  ? 1.724   -8.064  -0.907  1.00 9.70  ? 62  ILE A CD1 1 
ATOM   471  N  N   . VAL A 1 63  ? 5.123   -3.829  -1.578  1.00 10.03 ? 63  VAL A N   1 
ATOM   472  C  CA  . VAL A 1 63  ? 5.589   -2.473  -1.258  1.00 7.05  ? 63  VAL A CA  1 
ATOM   473  C  C   . VAL A 1 63  ? 6.628   -1.945  -2.245  1.00 9.79  ? 63  VAL A C   1 
ATOM   474  O  O   . VAL A 1 63  ? 6.726   -0.729  -2.476  1.00 9.95  ? 63  VAL A O   1 
ATOM   475  C  CB  . VAL A 1 63  ? 6.178   -2.454  0.146   1.00 14.03 ? 63  VAL A CB  1 
ATOM   476  C  CG1 . VAL A 1 63  ? 6.892   -1.131  0.535   1.00 9.28  ? 63  VAL A CG1 1 
ATOM   477  C  CG2 . VAL A 1 63  ? 5.187   -2.893  1.184   1.00 9.65  ? 63  VAL A CG2 1 
ATOM   478  N  N   . GLY A 1 64  ? 7.388   -2.864  -2.812  1.00 10.09 ? 64  GLY A N   1 
ATOM   479  C  CA  . GLY A 1 64  ? 8.225   -2.537  -3.975  1.00 9.63  ? 64  GLY A CA  1 
ATOM   480  C  C   . GLY A 1 64  ? 7.550   -1.924  -5.204  1.00 8.80  ? 64  GLY A C   1 
ATOM   481  O  O   . GLY A 1 64  ? 8.099   -1.009  -5.839  1.00 8.46  ? 64  GLY A O   1 
ATOM   482  N  N   . PHE A 1 65  ? 6.370   -2.437  -5.522  1.00 9.04  ? 65  PHE A N   1 
ATOM   483  C  CA  . PHE A 1 65  ? 5.586   -1.894  -6.641  1.00 8.93  ? 65  PHE A CA  1 
ATOM   484  C  C   . PHE A 1 65  ? 4.942   -0.565  -6.259  1.00 9.75  ? 65  PHE A C   1 
ATOM   485  O  O   . PHE A 1 65  ? 4.872   0.369   -7.072  1.00 8.66  ? 65  PHE A O   1 
ATOM   486  C  CB  . PHE A 1 65  ? 4.533   -2.902  -7.048  1.00 9.47  ? 65  PHE A CB  1 
ATOM   487  C  CG  . PHE A 1 65  ? 3.953   -2.621  -8.402  1.00 9.34  ? 65  PHE A CG  1 
ATOM   488  C  CD1 . PHE A 1 65  ? 2.690   -2.147  -8.490  1.00 12.50 ? 65  PHE A CD1 1 
ATOM   489  C  CD2 . PHE A 1 65  ? 4.691   -2.749  -9.548  1.00 10.54 ? 65  PHE A CD2 1 
ATOM   490  C  CE1 . PHE A 1 65  ? 2.088   -1.849  -9.746  1.00 17.41 ? 65  PHE A CE1 1 
ATOM   491  C  CE2 . PHE A 1 65  ? 4.089   -2.404  -10.806 1.00 16.04 ? 65  PHE A CE2 1 
ATOM   492  C  CZ  . PHE A 1 65  ? 2.810   -1.999  -10.882 1.00 12.58 ? 65  PHE A CZ  1 
ATOM   493  N  N   . PHE A 1 66  ? 4.478   -0.498  -5.028  1.00 10.86 ? 66  PHE A N   1 
ATOM   494  C  CA  . PHE A 1 66  ? 3.921   0.752   -4.501  1.00 9.99  ? 66  PHE A CA  1 
ATOM   495  C  C   . PHE A 1 66  ? 5.014   1.817   -4.556  1.00 8.96  ? 66  PHE A C   1 
ATOM   496  O  O   . PHE A 1 66  ? 4.759   2.975   -4.917  1.00 9.79  ? 66  PHE A O   1 
ATOM   497  C  CB  . PHE A 1 66  ? 3.421   0.524   -3.088  1.00 11.14 ? 66  PHE A CB  1 
ATOM   498  C  CG  . PHE A 1 66  ? 2.735   1.692   -2.437  1.00 11.57 ? 66  PHE A CG  1 
ATOM   499  C  CD1 . PHE A 1 66  ? 1.477   2.013   -2.819  1.00 16.88 ? 66  PHE A CD1 1 
ATOM   500  C  CD2 . PHE A 1 66  ? 3.313   2.400   -1.409  1.00 16.31 ? 66  PHE A CD2 1 
ATOM   501  C  CE1 . PHE A 1 66  ? 0.764   3.097   -2.230  1.00 15.79 ? 66  PHE A CE1 1 
ATOM   502  C  CE2 . PHE A 1 66  ? 2.569   3.463   -0.792  1.00 15.70 ? 66  PHE A CE2 1 
ATOM   503  C  CZ  . PHE A 1 66  ? 1.343   3.807   -1.230  1.00 13.64 ? 66  PHE A CZ  1 
ATOM   504  N  N   . SER A 1 67  ? 6.212   1.409   -4.197  1.00 10.09 ? 67  SER A N   1 
ATOM   505  C  CA  . SER A 1 67  ? 7.373   2.303   -4.298  1.00 8.85  ? 67  SER A CA  1 
ATOM   506  C  C   . SER A 1 67  ? 7.676   2.826   -5.704  1.00 11.81 ? 67  SER A C   1 
ATOM   507  O  O   . SER A 1 67  ? 8.051   3.997   -5.877  1.00 9.19  ? 67  SER A O   1 
ATOM   508  C  CB  . SER A 1 67  ? 8.622   1.609   -3.809  1.00 11.83 ? 67  SER A CB  1 
ATOM   509  O  OG  . SER A 1 67  ? 9.707   2.520   -3.643  1.00 16.68 ? 67  SER A OG  1 
ATOM   510  N  N   . LYS A 1 68  ? 7.513   1.951   -6.686  1.00 9.66  ? 68  LYS A N   1 
ATOM   511  C  CA  . LYS A 1 68  ? 7.611   2.366   -8.093  1.00 9.27  ? 68  LYS A CA  1 
ATOM   512  C  C   . LYS A 1 68  ? 6.659   3.538   -8.322  1.00 10.25 ? 68  LYS A C   1 
ATOM   513  O  O   . LYS A 1 68  ? 6.997   4.509   -9.017  1.00 9.07  ? 68  LYS A O   1 
ATOM   514  C  CB  . LYS A 1 68  ? 7.263   1.223   -9.035  1.00 11.05 ? 68  LYS A CB  1 
ATOM   515  C  CG  . LYS A 1 68  ? 7.527   1.515   -10.500 1.00 9.50  ? 68  LYS A CG  1 
ATOM   516  C  CD  . LYS A 1 68  ? 7.599   0.227   -11.306 1.00 11.07 ? 68  LYS A CD  1 
ATOM   517  C  CE  . LYS A 1 68  ? 7.447   0.494   -12.792 1.00 11.39 ? 68  LYS A CE  1 
ATOM   518  N  NZ  . LYS A 1 68  ? 7.171   1.928   -13.044 1.00 13.21 ? 68  LYS A NZ  1 
ATOM   519  N  N   . ILE A 1 69  ? 5.481   3.432   -7.736  1.00 10.37 ? 69  ILE A N   1 
ATOM   520  C  CA  . ILE A 1 69  ? 4.348   4.265   -8.161  1.00 9.06  ? 69  ILE A CA  1 
ATOM   521  C  C   . ILE A 1 69  ? 4.644   5.627   -7.534  1.00 12.02 ? 69  ILE A C   1 
ATOM   522  O  O   . ILE A 1 69  ? 4.497   6.671   -8.182  1.00 10.27 ? 69  ILE A O   1 
ATOM   523  C  CB  . ILE A 1 69  ? 3.000   3.700   -7.657  1.00 11.49 ? 69  ILE A CB  1 
ATOM   524  C  CG1 . ILE A 1 69  ? 2.420   2.611   -8.594  1.00 14.25 ? 69  ILE A CG1 1 
ATOM   525  C  CG2 . ILE A 1 69  ? 2.170   4.975   -7.496  1.00 17.57 ? 69  ILE A CG2 1 
ATOM   526  C  CD1 . ILE A 1 69  ? 1.279   1.793   -7.958  1.00 21.08 ? 69  ILE A CD1 1 
ATOM   527  N  N   . ILE A 1 70  ? 5.054   5.589   -6.282  1.00 10.89 ? 70  ILE A N   1 
ATOM   528  C  CA  . ILE A 1 70  ? 5.366   6.826   -5.562  1.00 8.41  ? 70  ILE A CA  1 
ATOM   529  C  C   . ILE A 1 70  ? 6.537   7.544   -6.208  1.00 11.41 ? 70  ILE A C   1 
ATOM   530  O  O   . ILE A 1 70  ? 6.544   8.782   -6.298  1.00 10.52 ? 70  ILE A O   1 
ATOM   531  C  CB  . ILE A 1 70  ? 5.752   6.549   -4.085  1.00 10.91 ? 70  ILE A CB  1 
ATOM   532  C  CG1 . ILE A 1 70  ? 4.563   6.016   -3.241  1.00 11.97 ? 70  ILE A CG1 1 
ATOM   533  C  CG2 . ILE A 1 70  ? 6.337   7.897   -3.650  1.00 12.93 ? 70  ILE A CG2 1 
ATOM   534  C  CD1 . ILE A 1 70  ? 3.249   6.798   -3.458  1.00 17.57 ? 70  ILE A CD1 1 
ATOM   535  N  N   . GLY A 1 71  ? 7.512   6.782   -6.650  1.00 11.95 ? 71  GLY A N   1 
ATOM   536  C  CA  . GLY A 1 71  ? 8.647   7.336   -7.386  1.00 10.64 ? 71  GLY A CA  1 
ATOM   537  C  C   . GLY A 1 71  ? 8.399   8.054   -8.703  1.00 12.82 ? 71  GLY A C   1 
ATOM   538  O  O   . GLY A 1 71  ? 9.153   8.966   -9.069  1.00 16.93 ? 71  GLY A O   1 
ATOM   539  N  N   . GLU A 1 72  ? 7.354   7.661   -9.402  1.00 10.09 ? 72  GLU A N   1 
ATOM   540  C  CA  . GLU A 1 72  ? 6.999   8.272   -10.682 1.00 10.45 ? 72  GLU A CA  1 
ATOM   541  C  C   . GLU A 1 72  ? 5.819   9.234   -10.809 1.00 11.27 ? 72  GLU A C   1 
ATOM   542  O  O   . GLU A 1 72  ? 5.397   9.582   -11.920 1.00 10.41 ? 72  GLU A O   1 
ATOM   543  C  CB  . GLU A 1 72  ? 6.676   7.230   -11.774 1.00 11.37 ? 72  GLU A CB  1 
ATOM   544  C  CG  . GLU A 1 72  ? 5.345   6.475   -11.619 1.00 11.37 ? 72  GLU A CG  1 
ATOM   545  C  CD  . GLU A 1 72  ? 5.388   4.982   -12.076 1.00 19.26 ? 72  GLU A CD  1 
ATOM   546  O  OE1 . GLU A 1 72  ? 6.319   4.533   -12.669 1.00 14.32 ? 72  GLU A OE1 1 
ATOM   547  O  OE2 . GLU A 1 72  ? 4.347   4.448   -11.706 1.00 15.45 ? 72  GLU A OE2 1 
ATOM   548  N  N   . LEU A 1 73  ? 5.304   9.648   -9.673  1.00 10.71 ? 73  LEU A N   1 
ATOM   549  C  CA  . LEU A 1 73  ? 4.147   10.557  -9.656  1.00 9.79  ? 73  LEU A CA  1 
ATOM   550  C  C   . LEU A 1 73  ? 4.571   11.748  -10.516 1.00 11.11 ? 73  LEU A C   1 
ATOM   551  O  O   . LEU A 1 73  ? 5.732   12.191  -10.471 1.00 10.88 ? 73  LEU A O   1 
ATOM   552  C  CB  . LEU A 1 73  ? 3.814   10.957  -8.201  1.00 10.65 ? 73  LEU A CB  1 
ATOM   553  C  CG  . LEU A 1 73  ? 3.405   9.862   -7.236  1.00 9.56  ? 73  LEU A CG  1 
ATOM   554  C  CD1 . LEU A 1 73  ? 3.530   10.369  -5.826  1.00 10.97 ? 73  LEU A CD1 1 
ATOM   555  C  CD2 . LEU A 1 73  ? 1.992   9.431   -7.512  1.00 12.74 ? 73  LEU A CD2 1 
ATOM   556  N  N   . PRO A 1 74  ? 3.619   12.253  -11.273 1.00 13.68 ? 74  PRO A N   1 
ATOM   557  C  CA  . PRO A 1 74  ? 2.264   11.658  -11.267 1.00 11.35 ? 74  PRO A CA  1 
ATOM   558  C  C   . PRO A 1 74  ? 1.870   10.712  -12.403 1.00 13.18 ? 74  PRO A C   1 
ATOM   559  O  O   . PRO A 1 74  ? 0.680   10.531  -12.693 1.00 15.69 ? 74  PRO A O   1 
ATOM   560  C  CB  . PRO A 1 74  ? 1.368   12.826  -11.545 1.00 15.38 ? 74  PRO A CB  1 
ATOM   561  C  CG  . PRO A 1 74  ? 2.162   13.824  -12.370 1.00 18.81 ? 74  PRO A CG  1 
ATOM   562  C  CD  . PRO A 1 74  ? 3.612   13.399  -12.166 1.00 12.76 ? 74  PRO A CD  1 
ATOM   563  N  N   . ASN A 1 75  ? 2.871   10.124  -13.031 1.00 13.20 ? 75  ASN A N   1 
ATOM   564  C  CA  . ASN A 1 75  ? 2.665   9.439   -14.317 1.00 12.52 ? 75  ASN A CA  1 
ATOM   565  C  C   . ASN A 1 75  ? 2.477   7.989   -13.967 1.00 9.86  ? 75  ASN A C   1 
ATOM   566  O  O   . ASN A 1 75  ? 3.371   7.159   -14.187 1.00 12.91 ? 75  ASN A O   1 
ATOM   567  C  CB  . ASN A 1 75  ? 3.881   9.693   -15.238 1.00 17.19 ? 75  ASN A CB  1 
ATOM   568  C  CG  . ASN A 1 75  ? 3.929   8.696   -16.359 1.00 21.81 ? 75  ASN A CG  1 
ATOM   569  O  OD1 . ASN A 1 75  ? 4.926   8.086   -16.702 1.00 19.81 ? 75  ASN A OD1 1 
ATOM   570  N  ND2 . ASN A 1 75  ? 2.718   8.431   -16.976 1.00 19.28 ? 75  ASN A ND2 1 
ATOM   571  N  N   . ILE A 1 76  ? 1.314   7.682   -13.420 1.00 11.29 ? 76  ILE A N   1 
ATOM   572  C  CA  . ILE A 1 76  ? 1.074   6.361   -12.853 1.00 10.66 ? 76  ILE A CA  1 
ATOM   573  C  C   . ILE A 1 76  ? 0.100   5.405   -13.547 1.00 8.89  ? 76  ILE A C   1 
ATOM   574  O  O   . ILE A 1 76  ? -0.070  4.255   -13.120 1.00 10.30 ? 76  ILE A O   1 
ATOM   575  C  CB  . ILE A 1 76  ? 0.503   6.452   -11.418 1.00 10.90 ? 76  ILE A CB  1 
ATOM   576  C  CG1 . ILE A 1 76  ? -0.918  7.068   -11.370 1.00 11.35 ? 76  ILE A CG1 1 
ATOM   577  C  CG2 . ILE A 1 76  ? 1.604   7.232   -10.693 1.00 9.85  ? 76  ILE A CG2 1 
ATOM   578  C  CD1 . ILE A 1 76  ? -1.521  7.135   -9.947  1.00 12.60 ? 76  ILE A CD1 1 
ATOM   579  N  N   . GLU A 1 77  ? -0.527  5.891   -14.605 1.00 9.69  ? 77  GLU A N   1 
ATOM   580  C  CA  . GLU A 1 77  ? -1.575  5.121   -15.289 1.00 13.31 ? 77  GLU A CA  1 
ATOM   581  C  C   . GLU A 1 77  ? -1.222  3.712   -15.774 1.00 8.07  ? 77  GLU A C   1 
ATOM   582  O  O   . GLU A 1 77  ? -2.004  2.769   -15.611 1.00 9.16  ? 77  GLU A O   1 
ATOM   583  C  CB  . GLU A 1 77  ? -2.084  5.846   -16.565 1.00 14.51 ? 77  GLU A CB  1 
ATOM   584  C  CG  . GLU A 1 77  ? -3.283  5.212   -17.290 1.00 17.49 ? 77  GLU A CG  1 
ATOM   585  C  CD  . GLU A 1 77  ? -4.392  6.231   -17.748 1.00 30.68 ? 77  GLU A CD  1 
ATOM   586  O  OE1 . GLU A 1 77  ? -4.118  7.257   -18.287 0.00 0.00  ? 77  GLU A OE1 1 
ATOM   587  O  OE2 . GLU A 1 77  ? -5.485  5.757   -17.448 1.00 20.10 ? 77  GLU A OE2 1 
ATOM   588  N  N   . ALA A 1 78  ? -0.050  3.589   -16.365 1.00 11.37 ? 78  ALA A N   1 
ATOM   589  C  CA  . ALA A 1 78  ? 0.377   2.307   -16.952 1.00 13.13 ? 78  ALA A CA  1 
ATOM   590  C  C   . ALA A 1 78  ? 0.523   1.268   -15.839 1.00 8.47  ? 78  ALA A C   1 
ATOM   591  O  O   . ALA A 1 78  ? 0.150   0.101   -16.005 1.00 9.03  ? 78  ALA A O   1 
ATOM   592  C  CB  . ALA A 1 78  ? 1.770   2.465   -17.576 1.00 10.52 ? 78  ALA A CB  1 
ATOM   593  N  N   . ASP A 1 79  ? 1.065   1.707   -14.725 1.00 10.71 ? 79  ASP A N   1 
ATOM   594  C  CA  . ASP A 1 79  ? 1.256   0.813   -13.572 1.00 9.03  ? 79  ASP A CA  1 
ATOM   595  C  C   . ASP A 1 79  ? -0.033  0.416   -12.856 1.00 8.06  ? 79  ASP A C   1 
ATOM   596  O  O   . ASP A 1 79  ? -0.165  -0.713  -12.366 1.00 8.62  ? 79  ASP A O   1 
ATOM   597  C  CB  . ASP A 1 79  ? 2.198   1.483   -12.548 1.00 9.62  ? 79  ASP A CB  1 
ATOM   598  C  CG  . ASP A 1 79  ? 3.639   1.351   -12.954 1.00 11.25 ? 79  ASP A CG  1 
ATOM   599  O  OD1 . ASP A 1 79  ? 4.062   0.537   -13.748 1.00 10.77 ? 79  ASP A OD1 1 
ATOM   600  O  OD2 . ASP A 1 79  ? 4.392   2.167   -12.481 1.00 11.69 ? 79  ASP A OD2 1 
ATOM   601  N  N   . VAL A 1 80  ? -0.965  1.347   -12.805 1.00 10.18 ? 80  VAL A N   1 
ATOM   602  C  CA  . VAL A 1 80  ? -2.318  1.041   -12.313 1.00 9.56  ? 80  VAL A CA  1 
ATOM   603  C  C   . VAL A 1 80  ? -3.012  0.026   -13.223 1.00 9.17  ? 80  VAL A C   1 
ATOM   604  O  O   . VAL A 1 80  ? -3.719  -0.872  -12.750 1.00 8.71  ? 80  VAL A O   1 
ATOM   605  C  CB  . VAL A 1 80  ? -3.133  2.324   -12.225 1.00 10.79 ? 80  VAL A CB  1 
ATOM   606  C  CG1 . VAL A 1 80  ? -4.644  2.120   -11.988 1.00 10.95 ? 80  VAL A CG1 1 
ATOM   607  C  CG2 . VAL A 1 80  ? -2.532  3.318   -11.262 1.00 12.90 ? 80  VAL A CG2 1 
ATOM   608  N  N   . ASN A 1 81  ? -2.802  0.180   -14.518 1.00 10.12 ? 81  ASN A N   1 
ATOM   609  C  CA  . ASN A 1 81  ? -3.331  -0.786  -15.497 1.00 8.68  ? 81  ASN A CA  1 
ATOM   610  C  C   . ASN A 1 81  ? -2.800  -2.199  -15.243 1.00 7.69  ? 81  ASN A C   1 
ATOM   611  O  O   . ASN A 1 81  ? -3.564  -3.171  -15.226 1.00 8.28  ? 81  ASN A O   1 
ATOM   612  C  CB  . ASN A 1 81  ? -2.956  -0.334  -16.923 1.00 11.05 ? 81  ASN A CB  1 
ATOM   613  C  CG  . ASN A 1 81  ? -3.911  0.713   -17.433 1.00 8.80  ? 81  ASN A CG  1 
ATOM   614  O  OD1 . ASN A 1 81  ? -4.923  1.072   -16.858 1.00 9.69  ? 81  ASN A OD1 1 
ATOM   615  N  ND2 . ASN A 1 81  ? -3.535  1.343   -18.613 1.00 12.63 ? 81  ASN A ND2 1 
ATOM   616  N  N   . THR A 1 82  ? -1.501  -2.292  -15.054 1.00 10.38 ? 82  THR A N   1 
ATOM   617  C  CA  . THR A 1 82  ? -0.879  -3.571  -14.679 1.00 9.09  ? 82  THR A CA  1 
ATOM   618  C  C   . THR A 1 82  ? -1.396  -4.157  -13.365 1.00 9.32  ? 82  THR A C   1 
ATOM   619  O  O   . THR A 1 82  ? -1.663  -5.360  -13.264 1.00 9.42  ? 82  THR A O   1 
ATOM   620  C  CB  . THR A 1 82  ? 0.639   -3.329  -14.598 1.00 10.29 ? 82  THR A CB  1 
ATOM   621  O  OG1 . THR A 1 82  ? 1.006   -2.995  -15.931 1.00 10.38 ? 82  THR A OG1 1 
ATOM   622  C  CG2 . THR A 1 82  ? 1.392   -4.542  -14.131 1.00 13.68 ? 82  THR A CG2 1 
ATOM   623  N  N   . PHE A 1 83  ? -1.530  -3.299  -12.377 1.00 9.48  ? 83  PHE A N   1 
ATOM   624  C  CA  . PHE A 1 83  ? -2.160  -3.695  -11.114 1.00 10.18 ? 83  PHE A CA  1 
ATOM   625  C  C   . PHE A 1 83  ? -3.566  -4.277  -11.265 1.00 11.93 ? 83  PHE A C   1 
ATOM   626  O  O   . PHE A 1 83  ? -3.893  -5.307  -10.663 1.00 8.78  ? 83  PHE A O   1 
ATOM   627  C  CB  . PHE A 1 83  ? -2.220  -2.493  -10.186 1.00 8.67  ? 83  PHE A CB  1 
ATOM   628  C  CG  . PHE A 1 83  ? -3.063  -2.796  -8.985  1.00 10.08 ? 83  PHE A CG  1 
ATOM   629  C  CD1 . PHE A 1 83  ? -2.518  -3.473  -7.946  1.00 9.25  ? 83  PHE A CD1 1 
ATOM   630  C  CD2 . PHE A 1 83  ? -4.346  -2.334  -8.868  1.00 10.35 ? 83  PHE A CD2 1 
ATOM   631  C  CE1 . PHE A 1 83  ? -3.262  -3.780  -6.774  1.00 8.63  ? 83  PHE A CE1 1 
ATOM   632  C  CE2 . PHE A 1 83  ? -5.077  -2.612  -7.663  1.00 11.43 ? 83  PHE A CE2 1 
ATOM   633  C  CZ  . PHE A 1 83  ? -4.541  -3.347  -6.669  1.00 10.16 ? 83  PHE A CZ  1 
ATOM   634  N  N   . VAL A 1 84  ? -4.379  -3.610  -12.065 1.00 9.40  ? 84  VAL A N   1 
ATOM   635  C  CA  . VAL A 1 84  ? -5.766  -4.047  -12.275 1.00 10.12 ? 84  VAL A CA  1 
ATOM   636  C  C   . VAL A 1 84  ? -5.790  -5.397  -13.001 1.00 8.29  ? 84  VAL A C   1 
ATOM   637  O  O   . VAL A 1 84  ? -6.592  -6.279  -12.673 1.00 9.75  ? 84  VAL A O   1 
ATOM   638  C  CB  . VAL A 1 84  ? -6.520  -2.993  -13.076 1.00 8.40  ? 84  VAL A CB  1 
ATOM   639  C  CG1 . VAL A 1 84  ? -7.846  -3.477  -13.706 1.00 12.86 ? 84  VAL A CG1 1 
ATOM   640  C  CG2 . VAL A 1 84  ? -6.687  -1.709  -12.305 1.00 9.36  ? 84  VAL A CG2 1 
ATOM   641  N  N   . ALA A 1 85  ? -4.913  -5.537  -13.977 1.00 11.76 ? 85  ALA A N   1 
ATOM   642  C  CA  . ALA A 1 85  ? -4.802  -6.800  -14.727 1.00 11.91 ? 85  ALA A CA  1 
ATOM   643  C  C   . ALA A 1 85  ? -4.475  -8.039  -13.892 1.00 10.48 ? 85  ALA A C   1 
ATOM   644  O  O   . ALA A 1 85  ? -4.971  -9.138  -14.161 1.00 11.15 ? 85  ALA A O   1 
ATOM   645  C  CB  . ALA A 1 85  ? -3.640  -6.630  -15.714 1.00 12.42 ? 85  ALA A CB  1 
ATOM   646  N  N   . SER A 1 86  ? -3.645  -7.844  -12.892 1.00 10.20 ? 86  SER A N   1 
ATOM   647  C  CA  . SER A 1 86  ? -3.276  -8.945  -11.991 1.00 10.51 ? 86  SER A CA  1 
ATOM   648  C  C   . SER A 1 86  ? -4.222  -9.147  -10.808 1.00 13.12 ? 86  SER A C   1 
ATOM   649  O  O   . SER A 1 86  ? -4.362  -10.260 -10.289 1.00 14.10 ? 86  SER A O   1 
ATOM   650  C  CB  . SER A 1 86  ? -1.892  -8.715  -11.421 1.00 12.39 ? 86  SER A CB  1 
ATOM   651  O  OG  . SER A 1 86  ? -1.804  -7.490  -10.702 1.00 13.31 ? 86  SER A OG  1 
ATOM   652  N  N   . HIS A 1 87  ? -4.858  -8.068  -10.400 1.00 11.59 ? 87  HIS A N   1 
ATOM   653  C  CA  . HIS A 1 87  ? -5.764  -8.114  -9.247  1.00 11.12 ? 87  HIS A CA  1 
ATOM   654  C  C   . HIS A 1 87  ? -7.281  -8.201  -9.432  1.00 10.76 ? 87  HIS A C   1 
ATOM   655  O  O   . HIS A 1 87  ? -7.999  -8.692  -8.552  1.00 12.34 ? 87  HIS A O   1 
ATOM   656  C  CB  . HIS A 1 87  ? -5.533  -6.871  -8.387  1.00 13.80 ? 87  HIS A CB  1 
ATOM   657  C  CG  . HIS A 1 87  ? -4.250  -7.024  -7.603  1.00 13.86 ? 87  HIS A CG  1 
ATOM   658  N  ND1 . HIS A 1 87  ? -3.001  -6.971  -8.205  1.00 11.76 ? 87  HIS A ND1 1 
ATOM   659  C  CD2 . HIS A 1 87  ? -4.017  -7.257  -6.285  1.00 11.02 ? 87  HIS A CD2 1 
ATOM   660  C  CE1 . HIS A 1 87  ? -2.078  -7.167  -7.286  1.00 10.56 ? 87  HIS A CE1 1 
ATOM   661  N  NE2 . HIS A 1 87  ? -2.669  -7.316  -6.123  1.00 11.31 ? 87  HIS A NE2 1 
ATOM   662  N  N   . LYS A 1 88  ? -7.746  -7.722  -10.574 1.00 12.99 ? 88  LYS A N   1 
ATOM   663  C  CA  . LYS A 1 88  ? -9.165  -7.848  -10.927 1.00 17.80 ? 88  LYS A CA  1 
ATOM   664  C  C   . LYS A 1 88  ? -9.679  -9.292  -10.932 1.00 16.80 ? 88  LYS A C   1 
ATOM   665  O  O   . LYS A 1 88  ? -10.773 -9.577  -10.430 1.00 18.64 ? 88  LYS A O   1 
ATOM   666  C  CB  . LYS A 1 88  ? -9.447  -7.271  -12.310 1.00 22.43 ? 88  LYS A CB  1 
ATOM   667  C  CG  . LYS A 1 88  ? -10.900 -6.947  -12.570 1.00 25.78 ? 88  LYS A CG  1 
ATOM   668  C  CD  . LYS A 1 88  ? -11.071 -6.265  -13.925 1.00 26.00 ? 88  LYS A CD  1 
ATOM   669  C  CE  . LYS A 1 88  ? -12.342 -6.721  -14.620 0.00 0.00  ? 88  LYS A CE  1 
ATOM   670  N  NZ  . LYS A 1 88  ? -12.447 -6.126  -15.970 0.00 0.00  ? 88  LYS A NZ  1 
ATOM   671  N  N   . PRO A 1 89  ? -8.883  -10.183 -11.500 1.00 15.26 ? 89  PRO A N   1 
ATOM   672  C  CA  . PRO A 1 89  ? -9.208  -11.618 -11.481 1.00 17.50 ? 89  PRO A CA  1 
ATOM   673  C  C   . PRO A 1 89  ? -9.095  -12.374 -10.157 1.00 22.23 ? 89  PRO A C   1 
ATOM   674  O  O   . PRO A 1 89  ? -9.616  -13.485 -10.012 1.00 22.53 ? 89  PRO A O   1 
ATOM   675  C  CB  . PRO A 1 89  ? -8.177  -12.231 -12.373 1.00 22.50 ? 89  PRO A CB  1 
ATOM   676  C  CG  . PRO A 1 89  ? -7.455  -11.155 -13.167 1.00 24.50 ? 89  PRO A CG  1 
ATOM   677  C  CD  . PRO A 1 89  ? -7.851  -9.853  -12.479 1.00 18.42 ? 89  PRO A CD  1 
ATOM   678  N  N   . ARG A 1 90  ? -8.416  -11.763 -9.213  1.00 13.02 ? 90  ARG A N   1 
ATOM   679  C  CA  . ARG A 1 90  ? -8.427  -12.259 -7.832  1.00 13.28 ? 90  ARG A CA  1 
ATOM   680  C  C   . ARG A 1 90  ? -9.610  -11.793 -6.985  1.00 10.19 ? 90  ARG A C   1 
ATOM   681  O  O   . ARG A 1 90  ? -9.699  -12.110 -5.790  1.00 13.33 ? 90  ARG A O   1 
ATOM   682  C  CB  . ARG A 1 90  ? -7.153  -11.830 -7.070  1.00 15.41 ? 90  ARG A CB  1 
ATOM   683  C  CG  . ARG A 1 90  ? -5.834  -12.180 -7.783  1.00 14.05 ? 90  ARG A CG  1 
ATOM   684  C  CD  . ARG A 1 90  ? -4.649  -11.714 -6.951  1.00 10.05 ? 90  ARG A CD  1 
ATOM   685  N  NE  . ARG A 1 90  ? -3.412  -12.392 -7.363  1.00 13.33 ? 90  ARG A NE  1 
ATOM   686  C  CZ  . ARG A 1 90  ? -2.294  -11.731 -7.746  1.00 12.47 ? 90  ARG A CZ  1 
ATOM   687  N  NH1 . ARG A 1 90  ? -2.177  -10.406 -7.565  1.00 11.11 ? 90  ARG A NH1 1 
ATOM   688  N  NH2 . ARG A 1 90  ? -1.312  -12.414 -8.300  1.00 14.73 ? 90  ARG A NH2 1 
ATOM   689  N  N   . GLY A 1 91  ? -10.502 -11.050 -7.614  1.00 13.90 ? 91  GLY A N   1 
ATOM   690  C  CA  . GLY A 1 91  ? -11.681 -10.523 -6.909  1.00 15.40 ? 91  GLY A CA  1 
ATOM   691  C  C   . GLY A 1 91  ? -11.534 -9.532  -5.758  1.00 15.61 ? 91  GLY A C   1 
ATOM   692  O  O   . GLY A 1 91  ? -12.386 -9.467  -4.860  1.00 12.02 ? 91  GLY A O   1 
ATOM   693  N  N   . VAL A 1 92  ? -10.459 -8.779  -5.801  1.00 12.84 ? 92  VAL A N   1 
ATOM   694  C  CA  . VAL A 1 92  ? -10.243 -7.735  -4.799  1.00 9.26  ? 92  VAL A CA  1 
ATOM   695  C  C   . VAL A 1 92  ? -11.400 -6.741  -4.869  1.00 12.29 ? 92  VAL A C   1 
ATOM   696  O  O   . VAL A 1 92  ? -11.794 -6.298  -5.956  1.00 12.50 ? 92  VAL A O   1 
ATOM   697  C  CB  . VAL A 1 92  ? -8.894  -7.055  -5.049  1.00 12.81 ? 92  VAL A CB  1 
ATOM   698  C  CG1 . VAL A 1 92  ? -8.630  -5.788  -4.190  1.00 13.71 ? 92  VAL A CG1 1 
ATOM   699  C  CG2 . VAL A 1 92  ? -7.745  -8.023  -5.000  1.00 12.86 ? 92  VAL A CG2 1 
ATOM   700  N  N   . THR A 1 93  ? -11.931 -6.407  -3.710  1.00 12.17 ? 93  THR A N   1 
ATOM   701  C  CA  . THR A 1 93  ? -13.046 -5.454  -3.636  1.00 9.79  ? 93  THR A CA  1 
ATOM   702  C  C   . THR A 1 93  ? -12.663 -4.029  -3.250  1.00 11.97 ? 93  THR A C   1 
ATOM   703  O  O   . THR A 1 93  ? -11.545 -3.777  -2.779  1.00 9.82  ? 93  THR A O   1 
ATOM   704  C  CB  . THR A 1 93  ? -14.033 -6.022  -2.626  1.00 11.84 ? 93  THR A CB  1 
ATOM   705  O  OG1 . THR A 1 93  ? -13.391 -5.860  -1.366  1.00 10.45 ? 93  THR A OG1 1 
ATOM   706  C  CG2 . THR A 1 93  ? -14.365 -7.463  -2.864  1.00 13.13 ? 93  THR A CG2 1 
ATOM   707  N  N   . HIS A 1 94  ? -13.570 -3.131  -3.465  1.00 11.87 ? 94  HIS A N   1 
ATOM   708  C  CA  . HIS A 1 94  ? -13.345 -1.721  -3.100  1.00 11.79 ? 94  HIS A CA  1 
ATOM   709  C  C   . HIS A 1 94  ? -13.124 -1.597  -1.595  1.00 13.45 ? 94  HIS A C   1 
ATOM   710  O  O   . HIS A 1 94  ? -12.291 -0.797  -1.139  1.00 11.75 ? 94  HIS A O   1 
ATOM   711  C  CB  . HIS A 1 94  ? -14.544 -0.897  -3.547  1.00 12.09 ? 94  HIS A CB  1 
ATOM   712  C  CG  . HIS A 1 94  ? -14.485 -0.451  -4.984  1.00 15.87 ? 94  HIS A CG  1 
ATOM   713  N  ND1 . HIS A 1 94  ? -15.060 0.731   -5.416  1.00 18.70 ? 94  HIS A ND1 1 
ATOM   714  C  CD2 . HIS A 1 94  ? -13.950 -1.035  -6.086  1.00 16.09 ? 94  HIS A CD2 1 
ATOM   715  C  CE1 . HIS A 1 94  ? -14.879 0.838   -6.717  1.00 26.59 ? 94  HIS A CE1 1 
ATOM   716  N  NE2 . HIS A 1 94  ? -14.192 -0.202  -7.130  1.00 14.72 ? 94  HIS A NE2 1 
ATOM   717  N  N   . ASP A 1 95  ? -13.880 -2.388  -0.844  1.00 10.91 ? 95  ASP A N   1 
ATOM   718  C  CA  . ASP A 1 95  ? -13.719 -2.416  0.613   1.00 12.74 ? 95  ASP A CA  1 
ATOM   719  C  C   . ASP A 1 95  ? -12.302 -2.792  1.035   1.00 9.04  ? 95  ASP A C   1 
ATOM   720  O  O   . ASP A 1 95  ? -11.714 -2.156  1.924   1.00 9.96  ? 95  ASP A O   1 
ATOM   721  C  CB  . ASP A 1 95  ? -14.716 -3.414  1.233   1.00 16.27 ? 95  ASP A CB  1 
ATOM   722  C  CG  . ASP A 1 95  ? -16.122 -2.881  1.176   1.00 19.52 ? 95  ASP A CG  1 
ATOM   723  O  OD1 . ASP A 1 95  ? -17.109 -3.557  0.970   0.00 0.00  ? 95  ASP A OD1 1 
ATOM   724  O  OD2 . ASP A 1 95  ? -16.260 -1.527  1.449   1.00 26.09 ? 95  ASP A OD2 1 
ATOM   725  N  N   . GLN A 1 96  ? -11.794 -3.813  0.401   1.00 10.53 ? 96  GLN A N   1 
ATOM   726  C  CA  . GLN A 1 96  ? -10.444 -4.267  0.709   1.00 10.63 ? 96  GLN A CA  1 
ATOM   727  C  C   . GLN A 1 96  ? -9.379  -3.244  0.328   1.00 10.96 ? 96  GLN A C   1 
ATOM   728  O  O   . GLN A 1 96  ? -8.406  -3.034  1.066   1.00 9.26  ? 96  GLN A O   1 
ATOM   729  C  CB  . GLN A 1 96  ? -10.207 -5.559  -0.016  1.00 9.58  ? 96  GLN A CB  1 
ATOM   730  C  CG  . GLN A 1 96  ? -10.790 -6.716  0.664   1.00 12.15 ? 96  GLN A CG  1 
ATOM   731  C  CD  . GLN A 1 96  ? -10.745 -8.023  -0.132  1.00 11.64 ? 96  GLN A CD  1 
ATOM   732  O  OE1 . GLN A 1 96  ? -10.790 -9.113  0.507   1.00 14.44 ? 96  GLN A OE1 1 
ATOM   733  N  NE2 . GLN A 1 96  ? -10.598 -7.948  -1.396  1.00 11.81 ? 96  GLN A NE2 1 
ATOM   734  N  N   . LEU A 1 97  ? -9.577  -2.623  -0.822  1.00 10.81 ? 97  LEU A N   1 
ATOM   735  C  CA  . LEU A 1 97  ? -8.694  -1.534  -1.250  1.00 9.84  ? 97  LEU A CA  1 
ATOM   736  C  C   . LEU A 1 97  ? -8.678  -0.351  -0.287  1.00 10.16 ? 97  LEU A C   1 
ATOM   737  O  O   . LEU A 1 97  ? -7.617  0.226   -0.005  1.00 9.86  ? 97  LEU A O   1 
ATOM   738  C  CB  . LEU A 1 97  ? -9.117  -1.012  -2.635  1.00 12.02 ? 97  LEU A CB  1 
ATOM   739  C  CG  . LEU A 1 97  ? -8.213  -1.319  -3.809  1.00 32.25 ? 97  LEU A CG  1 
ATOM   740  C  CD1 . LEU A 1 97  ? -7.252  -2.421  -3.430  1.00 23.77 ? 97  LEU A CD1 1 
ATOM   741  C  CD2 . LEU A 1 97  ? -9.026  -1.730  -5.005  1.00 12.49 ? 97  LEU A CD2 1 
ATOM   742  N  N   . ASN A 1 98  ? -9.855  -0.007  0.204   1.00 11.36 ? 98  ASN A N   1 
ATOM   743  C  CA  . ASN A 1 98  ? -9.949  1.043   1.205   1.00 11.72 ? 98  ASN A CA  1 
ATOM   744  C  C   . ASN A 1 98  ? -9.370  0.707   2.573   1.00 15.51 ? 98  ASN A C   1 
ATOM   745  O  O   . ASN A 1 98  ? -8.913  1.598   3.305   1.00 9.45  ? 98  ASN A O   1 
ATOM   746  C  CB  . ASN A 1 98  ? -11.423 1.415   1.405   1.00 12.06 ? 98  ASN A CB  1 
ATOM   747  C  CG  . ASN A 1 98  ? -11.880 2.402   0.368   1.00 14.34 ? 98  ASN A CG  1 
ATOM   748  O  OD1 . ASN A 1 98  ? -13.032 2.561   0.026   1.00 24.20 ? 98  ASN A OD1 1 
ATOM   749  N  ND2 . ASN A 1 98  ? -10.885 3.216   -0.172  1.00 16.10 ? 98  ASN A ND2 1 
ATOM   750  N  N   . ASN A 1 99  ? -9.398  -0.572  2.899   1.00 13.46 ? 99  ASN A N   1 
ATOM   751  C  CA  . ASN A 1 99  ? -8.733  -1.057  4.112   1.00 10.24 ? 99  ASN A CA  1 
ATOM   752  C  C   . ASN A 1 99  ? -7.213  -1.116  3.984   1.00 10.78 ? 99  ASN A C   1 
ATOM   753  O  O   . ASN A 1 99  ? -6.487  -0.927  4.967   1.00 9.77  ? 99  ASN A O   1 
ATOM   754  C  CB  . ASN A 1 99  ? -9.253  -2.456  4.481   1.00 8.78  ? 99  ASN A CB  1 
ATOM   755  C  CG  . ASN A 1 99  ? -10.649 -2.411  4.942   1.00 17.02 ? 99  ASN A CG  1 
ATOM   756  O  OD1 . ASN A 1 99  ? -11.423 -3.342  4.905   1.00 12.90 ? 99  ASN A OD1 1 
ATOM   757  N  ND2 . ASN A 1 99  ? -11.042 -1.205  5.508   1.00 18.02 ? 99  ASN A ND2 1 
ATOM   758  N  N   . PHE A 1 100 ? -6.758  -1.377  2.771   1.00 12.57 ? 100 PHE A N   1 
ATOM   759  C  CA  . PHE A 1 100 ? -5.323  -1.239  2.461   1.00 10.07 ? 100 PHE A CA  1 
ATOM   760  C  C   . PHE A 1 100 ? -4.884  0.197   2.732   1.00 9.52  ? 100 PHE A C   1 
ATOM   761  O  O   . PHE A 1 100 ? -3.869  0.436   3.397   1.00 8.85  ? 100 PHE A O   1 
ATOM   762  C  CB  . PHE A 1 100 ? -5.092  -1.615  1.008   1.00 8.39  ? 100 PHE A CB  1 
ATOM   763  C  CG  . PHE A 1 100 ? -3.641  -1.700  0.629   1.00 12.78 ? 100 PHE A CG  1 
ATOM   764  C  CD1 . PHE A 1 100 ? -2.932  -0.555  0.458   1.00 13.82 ? 100 PHE A CD1 1 
ATOM   765  C  CD2 . PHE A 1 100 ? -2.986  -2.898  0.533   1.00 15.83 ? 100 PHE A CD2 1 
ATOM   766  C  CE1 . PHE A 1 100 ? -1.550  -0.571  0.111   1.00 16.29 ? 100 PHE A CE1 1 
ATOM   767  C  CE2 . PHE A 1 100 ? -1.583  -2.903  0.227   1.00 16.16 ? 100 PHE A CE2 1 
ATOM   768  C  CZ  . PHE A 1 100 ? -0.912  -1.761  -0.007  1.00 16.95 ? 100 PHE A CZ  1 
ATOM   769  N  N   . ARG A 1 101 ? -5.657  1.130   2.209   1.00 9.49  ? 101 ARG A N   1 
ATOM   770  C  CA  . ARG A 1 101 ? -5.370  2.551   2.428   1.00 9.10  ? 101 ARG A CA  1 
ATOM   771  C  C   . ARG A 1 101 ? -5.369  2.912   3.907   1.00 10.39 ? 101 ARG A C   1 
ATOM   772  O  O   . ARG A 1 101 ? -4.445  3.581   4.396   1.00 8.46  ? 101 ARG A O   1 
ATOM   773  C  CB  . ARG A 1 101 ? -6.401  3.453   1.724   1.00 8.83  ? 101 ARG A CB  1 
ATOM   774  C  CG  . ARG A 1 101 ? -6.373  4.928   2.177   1.00 10.86 ? 101 ARG A CG  1 
ATOM   775  C  CD  . ARG A 1 101 ? -7.162  5.788   1.211   1.00 10.79 ? 101 ARG A CD  1 
ATOM   776  N  NE  . ARG A 1 101 ? -6.834  7.213   1.377   1.00 11.01 ? 101 ARG A NE  1 
ATOM   777  C  CZ  . ARG A 1 101 ? -7.332  8.184   0.589   1.00 8.73  ? 101 ARG A CZ  1 
ATOM   778  N  NH1 . ARG A 1 101 ? -7.939  7.885   -0.567  1.00 10.41 ? 101 ARG A NH1 1 
ATOM   779  N  NH2 . ARG A 1 101 ? -7.213  9.434   0.972   1.00 11.47 ? 101 ARG A NH2 1 
ATOM   780  N  N   . ALA A 1 102 ? -6.402  2.464   4.601   1.00 10.63 ? 102 ALA A N   1 
ATOM   781  C  CA  . ALA A 1 102 ? -6.523  2.723   6.013   1.00 9.54  ? 102 ALA A CA  1 
ATOM   782  C  C   . ALA A 1 102 ? -5.348  2.153   6.808   1.00 10.44 ? 102 ALA A C   1 
ATOM   783  O  O   . ALA A 1 102 ? -4.830  2.802   7.729   1.00 10.66 ? 102 ALA A O   1 
ATOM   784  C  CB  . ALA A 1 102 ? -7.757  2.001   6.531   1.00 11.83 ? 102 ALA A CB  1 
ATOM   785  N  N   . GLY A 1 103 ? -4.948  0.947   6.443   1.00 11.38 ? 103 GLY A N   1 
ATOM   786  C  CA  . GLY A 1 103 ? -3.815  0.289   7.121   1.00 10.16 ? 103 GLY A CA  1 
ATOM   787  C  C   . GLY A 1 103 ? -2.496  1.016   6.871   1.00 8.83  ? 103 GLY A C   1 
ATOM   788  O  O   . GLY A 1 103 ? -1.687  1.198   7.791   1.00 9.21  ? 103 GLY A O   1 
ATOM   789  N  N   . PHE A 1 104 ? -2.297  1.417   5.633   1.00 9.80  ? 104 PHE A N   1 
ATOM   790  C  CA  . PHE A 1 104 ? -1.092  2.176   5.272   1.00 10.67 ? 104 PHE A CA  1 
ATOM   791  C  C   . PHE A 1 104 ? -0.994  3.476   6.067   1.00 10.03 ? 104 PHE A C   1 
ATOM   792  O  O   . PHE A 1 104 ? 0.072   3.818   6.599   1.00 9.29  ? 104 PHE A O   1 
ATOM   793  C  CB  . PHE A 1 104 ? -1.110  2.470   3.790   1.00 9.27  ? 104 PHE A CB  1 
ATOM   794  C  CG  . PHE A 1 104 ? 0.078   3.282   3.348   1.00 10.51 ? 104 PHE A CG  1 
ATOM   795  C  CD1 . PHE A 1 104 ? -0.098  4.568   2.975   1.00 10.64 ? 104 PHE A CD1 1 
ATOM   796  C  CD2 . PHE A 1 104 ? 1.352   2.789   3.409   1.00 13.07 ? 104 PHE A CD2 1 
ATOM   797  C  CE1 . PHE A 1 104 ? 0.987   5.392   2.565   1.00 12.21 ? 104 PHE A CE1 1 
ATOM   798  C  CE2 . PHE A 1 104 ? 2.446   3.642   3.036   1.00 12.64 ? 104 PHE A CE2 1 
ATOM   799  C  CZ  . PHE A 1 104 ? 2.238   4.893   2.585   1.00 17.28 ? 104 PHE A CZ  1 
ATOM   800  N  N   . VAL A 1 105 ? -2.108  4.181   6.137   1.00 10.02 ? 105 VAL A N   1 
ATOM   801  C  CA  . VAL A 1 105 ? -2.119  5.508   6.764   1.00 11.35 ? 105 VAL A CA  1 
ATOM   802  C  C   . VAL A 1 105 ? -1.935  5.351   8.274   1.00 10.99 ? 105 VAL A C   1 
ATOM   803  O  O   . VAL A 1 105 ? -1.259  6.165   8.918   1.00 9.64  ? 105 VAL A O   1 
ATOM   804  C  CB  . VAL A 1 105 ? -3.426  6.219   6.440   1.00 12.33 ? 105 VAL A CB  1 
ATOM   805  C  CG1 . VAL A 1 105 ? -3.772  7.409   7.373   1.00 15.39 ? 105 VAL A CG1 1 
ATOM   806  C  CG2 . VAL A 1 105 ? -3.524  6.592   4.983   1.00 12.41 ? 105 VAL A CG2 1 
ATOM   807  N  N   . SER A 1 106 ? -2.537  4.302   8.815   1.00 11.56 ? 106 SER A N   1 
ATOM   808  C  CA  . SER A 1 106 ? -2.300  3.935   10.214  1.00 13.26 ? 106 SER A CA  1 
ATOM   809  C  C   . SER A 1 106 ? -0.822  3.673   10.501  1.00 12.15 ? 106 SER A C   1 
ATOM   810  O  O   . SER A 1 106 ? -0.280  4.130   11.518  1.00 9.97  ? 106 SER A O   1 
ATOM   811  C  CB  . SER A 1 106 ? -3.085  2.694   10.584  1.00 14.51 ? 106 SER A CB  1 
ATOM   812  O  OG  A SER A 1 106 ? -3.035  2.427   11.981  0.50 11.73 ? 106 SER A OG  1 
ATOM   813  O  OG  B SER A 1 106 ? -4.464  2.982   10.793  0.50 21.49 ? 106 SER A OG  1 
ATOM   814  N  N   . TYR A 1 107 ? -0.191  2.941   9.601   1.00 13.02 ? 107 TYR A N   1 
ATOM   815  C  CA  . TYR A 1 107 ? 1.255   2.706   9.700   1.00 9.20  ? 107 TYR A CA  1 
ATOM   816  C  C   . TYR A 1 107 ? 2.050   4.011   9.699   1.00 10.47 ? 107 TYR A C   1 
ATOM   817  O  O   . TYR A 1 107 ? 2.946   4.213   10.534  1.00 9.45  ? 107 TYR A O   1 
ATOM   818  C  CB  . TYR A 1 107 ? 1.699   1.809   8.530   1.00 10.42 ? 107 TYR A CB  1 
ATOM   819  C  CG  . TYR A 1 107 ? 3.223   1.664   8.656   1.00 10.74 ? 107 TYR A CG  1 
ATOM   820  C  CD1 . TYR A 1 107 ? 4.034   2.631   8.030   1.00 10.73 ? 107 TYR A CD1 1 
ATOM   821  C  CD2 . TYR A 1 107 ? 3.790   0.592   9.286   1.00 9.27  ? 107 TYR A CD2 1 
ATOM   822  C  CE1 . TYR A 1 107 ? 5.481   2.494   8.135   1.00 11.59 ? 107 TYR A CE1 1 
ATOM   823  C  CE2 . TYR A 1 107 ? 5.207   0.447   9.392   1.00 9.43  ? 107 TYR A CE2 1 
ATOM   824  C  CZ  . TYR A 1 107 ? 5.997   1.416   8.761   1.00 11.13 ? 107 TYR A CZ  1 
ATOM   825  O  OH  . TYR A 1 107 ? 7.367   1.273   8.838   1.00 11.75 ? 107 TYR A OH  1 
ATOM   826  N  N   . MET A 1 108 ? 1.713   4.876   8.765   1.00 9.27  ? 108 MET A N   1 
ATOM   827  C  CA  . MET A 1 108 ? 2.420   6.158   8.636   1.00 11.48 ? 108 MET A CA  1 
ATOM   828  C  C   . MET A 1 108 ? 2.264   7.078   9.846   1.00 10.43 ? 108 MET A C   1 
ATOM   829  O  O   . MET A 1 108 ? 3.224   7.742   10.268  1.00 11.46 ? 108 MET A O   1 
ATOM   830  C  CB  . MET A 1 108 ? 1.915   6.922   7.385   1.00 11.15 ? 108 MET A CB  1 
ATOM   831  C  CG  . MET A 1 108 ? 2.294   6.196   6.114   1.00 15.07 ? 108 MET A CG  1 
ATOM   832  S  SD  . MET A 1 108 ? 4.068   6.094   5.915   1.00 8.92  ? 108 MET A SD  1 
ATOM   833  C  CE  . MET A 1 108 ? 4.440   7.822   5.791   1.00 14.33 ? 108 MET A CE  1 
ATOM   834  N  N   . LYS A 1 109 ? 1.061   7.106   10.386  1.00 10.39 ? 109 LYS A N   1 
ATOM   835  C  CA  . LYS A 1 109 ? 0.800   7.879   11.609  1.00 13.79 ? 109 LYS A CA  1 
ATOM   836  C  C   . LYS A 1 109 ? 1.495   7.369   12.872  1.00 20.39 ? 109 LYS A C   1 
ATOM   837  O  O   . LYS A 1 109 ? 1.898   8.159   13.738  1.00 15.42 ? 109 LYS A O   1 
ATOM   838  C  CB  . LYS A 1 109 ? -0.690  7.925   11.930  1.00 11.71 ? 109 LYS A CB  1 
ATOM   839  C  CG  . LYS A 1 109 ? -1.466  8.997   11.185  1.00 15.23 ? 109 LYS A CG  1 
ATOM   840  C  CD  . LYS A 1 109 ? -2.963  8.874   11.452  1.00 30.87 ? 109 LYS A CD  1 
ATOM   841  C  CE  . LYS A 1 109 ? -3.682  10.192  11.214  0.00 0.00  ? 109 LYS A CE  1 
ATOM   842  N  NZ  . LYS A 1 109 ? -5.078  9.964   10.836  0.00 0.00  ? 109 LYS A NZ  1 
ATOM   843  N  N   . ALA A 1 110 ? 1.623   6.055   12.958  1.00 14.17 ? 110 ALA A N   1 
ATOM   844  C  CA  . ALA A 1 110 ? 2.289   5.435   14.112  1.00 12.90 ? 110 ALA A CA  1 
ATOM   845  C  C   . ALA A 1 110 ? 3.817   5.385   14.057  1.00 16.43 ? 110 ALA A C   1 
ATOM   846  O  O   . ALA A 1 110 ? 4.485   5.131   15.071  1.00 12.13 ? 110 ALA A O   1 
ATOM   847  C  CB  . ALA A 1 110 ? 1.816   3.973   14.165  1.00 15.17 ? 110 ALA A CB  1 
ATOM   848  N  N   . HIS A 1 111 ? 4.346   5.629   12.877  1.00 11.28 ? 111 HIS A N   1 
ATOM   849  C  CA  . HIS A 1 111 ? 5.800   5.637   12.689  1.00 15.00 ? 111 HIS A CA  1 
ATOM   850  C  C   . HIS A 1 111 ? 6.544   6.898   12.255  1.00 16.18 ? 111 HIS A C   1 
ATOM   851  O  O   . HIS A 1 111 ? 7.780   6.976   12.354  1.00 15.94 ? 111 HIS A O   1 
ATOM   852  C  CB  . HIS A 1 111 ? 6.174   4.581   11.653  1.00 11.99 ? 111 HIS A CB  1 
ATOM   853  C  CG  . HIS A 1 111 ? 5.767   3.192   12.068  1.00 17.04 ? 111 HIS A CG  1 
ATOM   854  N  ND1 . HIS A 1 111 ? 6.685   2.262   12.526  1.00 14.96 ? 111 HIS A ND1 1 
ATOM   855  C  CD2 . HIS A 1 111 ? 4.561   2.569   12.068  1.00 11.44 ? 111 HIS A CD2 1 
ATOM   856  C  CE1 . HIS A 1 111 ? 6.047   1.135   12.783  1.00 12.11 ? 111 HIS A CE1 1 
ATOM   857  N  NE2 . HIS A 1 111 ? 4.768   1.311   12.538  1.00 17.23 ? 111 HIS A NE2 1 
ATOM   858  N  N   . THR A 1 112 ? 5.786   7.867   11.781  1.00 15.01 ? 112 THR A N   1 
ATOM   859  C  CA  . THR A 1 112 ? 6.342   9.201   11.522  1.00 13.05 ? 112 THR A CA  1 
ATOM   860  C  C   . THR A 1 112 ? 5.499   10.329  12.117  1.00 14.79 ? 112 THR A C   1 
ATOM   861  O  O   . THR A 1 112 ? 4.381   10.102  12.602  1.00 16.01 ? 112 THR A O   1 
ATOM   862  C  CB  . THR A 1 112 ? 6.471   9.354   9.992   1.00 15.77 ? 112 THR A CB  1 
ATOM   863  O  OG1 . THR A 1 112 ? 5.131   9.535   9.548   1.00 12.18 ? 112 THR A OG1 1 
ATOM   864  C  CG2 . THR A 1 112 ? 7.084   8.144   9.341   1.00 15.47 ? 112 THR A CG2 1 
ATOM   865  N  N   . ASP A 1 113 ? 6.046   11.524  12.073  1.00 18.81 ? 113 ASP A N   1 
ATOM   866  C  CA  . ASP A 1 113 ? 5.264   12.716  12.411  1.00 22.32 ? 113 ASP A CA  1 
ATOM   867  C  C   . ASP A 1 113 ? 4.476   13.108  11.159  1.00 15.24 ? 113 ASP A C   1 
ATOM   868  O  O   . ASP A 1 113 ? 4.966   13.852  10.306  1.00 17.81 ? 113 ASP A O   1 
ATOM   869  C  CB  . ASP A 1 113 ? 6.211   13.834  12.881  1.00 30.37 ? 113 ASP A CB  1 
ATOM   870  C  CG  . ASP A 1 113 ? 5.442   15.042  13.349  1.00 32.42 ? 113 ASP A CG  1 
ATOM   871  O  OD1 . ASP A 1 113 ? 4.280   15.279  13.070  1.00 44.39 ? 113 ASP A OD1 1 
ATOM   872  O  OD2 . ASP A 1 113 ? 6.033   15.773  14.097  1.00 44.39 ? 113 ASP A OD2 1 
ATOM   873  N  N   . PHE A 1 114 ? 3.264   12.592  11.070  1.00 20.81 ? 114 PHE A N   1 
ATOM   874  C  CA  . PHE A 1 114 ? 2.549   12.566  9.787   1.00 12.87 ? 114 PHE A CA  1 
ATOM   875  C  C   . PHE A 1 114 ? 1.834   13.869  9.430   1.00 12.63 ? 114 PHE A C   1 
ATOM   876  O  O   . PHE A 1 114 ? 1.325   14.026  8.314   1.00 11.40 ? 114 PHE A O   1 
ATOM   877  C  CB  . PHE A 1 114 ? 1.531   11.452  9.804   1.00 12.56 ? 114 PHE A CB  1 
ATOM   878  C  CG  . PHE A 1 114 ? 0.773   11.086  8.562   1.00 12.97 ? 114 PHE A CG  1 
ATOM   879  C  CD1 . PHE A 1 114 ? 1.443   10.587  7.498   1.00 13.32 ? 114 PHE A CD1 1 
ATOM   880  C  CD2 . PHE A 1 114 ? -0.593  11.165  8.499   1.00 11.46 ? 114 PHE A CD2 1 
ATOM   881  C  CE1 . PHE A 1 114 ? 0.777   10.202  6.298   1.00 13.58 ? 114 PHE A CE1 1 
ATOM   882  C  CE2 . PHE A 1 114 ? -1.260  10.732  7.302   1.00 19.29 ? 114 PHE A CE2 1 
ATOM   883  C  CZ  . PHE A 1 114 ? -0.569  10.298  6.231   1.00 12.69 ? 114 PHE A CZ  1 
ATOM   884  N  N   . ALA A 1 115 ? 1.805   14.774  10.389  1.00 19.91 ? 115 ALA A N   1 
ATOM   885  C  CA  . ALA A 1 115 ? 0.794   15.841  10.383  1.00 19.94 ? 115 ALA A CA  1 
ATOM   886  C  C   . ALA A 1 115 ? 1.242   16.702  9.202   1.00 17.93 ? 115 ALA A C   1 
ATOM   887  O  O   . ALA A 1 115 ? 0.414   17.175  8.410   1.00 14.64 ? 115 ALA A O   1 
ATOM   888  N  N   . GLY A 1 116 ? 2.543   16.893  9.102   1.00 15.39 ? 116 GLY A N   1 
ATOM   889  C  CA  . GLY A 1 116 ? 3.110   17.665  7.987   1.00 11.18 ? 116 GLY A CA  1 
ATOM   890  C  C   . GLY A 1 116 ? 3.023   17.199  6.531   1.00 13.48 ? 116 GLY A C   1 
ATOM   891  O  O   . GLY A 1 116 ? 3.173   18.000  5.597   1.00 13.29 ? 116 GLY A O   1 
ATOM   892  N  N   . ALA A 1 117 ? 2.784   15.913  6.363   1.00 10.98 ? 117 ALA A N   1 
ATOM   893  C  CA  . ALA A 1 117 ? 2.634   15.343  5.018   1.00 11.03 ? 117 ALA A CA  1 
ATOM   894  C  C   . ALA A 1 117 ? 1.217   14.861  4.703   1.00 9.84  ? 117 ALA A C   1 
ATOM   895  O  O   . ALA A 1 117 ? 0.964   14.284  3.635   1.00 8.97  ? 117 ALA A O   1 
ATOM   896  C  CB  . ALA A 1 117 ? 3.539   14.103  4.930   1.00 9.54  ? 117 ALA A CB  1 
ATOM   897  N  N   . GLU A 1 118 ? 0.317   15.103  5.636   1.00 9.05  ? 118 GLU A N   1 
ATOM   898  C  CA  . GLU A 1 118 ? -1.024  14.505  5.565   1.00 11.54 ? 118 GLU A CA  1 
ATOM   899  C  C   . GLU A 1 118 ? -1.900  14.904  4.378   1.00 11.54 ? 118 GLU A C   1 
ATOM   900  O  O   . GLU A 1 118 ? -2.540  14.053  3.745   1.00 8.50  ? 118 GLU A O   1 
ATOM   901  C  CB  . GLU A 1 118 ? -1.876  14.850  6.818   1.00 11.78 ? 118 GLU A CB  1 
ATOM   902  C  CG  . GLU A 1 118 ? -3.233  14.141  6.944   1.00 20.95 ? 118 GLU A CG  1 
ATOM   903  C  CD  . GLU A 1 118 ? -3.814  14.085  8.394   1.00 43.18 ? 118 GLU A CD  1 
ATOM   904  O  OE1 . GLU A 1 118 ? -3.606  14.952  9.188   1.00 44.39 ? 118 GLU A OE1 1 
ATOM   905  O  OE2 . GLU A 1 118 ? -4.463  13.060  8.502   1.00 44.39 ? 118 GLU A OE2 1 
ATOM   906  N  N   . ALA A 1 119 ? -1.918  16.193  4.096   1.00 9.53  ? 119 ALA A N   1 
ATOM   907  C  CA  . ALA A 1 119 ? -2.616  16.695  2.902   1.00 7.27  ? 119 ALA A CA  1 
ATOM   908  C  C   . ALA A 1 119 ? -2.047  16.250  1.571   1.00 8.83  ? 119 ALA A C   1 
ATOM   909  O  O   . ALA A 1 119 ? -2.800  15.920  0.645   1.00 9.07  ? 119 ALA A O   1 
ATOM   910  C  CB  . ALA A 1 119 ? -2.493  18.227  2.934   1.00 12.25 ? 119 ALA A CB  1 
ATOM   911  N  N   . ALA A 1 120 ? -0.731  16.246  1.478   1.00 7.89  ? 120 ALA A N   1 
ATOM   912  C  CA  . ALA A 1 120 ? -0.059  15.706  0.286   1.00 7.58  ? 120 ALA A CA  1 
ATOM   913  C  C   . ALA A 1 120 ? -0.317  14.219  0.031   1.00 6.66  ? 120 ALA A C   1 
ATOM   914  O  O   . ALA A 1 120 ? -0.571  13.803  -1.105  1.00 7.16  ? 120 ALA A O   1 
ATOM   915  C  CB  . ALA A 1 120 ? 1.455   15.845  0.513   1.00 8.16  ? 120 ALA A CB  1 
ATOM   916  N  N   . TRP A 1 121 ? -0.245  13.442  1.094   1.00 8.41  ? 121 TRP A N   1 
ATOM   917  C  CA  . TRP A 1 121 ? -0.667  12.040  1.030   1.00 8.97  ? 121 TRP A CA  1 
ATOM   918  C  C   . TRP A 1 121 ? -2.136  11.843  0.653   1.00 7.03  ? 121 TRP A C   1 
ATOM   919  O  O   . TRP A 1 121 ? -2.474  10.953  -0.125  1.00 7.50  ? 121 TRP A O   1 
ATOM   920  C  CB  . TRP A 1 121 ? -0.401  11.380  2.368   1.00 7.56  ? 121 TRP A CB  1 
ATOM   921  C  CG  . TRP A 1 121 ? 1.053   10.797  2.500   1.00 8.93  ? 121 TRP A CG  1 
ATOM   922  C  CD1 . TRP A 1 121 ? 2.012   11.090  3.384   1.00 9.52  ? 121 TRP A CD1 1 
ATOM   923  C  CD2 . TRP A 1 121 ? 1.585   9.765   1.727   1.00 8.74  ? 121 TRP A CD2 1 
ATOM   924  N  NE1 . TRP A 1 121 ? 3.198   10.306  3.109   1.00 9.67  ? 121 TRP A NE1 1 
ATOM   925  C  CE2 . TRP A 1 121 ? 2.912   9.499   2.164   1.00 9.33  ? 121 TRP A CE2 1 
ATOM   926  C  CE3 . TRP A 1 121 ? 1.069   9.035   0.700   1.00 10.68 ? 121 TRP A CE3 1 
ATOM   927  C  CZ2 . TRP A 1 121 ? 3.761   8.527   1.628   1.00 9.32  ? 121 TRP A CZ2 1 
ATOM   928  C  CZ3 . TRP A 1 121 ? 1.939   8.065   0.156   1.00 12.36 ? 121 TRP A CZ3 1 
ATOM   929  C  CH2 . TRP A 1 121 ? 3.213   7.801   0.638   1.00 8.71  ? 121 TRP A CH2 1 
ATOM   930  N  N   . GLY A 1 122 ? -2.984  12.688  1.205   1.00 8.71  ? 122 GLY A N   1 
ATOM   931  C  CA  . GLY A 1 122 ? -4.402  12.700  0.824   1.00 9.50  ? 122 GLY A CA  1 
ATOM   932  C  C   . GLY A 1 122 ? -4.580  12.881  -0.686  1.00 7.62  ? 122 GLY A C   1 
ATOM   933  O  O   . GLY A 1 122 ? -5.285  12.103  -1.342  1.00 7.26  ? 122 GLY A O   1 
ATOM   934  N  N   . ALA A 1 123 ? -3.942  13.884  -1.213  1.00 10.16 ? 123 ALA A N   1 
ATOM   935  C  CA  . ALA A 1 123 ? -4.004  14.152  -2.657  1.00 10.44 ? 123 ALA A CA  1 
ATOM   936  C  C   . ALA A 1 123 ? -3.498  12.969  -3.484  1.00 7.67  ? 123 ALA A C   1 
ATOM   937  O  O   . ALA A 1 123 ? -4.121  12.572  -4.477  1.00 8.54  ? 123 ALA A O   1 
ATOM   938  C  CB  . ALA A 1 123 ? -3.068  15.329  -2.974  1.00 8.65  ? 123 ALA A CB  1 
ATOM   939  N  N   . THR A 1 124 ? -2.375  12.424  -3.066  1.00 10.47 ? 124 THR A N   1 
ATOM   940  C  CA  . THR A 1 124 ? -1.785  11.281  -3.762  1.00 8.65  ? 124 THR A CA  1 
ATOM   941  C  C   . THR A 1 124 ? -2.684  10.058  -3.783  1.00 8.06  ? 124 THR A C   1 
ATOM   942  O  O   . THR A 1 124 ? -2.878  9.425   -4.829  1.00 8.32  ? 124 THR A O   1 
ATOM   943  C  CB  . THR A 1 124 ? -0.444  10.966  -3.069  1.00 9.86  ? 124 THR A CB  1 
ATOM   944  O  OG1 . THR A 1 124 ? 0.341   12.124  -3.284  1.00 9.02  ? 124 THR A OG1 1 
ATOM   945  C  CG2 . THR A 1 124 ? 0.241   9.771   -3.652  1.00 9.21  ? 124 THR A CG2 1 
ATOM   946  N  N   . LEU A 1 125 ? -3.224  9.732   -2.625  1.00 10.36 ? 125 LEU A N   1 
ATOM   947  C  CA  . LEU A 1 125 ? -3.976  8.481   -2.464  1.00 8.36  ? 125 LEU A CA  1 
ATOM   948  C  C   . LEU A 1 125 ? -5.373  8.606   -3.077  1.00 10.29 ? 125 LEU A C   1 
ATOM   949  O  O   . LEU A 1 125 ? -5.921  7.635   -3.615  1.00 8.99  ? 125 LEU A O   1 
ATOM   950  C  CB  . LEU A 1 125 ? -4.091  8.123   -0.969  1.00 9.03  ? 125 LEU A CB  1 
ATOM   951  C  CG  . LEU A 1 125 ? -2.828  7.719   -0.235  1.00 10.13 ? 125 LEU A CG  1 
ATOM   952  C  CD1 . LEU A 1 125 ? -3.113  7.614   1.245   1.00 11.26 ? 125 LEU A CD1 1 
ATOM   953  C  CD2 . LEU A 1 125 ? -2.313  6.401   -0.755  1.00 11.96 ? 125 LEU A CD2 1 
ATOM   954  N  N   . ASP A 1 126 ? -5.929  9.795   -2.987  1.00 9.76  ? 126 ASP A N   1 
ATOM   955  C  CA  . ASP A 1 126 ? -7.184  10.110  -3.697  1.00 9.66  ? 126 ASP A CA  1 
ATOM   956  C  C   . ASP A 1 126 ? -7.041  9.988   -5.217  1.00 9.75  ? 126 ASP A C   1 
ATOM   957  O  O   . ASP A 1 126 ? -7.930  9.464   -5.902  1.00 8.97  ? 126 ASP A O   1 
ATOM   958  C  CB  . ASP A 1 126 ? -7.631  11.525  -3.332  1.00 9.77  ? 126 ASP A CB  1 
ATOM   959  C  CG  . ASP A 1 126 ? -8.346  11.541  -2.025  1.00 10.11 ? 126 ASP A CG  1 
ATOM   960  O  OD1 . ASP A 1 126 ? -8.640  10.554  -1.381  1.00 8.91  ? 126 ASP A OD1 1 
ATOM   961  O  OD2 . ASP A 1 126 ? -8.586  12.631  -1.582  1.00 9.00  ? 126 ASP A OD2 1 
ATOM   962  N  N   . THR A 1 127 ? -5.927  10.473  -5.723  1.00 10.11 ? 127 THR A N   1 
ATOM   963  C  CA  . THR A 1 127 ? -5.584  10.265  -7.141  1.00 13.54 ? 127 THR A CA  1 
ATOM   964  C  C   . THR A 1 127 ? -5.377  8.800   -7.539  1.00 9.74  ? 127 THR A C   1 
ATOM   965  O  O   . THR A 1 127 ? -5.949  8.322   -8.525  1.00 9.86  ? 127 THR A O   1 
ATOM   966  C  CB  . THR A 1 127 ? -4.311  11.068  -7.416  1.00 12.59 ? 127 THR A CB  1 
ATOM   967  O  OG1 . THR A 1 127 ? -4.721  12.403  -7.226  1.00 14.93 ? 127 THR A OG1 1 
ATOM   968  C  CG2 . THR A 1 127 ? -3.790  10.861  -8.808  1.00 13.71 ? 127 THR A CG2 1 
ATOM   969  N  N   . PHE A 1 128 ? -4.564  8.110   -6.767  1.00 9.46  ? 128 PHE A N   1 
ATOM   970  C  CA  . PHE A 1 128 ? -4.288  6.685   -7.024  1.00 9.85  ? 128 PHE A CA  1 
ATOM   971  C  C   . PHE A 1 128 ? -5.511  5.768   -6.952  1.00 10.41 ? 128 PHE A C   1 
ATOM   972  O  O   . PHE A 1 128 ? -5.782  4.995   -7.878  1.00 8.95  ? 128 PHE A O   1 
ATOM   973  C  CB  . PHE A 1 128 ? -3.247  6.191   -6.040  1.00 10.32 ? 128 PHE A CB  1 
ATOM   974  C  CG  . PHE A 1 128 ? -2.765  4.774   -6.004  1.00 11.69 ? 128 PHE A CG  1 
ATOM   975  C  CD1 . PHE A 1 128 ? -2.262  4.225   -7.132  1.00 12.79 ? 128 PHE A CD1 1 
ATOM   976  C  CD2 . PHE A 1 128 ? -2.741  4.046   -4.842  1.00 13.89 ? 128 PHE A CD2 1 
ATOM   977  C  CE1 . PHE A 1 128 ? -1.777  2.886   -7.163  1.00 12.27 ? 128 PHE A CE1 1 
ATOM   978  C  CE2 . PHE A 1 128 ? -2.208  2.711   -4.873  1.00 21.03 ? 128 PHE A CE2 1 
ATOM   979  C  CZ  . PHE A 1 128 ? -1.775  2.155   -6.021  1.00 12.30 ? 128 PHE A CZ  1 
ATOM   980  N  N   . PHE A 1 129 ? -6.232  5.867   -5.853  1.00 11.09 ? 129 PHE A N   1 
ATOM   981  C  CA  . PHE A 1 129 ? -7.412  5.013   -5.631  1.00 12.94 ? 129 PHE A CA  1 
ATOM   982  C  C   . PHE A 1 129 ? -8.557  5.477   -6.534  1.00 15.52 ? 129 PHE A C   1 
ATOM   983  O  O   . PHE A 1 129 ? -9.381  4.670   -6.985  1.00 13.14 ? 129 PHE A O   1 
ATOM   984  C  CB  . PHE A 1 129 ? -7.800  5.069   -4.167  1.00 10.97 ? 129 PHE A CB  1 
ATOM   985  C  CG  . PHE A 1 129 ? -6.938  4.117   -3.389  1.00 12.10 ? 129 PHE A CG  1 
ATOM   986  C  CD1 . PHE A 1 129 ? -6.015  4.611   -2.525  1.00 12.77 ? 129 PHE A CD1 1 
ATOM   987  C  CD2 . PHE A 1 129 ? -7.107  2.761   -3.467  1.00 15.29 ? 129 PHE A CD2 1 
ATOM   988  C  CE1 . PHE A 1 129 ? -5.180  3.758   -1.748  1.00 14.30 ? 129 PHE A CE1 1 
ATOM   989  C  CE2 . PHE A 1 129 ? -6.291  1.910   -2.646  1.00 14.60 ? 129 PHE A CE2 1 
ATOM   990  C  CZ  . PHE A 1 129 ? -5.338  2.414   -1.843  1.00 15.77 ? 129 PHE A CZ  1 
ATOM   991  N  N   . GLY A 1 130 ? -8.596  6.768   -6.785  1.00 12.14 ? 130 GLY A N   1 
ATOM   992  C  CA  . GLY A 1 130 ? -9.426  7.308   -7.871  1.00 13.43 ? 130 GLY A CA  1 
ATOM   993  C  C   . GLY A 1 130 ? -9.300  6.633   -9.242  1.00 16.09 ? 130 GLY A C   1 
ATOM   994  O  O   . GLY A 1 130 ? -10.303 6.364   -9.913  1.00 12.09 ? 130 GLY A O   1 
ATOM   995  N  N   . MET A 1 131 ? -8.069  6.370   -9.634  1.00 10.97 ? 131 MET A N   1 
ATOM   996  C  CA  . MET A 1 131 ? -7.807  5.689   -10.910 1.00 11.51 ? 131 MET A CA  1 
ATOM   997  C  C   . MET A 1 131 ? -8.163  4.199   -10.867 1.00 10.33 ? 131 MET A C   1 
ATOM   998  O  O   . MET A 1 131 ? -8.752  3.659   -11.813 1.00 12.80 ? 131 MET A O   1 
ATOM   999  C  CB  . MET A 1 131 ? -6.312  5.834   -11.295 1.00 11.81 ? 131 MET A CB  1 
ATOM   1000 C  CG  A MET A 1 131 ? -6.144  5.924   -12.792 0.50 15.83 ? 131 MET A CG  1 
ATOM   1001 C  CG  B MET A 1 131 ? -6.011  7.233   -11.777 0.50 12.22 ? 131 MET A CG  1 
ATOM   1002 S  SD  A MET A 1 131 ? -4.445  6.253   -13.247 0.50 15.02 ? 131 MET A SD  1 
ATOM   1003 S  SD  B MET A 1 131 ? -4.291  7.417   -12.239 0.50 21.51 ? 131 MET A SD  1 
ATOM   1004 C  CE  A MET A 1 131 ? -4.050  7.479   -12.028 0.50 43.18 ? 131 MET A CE  1 
ATOM   1005 C  CE  B MET A 1 131 ? -3.987  5.789   -12.873 0.50 16.80 ? 131 MET A CE  1 
ATOM   1006 N  N   . ILE A 1 132 ? -7.801  3.557   -9.774  1.00 10.85 ? 132 ILE A N   1 
ATOM   1007 C  CA  . ILE A 1 132 ? -8.077  2.118   -9.608  1.00 10.54 ? 132 ILE A CA  1 
ATOM   1008 C  C   . ILE A 1 132 ? -9.589  1.884   -9.642  1.00 11.26 ? 132 ILE A C   1 
ATOM   1009 O  O   . ILE A 1 132 ? -10.075 0.957   -10.303 1.00 9.32  ? 132 ILE A O   1 
ATOM   1010 C  CB  . ILE A 1 132 ? -7.520  1.588   -8.264  1.00 13.96 ? 132 ILE A CB  1 
ATOM   1011 C  CG1 . ILE A 1 132 ? -5.966  1.546   -8.221  1.00 11.41 ? 132 ILE A CG1 1 
ATOM   1012 C  CG2 . ILE A 1 132 ? -8.239  0.247   -8.143  1.00 15.51 ? 132 ILE A CG2 1 
ATOM   1013 C  CD1 . ILE A 1 132 ? -5.384  1.320   -6.806  1.00 17.98 ? 132 ILE A CD1 1 
ATOM   1014 N  N   . PHE A 1 133 ? -10.313 2.724   -8.932  1.00 11.49 ? 133 PHE A N   1 
ATOM   1015 C  CA  . PHE A 1 133 ? -11.769 2.544   -8.791  1.00 11.41 ? 133 PHE A CA  1 
ATOM   1016 C  C   . PHE A 1 133 ? -12.540 2.866   -10.074 1.00 12.33 ? 133 PHE A C   1 
ATOM   1017 O  O   . PHE A 1 133 ? -13.686 2.490   -10.232 1.00 14.78 ? 133 PHE A O   1 
ATOM   1018 C  CB  . PHE A 1 133 ? -12.242 3.420   -7.672  1.00 12.28 ? 133 PHE A CB  1 
ATOM   1019 C  CG  . PHE A 1 133 ? -12.085 2.982   -6.243  1.00 17.25 ? 133 PHE A CG  1 
ATOM   1020 C  CD1 . PHE A 1 133 ? -11.142 2.107   -5.917  1.00 20.79 ? 133 PHE A CD1 1 
ATOM   1021 C  CD2 . PHE A 1 133 ? -12.837 3.517   -5.234  1.00 28.07 ? 133 PHE A CD2 1 
ATOM   1022 C  CE1 . PHE A 1 133 ? -10.937 1.662   -4.579  1.00 15.25 ? 133 PHE A CE1 1 
ATOM   1023 C  CE2 . PHE A 1 133 ? -12.592 3.095   -3.884  1.00 24.65 ? 133 PHE A CE2 1 
ATOM   1024 C  CZ  . PHE A 1 133 ? -11.674 2.160   -3.596  1.00 14.22 ? 133 PHE A CZ  1 
ATOM   1025 N  N   . SER A 1 134 ? -11.870 3.546   -10.984 1.00 12.07 ? 134 SER A N   1 
ATOM   1026 C  CA  . SER A 1 134 ? -12.466 3.844   -12.297 1.00 14.39 ? 134 SER A CA  1 
ATOM   1027 C  C   . SER A 1 134 ? -12.281 2.651   -13.240 1.00 23.38 ? 134 SER A C   1 
ATOM   1028 O  O   . SER A 1 134 ? -12.920 2.572   -14.296 1.00 17.87 ? 134 SER A O   1 
ATOM   1029 C  CB  . SER A 1 134 ? -11.820 5.082   -12.894 1.00 14.08 ? 134 SER A CB  1 
ATOM   1030 O  OG  . SER A 1 134 ? -10.616 4.774   -13.586 1.00 10.66 ? 134 SER A OG  1 
ATOM   1031 N  N   . LYS A 1 135 ? -11.410 1.742   -12.843 1.00 14.34 ? 135 LYS A N   1 
ATOM   1032 C  CA  . LYS A 1 135 ? -11.059 0.599   -13.709 1.00 13.25 ? 135 LYS A CA  1 
ATOM   1033 C  C   . LYS A 1 135 ? -11.460 -0.785  -13.193 1.00 20.30 ? 135 LYS A C   1 
ATOM   1034 O  O   . LYS A 1 135 ? -11.558 -1.749  -13.964 1.00 19.87 ? 135 LYS A O   1 
ATOM   1035 C  CB  . LYS A 1 135 ? -9.551  0.543   -13.950 1.00 15.12 ? 135 LYS A CB  1 
ATOM   1036 C  CG  . LYS A 1 135 ? -8.969  1.761   -14.647 1.00 15.08 ? 135 LYS A CG  1 
ATOM   1037 C  CD  . LYS A 1 135 ? -7.450  1.817   -14.485 1.00 17.46 ? 135 LYS A CD  1 
ATOM   1038 C  CE  . LYS A 1 135 ? -6.896  3.186   -14.847 1.00 15.12 ? 135 LYS A CE  1 
ATOM   1039 N  NZ  . LYS A 1 135 ? -6.649  3.288   -16.301 1.00 14.89 ? 135 LYS A NZ  1 
ATOM   1040 N  N   . MET A 1 136 ? -11.687 -0.864  -11.897 1.00 15.18 ? 136 MET A N   1 
ATOM   1041 C  CA  . MET A 1 136 ? -12.191 -2.107  -11.290 1.00 18.50 ? 136 MET A CA  1 
ATOM   1042 C  C   . MET A 1 136 ? -13.018 -1.950  -10.013 1.00 20.48 ? 136 MET A C   1 
ATOM   1043 O  O   . MET A 1 136 ? -13.534 -2.935  -9.464  1.00 17.63 ? 136 MET A O   1 
ATOM   1044 C  CB  . MET A 1 136 ? -11.007 -3.043  -10.941 1.00 15.87 ? 136 MET A CB  1 
ATOM   1045 C  CG  . MET A 1 136 ? -10.208 -2.503  -9.773  1.00 19.30 ? 136 MET A CG  1 
ATOM   1046 S  SD  . MET A 1 136 ? -8.758  -3.499  -9.444  1.00 15.62 ? 136 MET A SD  1 
ATOM   1047 C  CE  . MET A 1 136 ? -9.478  -4.690  -8.353  1.00 21.30 ? 136 MET A CE  1 
ATOM   1048 O  OXT . MET A 1 136 ? -13.134 -0.717  -9.560  1.00 18.59 ? 136 MET A OXT 1 
HETATM 1049 C  CHA . HEM B 2 .   ? 0.424   -10.082 -5.039  1.00 13.97 ? 137 HEM A CHA 1 
HETATM 1050 C  CHB . HEM B 2 .   ? -3.910  -9.730  -2.905  1.00 13.74 ? 137 HEM A CHB 1 
HETATM 1051 C  CHC . HEM B 2 .   ? -3.469  -4.922  -2.840  1.00 17.71 ? 137 HEM A CHC 1 
HETATM 1052 C  CHD . HEM B 2 .   ? 0.668   -5.268  -5.321  1.00 12.45 ? 137 HEM A CHD 1 
HETATM 1053 C  C1A . HEM B 2 .   ? -0.793  -10.410 -4.458  1.00 16.74 ? 137 HEM A C1A 1 
HETATM 1054 C  C2A . HEM B 2 .   ? -1.367  -11.746 -4.400  1.00 24.10 ? 137 HEM A C2A 1 
HETATM 1055 C  C3A . HEM B 2 .   ? -2.561  -11.647 -3.807  1.00 15.82 ? 137 HEM A C3A 1 
HETATM 1056 C  C4A . HEM B 2 .   ? -2.769  -10.246 -3.480  1.00 15.69 ? 137 HEM A C4A 1 
HETATM 1057 C  CMA . HEM B 2 .   ? -3.512  -12.795 -3.537  1.00 15.75 ? 137 HEM A CMA 1 
HETATM 1058 C  CAA . HEM B 2 .   ? -0.740  -13.026 -4.910  1.00 20.11 ? 137 HEM A CAA 1 
HETATM 1059 C  CBA . HEM B 2 .   ? 0.142   -13.574 -3.833  1.00 20.18 ? 137 HEM A CBA 1 
HETATM 1060 C  CGA . HEM B 2 .   ? 0.890   -14.781 -4.399  1.00 43.18 ? 137 HEM A CGA 1 
HETATM 1061 O  O1A . HEM B 2 .   ? 2.060   -14.788 -4.460  1.00 28.84 ? 137 HEM A O1A 1 
HETATM 1062 O  O2A . HEM B 2 .   ? 0.271   -15.754 -4.793  1.00 32.34 ? 137 HEM A O2A 1 
HETATM 1063 C  C1B . HEM B 2 .   ? -4.161  -8.393  -2.689  1.00 17.07 ? 137 HEM A C1B 1 
HETATM 1064 C  C2B . HEM B 2 .   ? -5.368  -7.854  -2.080  1.00 13.96 ? 137 HEM A C2B 1 
HETATM 1065 C  C3B . HEM B 2 .   ? -5.247  -6.526  -2.061  1.00 13.55 ? 137 HEM A C3B 1 
HETATM 1066 C  C4B . HEM B 2 .   ? -3.960  -6.196  -2.659  1.00 12.57 ? 137 HEM A C4B 1 
HETATM 1067 C  CMB . HEM B 2 .   ? -6.556  -8.640  -1.555  1.00 19.62 ? 137 HEM A CMB 1 
HETATM 1068 C  CAB . HEM B 2 .   ? -6.273  -5.555  -1.513  1.00 15.51 ? 137 HEM A CAB 1 
HETATM 1069 C  CBB . HEM B 2 .   ? -5.883  -4.419  -0.939  1.00 22.65 ? 137 HEM A CBB 1 
HETATM 1070 C  C1C . HEM B 2 .   ? -2.318  -4.596  -3.525  1.00 18.06 ? 137 HEM A C1C 1 
HETATM 1071 C  C2C . HEM B 2 .   ? -1.837  -3.243  -3.767  1.00 15.11 ? 137 HEM A C2C 1 
HETATM 1072 C  C3C . HEM B 2 .   ? -0.695  -3.339  -4.453  1.00 15.64 ? 137 HEM A C3C 1 
HETATM 1073 C  C4C . HEM B 2 .   ? -0.427  -4.754  -4.659  1.00 14.21 ? 137 HEM A C4C 1 
HETATM 1074 C  CMC . HEM B 2 .   ? -2.497  -1.953  -3.329  1.00 17.16 ? 137 HEM A CMC 1 
HETATM 1075 C  CAC . HEM B 2 .   ? 0.156   -2.176  -4.921  1.00 14.66 ? 137 HEM A CAC 1 
HETATM 1076 C  CBC . HEM B 2 .   ? 1.397   -2.019  -4.464  0.00 0.00  ? 137 HEM A CBC 1 
HETATM 1077 C  C1D . HEM B 2 .   ? 0.969   -6.604  -5.447  1.00 18.09 ? 137 HEM A C1D 1 
HETATM 1078 C  C2D . HEM B 2 .   ? 2.151   -7.137  -6.107  1.00 19.68 ? 137 HEM A C2D 1 
HETATM 1079 C  C3D . HEM B 2 .   ? 2.083   -8.468  -6.029  1.00 18.94 ? 137 HEM A C3D 1 
HETATM 1080 C  C4D . HEM B 2 .   ? 0.857   -8.804  -5.320  1.00 14.45 ? 137 HEM A C4D 1 
HETATM 1081 C  CMD . HEM B 2 .   ? 3.264   -6.347  -6.766  1.00 13.66 ? 137 HEM A CMD 1 
HETATM 1082 C  CAD . HEM B 2 .   ? 3.108   -9.435  -6.586  1.00 13.47 ? 137 HEM A CAD 1 
HETATM 1083 C  CBD . HEM B 2 .   ? 2.830   -9.600  -8.040  1.00 16.24 ? 137 HEM A CBD 1 
HETATM 1084 C  CGD . HEM B 2 .   ? 1.502   -10.338 -8.186  1.00 19.92 ? 137 HEM A CGD 1 
HETATM 1085 O  O1D . HEM B 2 .   ? 1.435   -11.495 -7.996  1.00 19.40 ? 137 HEM A O1D 1 
HETATM 1086 O  O2D . HEM B 2 .   ? 0.494   -9.729  -8.503  1.00 16.10 ? 137 HEM A O2D 1 
HETATM 1087 N  NA  . HEM B 2 .   ? -1.673  -9.508  -3.888  1.00 18.35 ? 137 HEM A NA  1 
HETATM 1088 N  NB  . HEM B 2 .   ? -3.313  -7.358  -3.036  1.00 16.36 ? 137 HEM A NB  1 
HETATM 1089 N  NC  . HEM B 2 .   ? -1.436  -5.504  -4.082  1.00 15.52 ? 137 HEM A NC  1 
HETATM 1090 N  ND  . HEM B 2 .   ? 0.191   -7.644  -4.973  1.00 13.73 ? 137 HEM A ND  1 
HETATM 1091 FE FE  . HEM B 2 .   ? -1.663  -7.467  -4.196  1.00 10.69 ? 137 HEM A FE  1 
HETATM 1092 O  O   . HOH C 3 .   ? -0.764  -7.138  -0.743  0.50 13.12 ? 138 HOH A O   1 
HETATM 1093 O  O   . HOH C 3 .   ? 3.584   -11.184 -3.441  0.66 23.41 ? 139 HOH A O   1 
HETATM 1094 O  O   . HOH C 3 .   ? 3.114   -12.930 -5.518  0.65 25.63 ? 140 HOH A O   1 
HETATM 1095 O  O   . HOH C 3 .   ? 11.138  -5.104  6.345   0.71 19.09 ? 141 HOH A O   1 
HETATM 1096 O  O   . HOH C 3 .   ? -3.416  -15.462 -7.129  0.88 32.13 ? 142 HOH A O   1 
HETATM 1097 O  O   . HOH C 3 .   ? 2.921   8.239   16.284  0.66 21.58 ? 143 HOH A O   1 
HETATM 1098 O  O   . HOH C 3 .   ? 11.524  10.475  -8.210  0.58 22.79 ? 144 HOH A O   1 
HETATM 1099 O  O   . HOH C 3 .   ? -2.639  20.527  -8.441  0.90 37.08 ? 145 HOH A O   1 
HETATM 1100 O  O   . HOH C 3 .   ? 7.651   15.255  4.102   0.90 13.67 ? 146 HOH A O   1 
HETATM 1101 O  O   . HOH C 3 .   ? 3.363   19.869  0.979   0.73 24.80 ? 147 HOH A O   1 
HETATM 1102 O  O   . HOH C 3 .   ? 11.053  13.520  -7.418  0.85 12.47 ? 148 HOH A O   1 
HETATM 1103 O  O   . HOH C 3 .   ? 10.549  8.186   -1.603  0.74 13.22 ? 149 HOH A O   1 
HETATM 1104 O  O   . HOH C 3 .   ? 10.076  8.097   -4.092  0.77 16.11 ? 150 HOH A O   1 
HETATM 1105 O  O   . HOH C 3 .   ? 7.351   0.985   -16.082 0.78 25.40 ? 151 HOH A O   1 
HETATM 1106 O  O   . HOH C 3 .   ? 12.948  7.010   -1.524  0.56 22.86 ? 152 HOH A O   1 
HETATM 1107 O  O   . HOH C 3 .   ? 13.425  3.441   5.669   0.64 21.45 ? 153 HOH A O   1 
HETATM 1108 O  O   . HOH C 3 .   ? 15.535  2.502   2.857   0.60 21.45 ? 154 HOH A O   1 
HETATM 1109 O  O   . HOH C 3 .   ? 8.949   -4.647  10.686  0.74 17.28 ? 155 HOH A O   1 
HETATM 1110 O  O   . HOH C 3 .   ? 1.472   0.021   12.675  0.68 17.62 ? 156 HOH A O   1 
HETATM 1111 O  O   . HOH C 3 .   ? 3.450   -2.214  11.566  0.75 16.13 ? 157 HOH A O   1 
HETATM 1112 O  O   . HOH C 3 .   ? -3.560  -1.584  10.797  0.84 17.77 ? 158 HOH A O   1 
HETATM 1113 O  O   . HOH C 3 .   ? -7.765  -2.190  12.987  0.99 36.46 ? 159 HOH A O   1 
HETATM 1114 O  O   . HOH C 3 .   ? -4.812  -10.752 9.758   0.44 18.63 ? 160 HOH A O   1 
HETATM 1115 O  O   . HOH C 3 .   ? -13.390 -6.295  3.563   0.77 12.64 ? 161 HOH A O   1 
HETATM 1116 O  O   . HOH C 3 .   ? -10.878 -13.016 1.500   0.60 19.52 ? 162 HOH A O   1 
HETATM 1117 O  O   . HOH C 3 .   ? -6.309  -18.498 0.080   0.52 25.10 ? 163 HOH A O   1 
HETATM 1118 O  O   . HOH C 3 .   ? -6.222  -15.111 -4.409  0.63 34.98 ? 164 HOH A O   1 
HETATM 1119 O  O   . HOH C 3 .   ? -3.908  -22.397 2.367   0.61 20.97 ? 165 HOH A O   1 
HETATM 1120 O  O   . HOH C 3 .   ? -1.807  -21.175 4.639   0.55 17.54 ? 166 HOH A O   1 
HETATM 1121 O  O   . HOH C 3 .   ? 0.728   -16.809 -0.648  0.76 15.32 ? 167 HOH A O   1 
HETATM 1122 O  O   . HOH C 3 .   ? -4.575  18.601  -9.905  0.62 25.13 ? 168 HOH A O   1 
HETATM 1123 O  O   . HOH C 3 .   ? -7.071  -16.452 7.010   0.78 26.25 ? 169 HOH A O   1 
HETATM 1124 O  O   . HOH C 3 .   ? 1.587   -14.818 18.986  0.58 17.99 ? 170 HOH A O   1 
HETATM 1125 O  O   . HOH C 3 .   ? -3.024  -12.504 14.990  0.76 12.41 ? 171 HOH A O   1 
HETATM 1126 O  O   . HOH C 3 .   ? -1.442  -13.717 18.413  0.69 20.92 ? 172 HOH A O   1 
HETATM 1127 O  O   . HOH C 3 .   ? -2.910  -9.914  15.215  0.71 18.71 ? 173 HOH A O   1 
HETATM 1128 O  O   . HOH C 3 .   ? 0.238   -19.736 12.859  0.73 18.29 ? 174 HOH A O   1 
HETATM 1129 O  O   . HOH C 3 .   ? 1.959   -20.443 15.326  0.59 42.02 ? 175 HOH A O   1 
HETATM 1130 O  O   . HOH C 3 .   ? 7.468   -13.318 14.263  0.65 37.85 ? 176 HOH A O   1 
HETATM 1131 O  O   . HOH C 3 .   ? 9.462   -11.070 7.738   0.64 14.43 ? 177 HOH A O   1 
HETATM 1132 O  O   . HOH C 3 .   ? 11.590  -17.760 7.874   0.65 15.88 ? 178 HOH A O   1 
HETATM 1133 O  O   . HOH C 3 .   ? 10.611  -10.286 -3.053  0.68 12.87 ? 179 HOH A O   1 
HETATM 1134 O  O   . HOH C 3 .   ? 11.255  -9.104  -5.436  0.76 21.13 ? 180 HOH A O   1 
HETATM 1135 O  O   . HOH C 3 .   ? 10.613  -5.349  -5.196  0.96 23.35 ? 181 HOH A O   1 
HETATM 1136 O  O   . HOH C 3 .   ? 10.678  -3.108  -1.510  0.61 17.89 ? 182 HOH A O   1 
HETATM 1137 O  O   . HOH C 3 .   ? 10.871  -0.874  -6.146  0.78 13.66 ? 183 HOH A O   1 
HETATM 1138 O  O   . HOH C 3 .   ? 11.475  1.625   -6.112  0.75 25.74 ? 184 HOH A O   1 
HETATM 1139 O  O   . HOH C 3 .   ? 12.106  4.706   -3.027  0.63 20.68 ? 185 HOH A O   1 
HETATM 1140 O  O   . HOH C 3 .   ? 10.124  5.477   -4.590  0.68 21.53 ? 186 HOH A O   1 
HETATM 1141 O  O   . HOH C 3 .   ? 9.639   4.837   -10.061 0.78 14.12 ? 187 HOH A O   1 
HETATM 1142 O  O   . HOH C 3 .   ? 10.741  6.885   -11.895 0.64 34.84 ? 188 HOH A O   1 
HETATM 1143 O  O   . HOH C 3 .   ? 9.098   4.028   -12.868 0.66 17.25 ? 189 HOH A O   1 
HETATM 1144 O  O   . HOH C 3 .   ? 8.366   12.199  -9.424  0.79 18.12 ? 190 HOH A O   1 
HETATM 1145 O  O   . HOH C 3 .   ? 1.795   5.952   -17.389 0.58 13.64 ? 191 HOH A O   1 
HETATM 1146 O  O   . HOH C 3 .   ? 3.104   4.359   -14.958 0.64 16.47 ? 192 HOH A O   1 
HETATM 1147 O  O   . HOH C 3 .   ? -1.111  8.881   -15.240 0.91 25.95 ? 193 HOH A O   1 
HETATM 1148 O  O   . HOH C 3 .   ? 0.725   -1.485  -18.396 0.59 22.25 ? 194 HOH A O   1 
HETATM 1149 O  O   . HOH C 3 .   ? -5.673  -3.312  -17.057 0.77 14.50 ? 195 HOH A O   1 
HETATM 1150 O  O   . HOH C 3 .   ? -7.677  -1.442  -16.862 0.67 14.50 ? 196 HOH A O   1 
HETATM 1151 O  O   . HOH C 3 .   ? -0.866  0.418   -20.097 0.73 22.06 ? 197 HOH A O   1 
HETATM 1152 O  O   . HOH C 3 .   ? -6.345  -9.627  -16.514 0.71 16.33 ? 198 HOH A O   1 
HETATM 1153 O  O   . HOH C 3 .   ? 0.547   -7.278  -9.402  0.71 15.33 ? 199 HOH A O   1 
HETATM 1154 O  O   . HOH C 3 .   ? -3.565  -12.622 -11.214 0.66 23.49 ? 200 HOH A O   1 
HETATM 1155 O  O   . HOH C 3 .   ? -1.783  -12.173 -13.333 0.59 26.92 ? 201 HOH A O   1 
HETATM 1156 O  O   . HOH C 3 .   ? -15.099 -10.655 -4.822  0.65 28.27 ? 202 HOH A O   1 
HETATM 1157 O  O   . HOH C 3 .   ? -12.351 -7.568  -8.627  0.61 20.31 ? 203 HOH A O   1 
HETATM 1158 O  O   . HOH C 3 .   ? -14.472 -7.095  0.849   0.76 17.03 ? 204 HOH A O   1 
HETATM 1159 O  O   . HOH C 3 .   ? -16.014 -3.879  -5.189  0.75 16.36 ? 205 HOH A O   1 
HETATM 1160 O  O   . HOH C 3 .   ? -15.900 2.206   -3.592  0.61 19.21 ? 206 HOH A O   1 
HETATM 1161 O  O   . HOH C 3 .   ? -16.742 -3.498  -1.990  0.68 22.41 ? 207 HOH A O   1 
HETATM 1162 O  O   . HOH C 3 .   ? -9.912  5.735   -1.139  0.82 12.60 ? 208 HOH A O   1 
HETATM 1163 O  O   . HOH C 3 .   ? -9.795  4.256   3.765   0.66 18.23 ? 209 HOH A O   1 
HETATM 1164 O  O   . HOH C 3 .   ? -11.260 6.393   2.474   0.76 28.91 ? 210 HOH A O   1 
HETATM 1165 O  O   . HOH C 3 .   ? -5.696  10.077  3.504   0.61 24.12 ? 211 HOH A O   1 
HETATM 1166 O  O   . HOH C 3 .   ? -7.105  7.992   4.324   0.68 20.74 ? 212 HOH A O   1 
HETATM 1167 O  O   . HOH C 3 .   ? -9.582  9.098   3.932   0.66 22.28 ? 213 HOH A O   1 
HETATM 1168 O  O   . HOH C 3 .   ? -6.150  4.783   9.125   0.61 18.67 ? 214 HOH A O   1 
HETATM 1169 O  O   . HOH C 3 .   ? -1.893  5.023   13.878  0.67 16.80 ? 215 HOH A O   1 
HETATM 1170 O  O   . HOH C 3 .   ? 9.569   2.885   9.556   0.63 18.90 ? 216 HOH A O   1 
HETATM 1171 O  O   . HOH C 3 .   ? 5.570   11.211  7.346   0.86 15.48 ? 217 HOH A O   1 
HETATM 1172 O  O   . HOH C 3 .   ? 1.165   10.921  13.707  0.67 25.10 ? 218 HOH A O   1 
HETATM 1173 O  O   . HOH C 3 .   ? 5.520   16.874  10.601  0.67 24.68 ? 219 HOH A O   1 
HETATM 1174 O  O   . HOH C 3 .   ? 9.000   15.796  14.313  0.61 22.86 ? 220 HOH A O   1 
HETATM 1175 O  O   . HOH C 3 .   ? 8.951   11.611  11.474  0.56 17.21 ? 221 HOH A O   1 
HETATM 1176 O  O   . HOH C 3 .   ? -0.540  18.377  5.799   0.64 15.83 ? 222 HOH A O   1 
HETATM 1177 O  O   . HOH C 3 .   ? -4.096  11.625  4.518   0.85 28.02 ? 223 HOH A O   1 
HETATM 1178 O  O   . HOH C 3 .   ? 0.657   20.007  1.825   0.74 32.08 ? 224 HOH A O   1 
HETATM 1179 O  O   . HOH C 3 .   ? 0.946   18.068  3.255   0.73 14.09 ? 225 HOH A O   1 
HETATM 1180 O  O   . HOH C 3 .   ? -10.973 10.250  -0.098  0.88 15.60 ? 226 HOH A O   1 
HETATM 1181 O  O   . HOH C 3 .   ? -6.952  -7.948  12.688  0.87 13.61 ? 227 HOH A O   1 
HETATM 1182 O  O   . HOH C 3 .   ? -9.859  11.270  -7.144  0.87 17.28 ? 228 HOH A O   1 
HETATM 1183 O  O   . HOH C 3 .   ? -7.761  13.124  -6.372  0.49 24.27 ? 229 HOH A O   1 
HETATM 1184 O  O   . HOH C 3 .   ? -7.579  9.989   -10.282 0.77 19.36 ? 230 HOH A O   1 
HETATM 1185 O  O   . HOH C 3 .   ? -15.772 0.211   -11.526 0.74 31.41 ? 231 HOH A O   1 
HETATM 1186 O  O   . HOH C 3 .   ? -10.305 -2.568  -16.417 0.78 21.12 ? 232 HOH A O   1 
# 
